data_2FE4
# 
_entry.id   2FE4 
# 
_audit_conform.dict_name       mmcif_pdbx.dic 
_audit_conform.dict_version    5.387 
_audit_conform.dict_location   http://mmcif.pdb.org/dictionaries/ascii/mmcif_pdbx.dic 
# 
loop_
_database_2.database_id 
_database_2.database_code 
_database_2.pdbx_database_accession 
_database_2.pdbx_DOI 
PDB   2FE4         pdb_00002fe4 10.2210/pdb2fe4/pdb 
RCSB  RCSB035767   ?            ?                   
WWPDB D_1000035767 ?            ?                   
# 
loop_
_pdbx_audit_revision_history.ordinal 
_pdbx_audit_revision_history.data_content_type 
_pdbx_audit_revision_history.major_revision 
_pdbx_audit_revision_history.minor_revision 
_pdbx_audit_revision_history.revision_date 
1 'Structure model' 1 0 2006-07-04 
2 'Structure model' 1 1 2008-05-01 
3 'Structure model' 1 2 2011-07-13 
4 'Structure model' 1 3 2024-02-14 
# 
_pdbx_audit_revision_details.ordinal             1 
_pdbx_audit_revision_details.revision_ordinal    1 
_pdbx_audit_revision_details.data_content_type   'Structure model' 
_pdbx_audit_revision_details.provider            repository 
_pdbx_audit_revision_details.type                'Initial release' 
_pdbx_audit_revision_details.description         ? 
_pdbx_audit_revision_details.details             ? 
# 
loop_
_pdbx_audit_revision_group.ordinal 
_pdbx_audit_revision_group.revision_ordinal 
_pdbx_audit_revision_group.data_content_type 
_pdbx_audit_revision_group.group 
1 2 'Structure model' 'Version format compliance' 
2 3 'Structure model' 'Version format compliance' 
3 4 'Structure model' 'Data collection'           
4 4 'Structure model' 'Database references'       
5 4 'Structure model' 'Derived calculations'      
# 
loop_
_pdbx_audit_revision_category.ordinal 
_pdbx_audit_revision_category.revision_ordinal 
_pdbx_audit_revision_category.data_content_type 
_pdbx_audit_revision_category.category 
1 4 'Structure model' chem_comp_atom         
2 4 'Structure model' chem_comp_bond         
3 4 'Structure model' database_2             
4 4 'Structure model' pdbx_struct_conn_angle 
5 4 'Structure model' struct_conn            
6 4 'Structure model' struct_ref_seq_dif     
7 4 'Structure model' struct_site            
# 
loop_
_pdbx_audit_revision_item.ordinal 
_pdbx_audit_revision_item.revision_ordinal 
_pdbx_audit_revision_item.data_content_type 
_pdbx_audit_revision_item.item 
1  4 'Structure model' '_database_2.pdbx_DOI'                        
2  4 'Structure model' '_database_2.pdbx_database_accession'         
3  4 'Structure model' '_pdbx_struct_conn_angle.ptnr1_auth_comp_id'  
4  4 'Structure model' '_pdbx_struct_conn_angle.ptnr1_auth_seq_id'   
5  4 'Structure model' '_pdbx_struct_conn_angle.ptnr1_label_asym_id' 
6  4 'Structure model' '_pdbx_struct_conn_angle.ptnr1_label_atom_id' 
7  4 'Structure model' '_pdbx_struct_conn_angle.ptnr1_label_comp_id' 
8  4 'Structure model' '_pdbx_struct_conn_angle.ptnr3_auth_comp_id'  
9  4 'Structure model' '_pdbx_struct_conn_angle.ptnr3_auth_seq_id'   
10 4 'Structure model' '_pdbx_struct_conn_angle.ptnr3_label_asym_id' 
11 4 'Structure model' '_pdbx_struct_conn_angle.ptnr3_label_atom_id' 
12 4 'Structure model' '_pdbx_struct_conn_angle.ptnr3_label_comp_id' 
13 4 'Structure model' '_pdbx_struct_conn_angle.value'               
14 4 'Structure model' '_struct_conn.pdbx_dist_value'                
15 4 'Structure model' '_struct_conn.ptnr1_auth_comp_id'             
16 4 'Structure model' '_struct_conn.ptnr1_auth_seq_id'              
17 4 'Structure model' '_struct_conn.ptnr1_label_asym_id'            
18 4 'Structure model' '_struct_conn.ptnr1_label_atom_id'            
19 4 'Structure model' '_struct_conn.ptnr1_label_comp_id'            
20 4 'Structure model' '_struct_conn.ptnr1_label_seq_id'             
21 4 'Structure model' '_struct_conn.ptnr2_auth_comp_id'             
22 4 'Structure model' '_struct_conn.ptnr2_auth_seq_id'              
23 4 'Structure model' '_struct_conn.ptnr2_label_asym_id'            
24 4 'Structure model' '_struct_conn.ptnr2_label_atom_id'            
25 4 'Structure model' '_struct_conn.ptnr2_label_comp_id'            
26 4 'Structure model' '_struct_conn.ptnr2_label_seq_id'             
27 4 'Structure model' '_struct_ref_seq_dif.details'                 
28 4 'Structure model' '_struct_site.pdbx_auth_asym_id'              
29 4 'Structure model' '_struct_site.pdbx_auth_comp_id'              
30 4 'Structure model' '_struct_site.pdbx_auth_seq_id'               
# 
_pdbx_database_status.status_code                     REL 
_pdbx_database_status.entry_id                        2FE4 
_pdbx_database_status.recvd_initial_deposition_date   2005-12-15 
_pdbx_database_status.deposit_site                    RCSB 
_pdbx_database_status.process_site                    RCSB 
_pdbx_database_status.status_code_sf                  REL 
_pdbx_database_status.status_code_mr                  ? 
_pdbx_database_status.SG_entry                        ? 
_pdbx_database_status.pdb_format_compatible           Y 
_pdbx_database_status.status_code_cs                  ? 
_pdbx_database_status.status_code_nmr_data            ? 
_pdbx_database_status.methods_development_category    ? 
# 
_pdbx_database_related.db_name        PDB 
_pdbx_database_related.db_id          2FFQ 
_pdbx_database_related.details        'Same protein in its active GTPgs-bound form' 
_pdbx_database_related.content_type   unspecified 
# 
loop_
_audit_author.name 
_audit_author.pdbx_ordinal 
'Garcia-Saez, I.' 1 
'Tcherniuk, F.'   2 
'Kozielski, F.'   3 
# 
_citation.id                        primary 
_citation.title                     'The structure of human neuronal Rab6B in the active and inactive form.' 
_citation.journal_abbrev            'Acta Crystallogr.,Sect.D' 
_citation.journal_volume            62 
_citation.page_first                725 
_citation.page_last                 733 
_citation.year                      2006 
_citation.journal_id_ASTM           ABCRE6 
_citation.country                   DK 
_citation.journal_id_ISSN           0907-4449 
_citation.journal_id_CSD            0766 
_citation.book_publisher            ? 
_citation.pdbx_database_id_PubMed   16790928 
_citation.pdbx_database_id_DOI      10.1107/S0907444906015319 
# 
loop_
_citation_author.citation_id 
_citation_author.name 
_citation_author.ordinal 
_citation_author.identifier_ORCID 
primary 'Garcia-Saez, I.' 1 ? 
primary 'Tcherniuk, S.'   2 ? 
primary 'Kozielski, F.'   3 ? 
# 
loop_
_entity.id 
_entity.type 
_entity.src_method 
_entity.pdbx_description 
_entity.formula_weight 
_entity.pdbx_number_of_molecules 
_entity.pdbx_ec 
_entity.pdbx_mutation 
_entity.pdbx_fragment 
_entity.details 
1 polymer     man 'Ras-related protein Rab-6B' 19793.441 1  3.6.1.- ? ? ? 
2 non-polymer syn 'MAGNESIUM ION'              24.305    1  ?       ? ? ? 
3 non-polymer syn 'NITRATE ION'                62.005    1  ?       ? ? ? 
4 non-polymer syn "GUANOSINE-5'-DIPHOSPHATE"   443.201   1  ?       ? ? ? 
5 water       nat water                        18.015    79 ?       ? ? ? 
# 
_entity_name_com.entity_id   1 
_entity_name_com.name        RAB6B 
# 
_entity_poly.entity_id                      1 
_entity_poly.type                           'polypeptide(L)' 
_entity_poly.nstd_linkage                   no 
_entity_poly.nstd_monomer                   no 
_entity_poly.pdbx_seq_one_letter_code       
;GKFKLVFLGEQSVGKTSLITRFMYDSFDNTYQATIGIDFLSKTMYLEDRTVRLQLWDTAGQERFRSLIPSYIRDSTVAVV
VYDITNLNSFQQTSKWIDDVRTERGSDVIIMLVGNKTDLADKRQITIEEGEQRAKELSVMFIETSAKTGYNVKQLFRRVA
SALLEHHHHHH
;
_entity_poly.pdbx_seq_one_letter_code_can   
;GKFKLVFLGEQSVGKTSLITRFMYDSFDNTYQATIGIDFLSKTMYLEDRTVRLQLWDTAGQERFRSLIPSYIRDSTVAVV
VYDITNLNSFQQTSKWIDDVRTERGSDVIIMLVGNKTDLADKRQITIEEGEQRAKELSVMFIETSAKTGYNVKQLFRRVA
SALLEHHHHHH
;
_entity_poly.pdbx_strand_id                 A 
_entity_poly.pdbx_target_identifier         ? 
# 
loop_
_pdbx_entity_nonpoly.entity_id 
_pdbx_entity_nonpoly.name 
_pdbx_entity_nonpoly.comp_id 
2 'MAGNESIUM ION'            MG  
3 'NITRATE ION'              NO3 
4 "GUANOSINE-5'-DIPHOSPHATE" GDP 
5 water                      HOH 
# 
loop_
_entity_poly_seq.entity_id 
_entity_poly_seq.num 
_entity_poly_seq.mon_id 
_entity_poly_seq.hetero 
1 1   GLY n 
1 2   LYS n 
1 3   PHE n 
1 4   LYS n 
1 5   LEU n 
1 6   VAL n 
1 7   PHE n 
1 8   LEU n 
1 9   GLY n 
1 10  GLU n 
1 11  GLN n 
1 12  SER n 
1 13  VAL n 
1 14  GLY n 
1 15  LYS n 
1 16  THR n 
1 17  SER n 
1 18  LEU n 
1 19  ILE n 
1 20  THR n 
1 21  ARG n 
1 22  PHE n 
1 23  MET n 
1 24  TYR n 
1 25  ASP n 
1 26  SER n 
1 27  PHE n 
1 28  ASP n 
1 29  ASN n 
1 30  THR n 
1 31  TYR n 
1 32  GLN n 
1 33  ALA n 
1 34  THR n 
1 35  ILE n 
1 36  GLY n 
1 37  ILE n 
1 38  ASP n 
1 39  PHE n 
1 40  LEU n 
1 41  SER n 
1 42  LYS n 
1 43  THR n 
1 44  MET n 
1 45  TYR n 
1 46  LEU n 
1 47  GLU n 
1 48  ASP n 
1 49  ARG n 
1 50  THR n 
1 51  VAL n 
1 52  ARG n 
1 53  LEU n 
1 54  GLN n 
1 55  LEU n 
1 56  TRP n 
1 57  ASP n 
1 58  THR n 
1 59  ALA n 
1 60  GLY n 
1 61  GLN n 
1 62  GLU n 
1 63  ARG n 
1 64  PHE n 
1 65  ARG n 
1 66  SER n 
1 67  LEU n 
1 68  ILE n 
1 69  PRO n 
1 70  SER n 
1 71  TYR n 
1 72  ILE n 
1 73  ARG n 
1 74  ASP n 
1 75  SER n 
1 76  THR n 
1 77  VAL n 
1 78  ALA n 
1 79  VAL n 
1 80  VAL n 
1 81  VAL n 
1 82  TYR n 
1 83  ASP n 
1 84  ILE n 
1 85  THR n 
1 86  ASN n 
1 87  LEU n 
1 88  ASN n 
1 89  SER n 
1 90  PHE n 
1 91  GLN n 
1 92  GLN n 
1 93  THR n 
1 94  SER n 
1 95  LYS n 
1 96  TRP n 
1 97  ILE n 
1 98  ASP n 
1 99  ASP n 
1 100 VAL n 
1 101 ARG n 
1 102 THR n 
1 103 GLU n 
1 104 ARG n 
1 105 GLY n 
1 106 SER n 
1 107 ASP n 
1 108 VAL n 
1 109 ILE n 
1 110 ILE n 
1 111 MET n 
1 112 LEU n 
1 113 VAL n 
1 114 GLY n 
1 115 ASN n 
1 116 LYS n 
1 117 THR n 
1 118 ASP n 
1 119 LEU n 
1 120 ALA n 
1 121 ASP n 
1 122 LYS n 
1 123 ARG n 
1 124 GLN n 
1 125 ILE n 
1 126 THR n 
1 127 ILE n 
1 128 GLU n 
1 129 GLU n 
1 130 GLY n 
1 131 GLU n 
1 132 GLN n 
1 133 ARG n 
1 134 ALA n 
1 135 LYS n 
1 136 GLU n 
1 137 LEU n 
1 138 SER n 
1 139 VAL n 
1 140 MET n 
1 141 PHE n 
1 142 ILE n 
1 143 GLU n 
1 144 THR n 
1 145 SER n 
1 146 ALA n 
1 147 LYS n 
1 148 THR n 
1 149 GLY n 
1 150 TYR n 
1 151 ASN n 
1 152 VAL n 
1 153 LYS n 
1 154 GLN n 
1 155 LEU n 
1 156 PHE n 
1 157 ARG n 
1 158 ARG n 
1 159 VAL n 
1 160 ALA n 
1 161 SER n 
1 162 ALA n 
1 163 LEU n 
1 164 LEU n 
1 165 GLU n 
1 166 HIS n 
1 167 HIS n 
1 168 HIS n 
1 169 HIS n 
1 170 HIS n 
1 171 HIS n 
# 
_entity_src_gen.entity_id                          1 
_entity_src_gen.pdbx_src_id                        1 
_entity_src_gen.pdbx_alt_source_flag               sample 
_entity_src_gen.pdbx_seq_type                      ? 
_entity_src_gen.pdbx_beg_seq_num                   ? 
_entity_src_gen.pdbx_end_seq_num                   ? 
_entity_src_gen.gene_src_common_name               human 
_entity_src_gen.gene_src_genus                     Homo 
_entity_src_gen.pdbx_gene_src_gene                 RAB6B 
_entity_src_gen.gene_src_species                   ? 
_entity_src_gen.gene_src_strain                    ? 
_entity_src_gen.gene_src_tissue                    ? 
_entity_src_gen.gene_src_tissue_fraction           ? 
_entity_src_gen.gene_src_details                   ? 
_entity_src_gen.pdbx_gene_src_fragment             ? 
_entity_src_gen.pdbx_gene_src_scientific_name      'Homo sapiens' 
_entity_src_gen.pdbx_gene_src_ncbi_taxonomy_id     9606 
_entity_src_gen.pdbx_gene_src_variant              ? 
_entity_src_gen.pdbx_gene_src_cell_line            ? 
_entity_src_gen.pdbx_gene_src_atcc                 ? 
_entity_src_gen.pdbx_gene_src_organ                ? 
_entity_src_gen.pdbx_gene_src_organelle            ? 
_entity_src_gen.pdbx_gene_src_cell                 ? 
_entity_src_gen.pdbx_gene_src_cellular_location    ? 
_entity_src_gen.host_org_common_name               ? 
_entity_src_gen.pdbx_host_org_scientific_name      'Escherichia coli BL21(DE3)' 
_entity_src_gen.pdbx_host_org_ncbi_taxonomy_id     469008 
_entity_src_gen.host_org_genus                     Escherichia 
_entity_src_gen.pdbx_host_org_gene                 ? 
_entity_src_gen.pdbx_host_org_organ                ? 
_entity_src_gen.host_org_species                   'Escherichia coli' 
_entity_src_gen.pdbx_host_org_tissue               ? 
_entity_src_gen.pdbx_host_org_tissue_fraction      ? 
_entity_src_gen.pdbx_host_org_strain               'BL21(DE3)' 
_entity_src_gen.pdbx_host_org_variant              ? 
_entity_src_gen.pdbx_host_org_cell_line            ? 
_entity_src_gen.pdbx_host_org_atcc                 ? 
_entity_src_gen.pdbx_host_org_culture_collection   ? 
_entity_src_gen.pdbx_host_org_cell                 ? 
_entity_src_gen.pdbx_host_org_organelle            ? 
_entity_src_gen.pdbx_host_org_cellular_location    ? 
_entity_src_gen.pdbx_host_org_vector_type          plasmid 
_entity_src_gen.pdbx_host_org_vector               ? 
_entity_src_gen.host_org_details                   ? 
_entity_src_gen.expression_system_id               ? 
_entity_src_gen.plasmid_name                       pET28a 
_entity_src_gen.plasmid_details                    ? 
_entity_src_gen.pdbx_description                   ? 
# 
loop_
_chem_comp.id 
_chem_comp.type 
_chem_comp.mon_nstd_flag 
_chem_comp.name 
_chem_comp.pdbx_synonyms 
_chem_comp.formula 
_chem_comp.formula_weight 
ALA 'L-peptide linking' y ALANINE                    ? 'C3 H7 N O2'        89.093  
ARG 'L-peptide linking' y ARGININE                   ? 'C6 H15 N4 O2 1'    175.209 
ASN 'L-peptide linking' y ASPARAGINE                 ? 'C4 H8 N2 O3'       132.118 
ASP 'L-peptide linking' y 'ASPARTIC ACID'            ? 'C4 H7 N O4'        133.103 
GDP 'RNA linking'       n "GUANOSINE-5'-DIPHOSPHATE" ? 'C10 H15 N5 O11 P2' 443.201 
GLN 'L-peptide linking' y GLUTAMINE                  ? 'C5 H10 N2 O3'      146.144 
GLU 'L-peptide linking' y 'GLUTAMIC ACID'            ? 'C5 H9 N O4'        147.129 
GLY 'peptide linking'   y GLYCINE                    ? 'C2 H5 N O2'        75.067  
HIS 'L-peptide linking' y HISTIDINE                  ? 'C6 H10 N3 O2 1'    156.162 
HOH non-polymer         . WATER                      ? 'H2 O'              18.015  
ILE 'L-peptide linking' y ISOLEUCINE                 ? 'C6 H13 N O2'       131.173 
LEU 'L-peptide linking' y LEUCINE                    ? 'C6 H13 N O2'       131.173 
LYS 'L-peptide linking' y LYSINE                     ? 'C6 H15 N2 O2 1'    147.195 
MET 'L-peptide linking' y METHIONINE                 ? 'C5 H11 N O2 S'     149.211 
MG  non-polymer         . 'MAGNESIUM ION'            ? 'Mg 2'              24.305  
NO3 non-polymer         . 'NITRATE ION'              ? 'N O3 -1'           62.005  
PHE 'L-peptide linking' y PHENYLALANINE              ? 'C9 H11 N O2'       165.189 
PRO 'L-peptide linking' y PROLINE                    ? 'C5 H9 N O2'        115.130 
SER 'L-peptide linking' y SERINE                     ? 'C3 H7 N O3'        105.093 
THR 'L-peptide linking' y THREONINE                  ? 'C4 H9 N O3'        119.119 
TRP 'L-peptide linking' y TRYPTOPHAN                 ? 'C11 H12 N2 O2'     204.225 
TYR 'L-peptide linking' y TYROSINE                   ? 'C9 H11 N O3'       181.189 
VAL 'L-peptide linking' y VALINE                     ? 'C5 H11 N O2'       117.146 
# 
loop_
_pdbx_poly_seq_scheme.asym_id 
_pdbx_poly_seq_scheme.entity_id 
_pdbx_poly_seq_scheme.seq_id 
_pdbx_poly_seq_scheme.mon_id 
_pdbx_poly_seq_scheme.ndb_seq_num 
_pdbx_poly_seq_scheme.pdb_seq_num 
_pdbx_poly_seq_scheme.auth_seq_num 
_pdbx_poly_seq_scheme.pdb_mon_id 
_pdbx_poly_seq_scheme.auth_mon_id 
_pdbx_poly_seq_scheme.pdb_strand_id 
_pdbx_poly_seq_scheme.pdb_ins_code 
_pdbx_poly_seq_scheme.hetero 
A 1 1   GLY 1   12  ?   ?   ?   A . n 
A 1 2   LYS 2   13  ?   ?   ?   A . n 
A 1 3   PHE 3   14  14  PHE PHE A . n 
A 1 4   LYS 4   15  15  LYS LYS A . n 
A 1 5   LEU 5   16  16  LEU LEU A . n 
A 1 6   VAL 6   17  17  VAL VAL A . n 
A 1 7   PHE 7   18  18  PHE PHE A . n 
A 1 8   LEU 8   19  19  LEU LEU A . n 
A 1 9   GLY 9   20  20  GLY GLY A . n 
A 1 10  GLU 10  21  21  GLU GLU A . n 
A 1 11  GLN 11  22  22  GLN GLN A . n 
A 1 12  SER 12  23  23  SER SER A . n 
A 1 13  VAL 13  24  24  VAL VAL A . n 
A 1 14  GLY 14  25  25  GLY GLY A . n 
A 1 15  LYS 15  26  26  LYS LYS A . n 
A 1 16  THR 16  27  27  THR THR A . n 
A 1 17  SER 17  28  28  SER SER A . n 
A 1 18  LEU 18  29  29  LEU LEU A . n 
A 1 19  ILE 19  30  30  ILE ILE A . n 
A 1 20  THR 20  31  31  THR THR A . n 
A 1 21  ARG 21  32  32  ARG ARG A . n 
A 1 22  PHE 22  33  33  PHE PHE A . n 
A 1 23  MET 23  34  34  MET MET A . n 
A 1 24  TYR 24  35  35  TYR TYR A . n 
A 1 25  ASP 25  36  36  ASP ASP A . n 
A 1 26  SER 26  37  37  SER SER A . n 
A 1 27  PHE 27  38  38  PHE PHE A . n 
A 1 28  ASP 28  39  39  ASP ASP A . n 
A 1 29  ASN 29  40  40  ASN ASN A . n 
A 1 30  THR 30  41  41  THR THR A . n 
A 1 31  TYR 31  42  42  TYR TYR A . n 
A 1 32  GLN 32  43  43  GLN GLN A . n 
A 1 33  ALA 33  44  44  ALA ALA A . n 
A 1 34  THR 34  45  45  THR THR A . n 
A 1 35  ILE 35  46  46  ILE ILE A . n 
A 1 36  GLY 36  47  47  GLY GLY A . n 
A 1 37  ILE 37  48  48  ILE ILE A . n 
A 1 38  ASP 38  49  49  ASP ASP A . n 
A 1 39  PHE 39  50  50  PHE PHE A . n 
A 1 40  LEU 40  51  51  LEU LEU A . n 
A 1 41  SER 41  52  52  SER SER A . n 
A 1 42  LYS 42  53  53  LYS LYS A . n 
A 1 43  THR 43  54  54  THR THR A . n 
A 1 44  MET 44  55  55  MET MET A . n 
A 1 45  TYR 45  56  56  TYR TYR A . n 
A 1 46  LEU 46  57  57  LEU LEU A . n 
A 1 47  GLU 47  58  58  GLU GLU A . n 
A 1 48  ASP 48  59  59  ASP ASP A . n 
A 1 49  ARG 49  60  60  ARG ARG A . n 
A 1 50  THR 50  61  61  THR THR A . n 
A 1 51  VAL 51  62  62  VAL VAL A . n 
A 1 52  ARG 52  63  63  ARG ARG A . n 
A 1 53  LEU 53  64  64  LEU LEU A . n 
A 1 54  GLN 54  65  65  GLN GLN A . n 
A 1 55  LEU 55  66  66  LEU LEU A . n 
A 1 56  TRP 56  67  67  TRP TRP A . n 
A 1 57  ASP 57  68  68  ASP ASP A . n 
A 1 58  THR 58  69  69  THR THR A . n 
A 1 59  ALA 59  70  70  ALA ALA A . n 
A 1 60  GLY 60  71  71  GLY GLY A . n 
A 1 61  GLN 61  72  72  GLN GLN A . n 
A 1 62  GLU 62  73  73  GLU GLU A . n 
A 1 63  ARG 63  74  74  ARG ARG A . n 
A 1 64  PHE 64  75  75  PHE PHE A . n 
A 1 65  ARG 65  76  76  ARG ARG A . n 
A 1 66  SER 66  77  77  SER SER A . n 
A 1 67  LEU 67  78  78  LEU LEU A . n 
A 1 68  ILE 68  79  79  ILE ILE A . n 
A 1 69  PRO 69  80  80  PRO PRO A . n 
A 1 70  SER 70  81  81  SER SER A . n 
A 1 71  TYR 71  82  82  TYR TYR A . n 
A 1 72  ILE 72  83  83  ILE ILE A . n 
A 1 73  ARG 73  84  84  ARG ARG A . n 
A 1 74  ASP 74  85  85  ASP ASP A . n 
A 1 75  SER 75  86  86  SER SER A . n 
A 1 76  THR 76  87  87  THR THR A . n 
A 1 77  VAL 77  88  88  VAL VAL A . n 
A 1 78  ALA 78  89  89  ALA ALA A . n 
A 1 79  VAL 79  90  90  VAL VAL A . n 
A 1 80  VAL 80  91  91  VAL VAL A . n 
A 1 81  VAL 81  92  92  VAL VAL A . n 
A 1 82  TYR 82  93  93  TYR TYR A . n 
A 1 83  ASP 83  94  94  ASP ASP A . n 
A 1 84  ILE 84  95  95  ILE ILE A . n 
A 1 85  THR 85  96  96  THR THR A . n 
A 1 86  ASN 86  97  97  ASN ASN A . n 
A 1 87  LEU 87  98  98  LEU LEU A . n 
A 1 88  ASN 88  99  99  ASN ASN A . n 
A 1 89  SER 89  100 100 SER SER A . n 
A 1 90  PHE 90  101 101 PHE PHE A . n 
A 1 91  GLN 91  102 102 GLN GLN A . n 
A 1 92  GLN 92  103 103 GLN GLN A . n 
A 1 93  THR 93  104 104 THR THR A . n 
A 1 94  SER 94  105 105 SER SER A . n 
A 1 95  LYS 95  106 106 LYS LYS A . n 
A 1 96  TRP 96  107 107 TRP TRP A . n 
A 1 97  ILE 97  108 108 ILE ILE A . n 
A 1 98  ASP 98  109 109 ASP ASP A . n 
A 1 99  ASP 99  110 110 ASP ASP A . n 
A 1 100 VAL 100 111 111 VAL VAL A . n 
A 1 101 ARG 101 112 112 ARG ARG A . n 
A 1 102 THR 102 113 113 THR THR A . n 
A 1 103 GLU 103 114 114 GLU GLU A . n 
A 1 104 ARG 104 115 115 ARG ARG A . n 
A 1 105 GLY 105 116 116 GLY GLY A . n 
A 1 106 SER 106 117 117 SER SER A . n 
A 1 107 ASP 107 118 118 ASP ASP A . n 
A 1 108 VAL 108 119 119 VAL VAL A . n 
A 1 109 ILE 109 120 120 ILE ILE A . n 
A 1 110 ILE 110 121 121 ILE ILE A . n 
A 1 111 MET 111 122 122 MET MET A . n 
A 1 112 LEU 112 123 123 LEU LEU A . n 
A 1 113 VAL 113 124 124 VAL VAL A . n 
A 1 114 GLY 114 125 125 GLY GLY A . n 
A 1 115 ASN 115 126 126 ASN ASN A . n 
A 1 116 LYS 116 127 127 LYS LYS A . n 
A 1 117 THR 117 128 128 THR THR A . n 
A 1 118 ASP 118 129 129 ASP ASP A . n 
A 1 119 LEU 119 130 130 LEU LEU A . n 
A 1 120 ALA 120 131 131 ALA ALA A . n 
A 1 121 ASP 121 132 132 ASP ASP A . n 
A 1 122 LYS 122 133 133 LYS LYS A . n 
A 1 123 ARG 123 134 134 ARG ARG A . n 
A 1 124 GLN 124 135 135 GLN GLN A . n 
A 1 125 ILE 125 136 136 ILE ILE A . n 
A 1 126 THR 126 137 137 THR THR A . n 
A 1 127 ILE 127 138 138 ILE ILE A . n 
A 1 128 GLU 128 139 139 GLU GLU A . n 
A 1 129 GLU 129 140 140 GLU GLU A . n 
A 1 130 GLY 130 141 141 GLY GLY A . n 
A 1 131 GLU 131 142 142 GLU GLU A . n 
A 1 132 GLN 132 143 143 GLN GLN A . n 
A 1 133 ARG 133 144 144 ARG ARG A . n 
A 1 134 ALA 134 145 145 ALA ALA A . n 
A 1 135 LYS 135 146 146 LYS LYS A . n 
A 1 136 GLU 136 147 147 GLU GLU A . n 
A 1 137 LEU 137 148 148 LEU LEU A . n 
A 1 138 SER 138 149 149 SER SER A . n 
A 1 139 VAL 139 150 150 VAL VAL A . n 
A 1 140 MET 140 151 151 MET MET A . n 
A 1 141 PHE 141 152 152 PHE PHE A . n 
A 1 142 ILE 142 153 153 ILE ILE A . n 
A 1 143 GLU 143 154 154 GLU GLU A . n 
A 1 144 THR 144 155 155 THR THR A . n 
A 1 145 SER 145 156 156 SER SER A . n 
A 1 146 ALA 146 157 157 ALA ALA A . n 
A 1 147 LYS 147 158 158 LYS LYS A . n 
A 1 148 THR 148 159 159 THR THR A . n 
A 1 149 GLY 149 160 160 GLY GLY A . n 
A 1 150 TYR 150 161 161 TYR TYR A . n 
A 1 151 ASN 151 162 162 ASN ASN A . n 
A 1 152 VAL 152 163 163 VAL VAL A . n 
A 1 153 LYS 153 164 164 LYS LYS A . n 
A 1 154 GLN 154 165 165 GLN GLN A . n 
A 1 155 LEU 155 166 166 LEU LEU A . n 
A 1 156 PHE 156 167 167 PHE PHE A . n 
A 1 157 ARG 157 168 168 ARG ARG A . n 
A 1 158 ARG 158 169 169 ARG ARG A . n 
A 1 159 VAL 159 170 170 VAL VAL A . n 
A 1 160 ALA 160 171 171 ALA ALA A . n 
A 1 161 SER 161 172 172 SER SER A . n 
A 1 162 ALA 162 173 173 ALA ALA A . n 
A 1 163 LEU 163 174 174 LEU LEU A . n 
A 1 164 LEU 164 175 175 LEU LEU A . n 
A 1 165 GLU 165 176 176 GLU GLU A . n 
A 1 166 HIS 166 177 ?   ?   ?   A . n 
A 1 167 HIS 167 178 ?   ?   ?   A . n 
A 1 168 HIS 168 179 ?   ?   ?   A . n 
A 1 169 HIS 169 180 ?   ?   ?   A . n 
A 1 170 HIS 170 181 ?   ?   ?   A . n 
A 1 171 HIS 171 182 ?   ?   ?   A . n 
# 
loop_
_pdbx_nonpoly_scheme.asym_id 
_pdbx_nonpoly_scheme.entity_id 
_pdbx_nonpoly_scheme.mon_id 
_pdbx_nonpoly_scheme.ndb_seq_num 
_pdbx_nonpoly_scheme.pdb_seq_num 
_pdbx_nonpoly_scheme.auth_seq_num 
_pdbx_nonpoly_scheme.pdb_mon_id 
_pdbx_nonpoly_scheme.auth_mon_id 
_pdbx_nonpoly_scheme.pdb_strand_id 
_pdbx_nonpoly_scheme.pdb_ins_code 
B 2 MG  1  202 202 MG  MG  A . 
C 3 NO3 1  203 203 NO3 NO3 A . 
D 4 GDP 1  201 201 GDP GDP A . 
E 5 HOH 1  204 1   HOH HOH A . 
E 5 HOH 2  205 2   HOH HOH A . 
E 5 HOH 3  206 3   HOH HOH A . 
E 5 HOH 4  207 4   HOH HOH A . 
E 5 HOH 5  208 5   HOH HOH A . 
E 5 HOH 6  209 6   HOH HOH A . 
E 5 HOH 7  210 7   HOH HOH A . 
E 5 HOH 8  211 8   HOH HOH A . 
E 5 HOH 9  212 9   HOH HOH A . 
E 5 HOH 10 213 10  HOH HOH A . 
E 5 HOH 11 214 11  HOH HOH A . 
E 5 HOH 12 215 12  HOH HOH A . 
E 5 HOH 13 216 13  HOH HOH A . 
E 5 HOH 14 217 14  HOH HOH A . 
E 5 HOH 15 218 15  HOH HOH A . 
E 5 HOH 16 219 16  HOH HOH A . 
E 5 HOH 17 220 17  HOH HOH A . 
E 5 HOH 18 221 18  HOH HOH A . 
E 5 HOH 19 222 19  HOH HOH A . 
E 5 HOH 20 223 20  HOH HOH A . 
E 5 HOH 21 224 21  HOH HOH A . 
E 5 HOH 22 225 22  HOH HOH A . 
E 5 HOH 23 226 23  HOH HOH A . 
E 5 HOH 24 227 24  HOH HOH A . 
E 5 HOH 25 228 25  HOH HOH A . 
E 5 HOH 26 229 26  HOH HOH A . 
E 5 HOH 27 230 27  HOH HOH A . 
E 5 HOH 28 231 28  HOH HOH A . 
E 5 HOH 29 232 29  HOH HOH A . 
E 5 HOH 30 233 30  HOH HOH A . 
E 5 HOH 31 234 31  HOH HOH A . 
E 5 HOH 32 235 32  HOH HOH A . 
E 5 HOH 33 236 33  HOH HOH A . 
E 5 HOH 34 237 34  HOH HOH A . 
E 5 HOH 35 238 35  HOH HOH A . 
E 5 HOH 36 239 36  HOH HOH A . 
E 5 HOH 37 240 37  HOH HOH A . 
E 5 HOH 38 241 38  HOH HOH A . 
E 5 HOH 39 242 39  HOH HOH A . 
E 5 HOH 40 243 40  HOH HOH A . 
E 5 HOH 41 244 41  HOH HOH A . 
E 5 HOH 42 245 42  HOH HOH A . 
E 5 HOH 43 246 43  HOH HOH A . 
E 5 HOH 44 247 44  HOH HOH A . 
E 5 HOH 45 248 45  HOH HOH A . 
E 5 HOH 46 249 46  HOH HOH A . 
E 5 HOH 47 250 47  HOH HOH A . 
E 5 HOH 48 251 48  HOH HOH A . 
E 5 HOH 49 252 49  HOH HOH A . 
E 5 HOH 50 253 50  HOH HOH A . 
E 5 HOH 51 254 51  HOH HOH A . 
E 5 HOH 52 255 52  HOH HOH A . 
E 5 HOH 53 256 53  HOH HOH A . 
E 5 HOH 54 257 54  HOH HOH A . 
E 5 HOH 55 258 55  HOH HOH A . 
E 5 HOH 56 259 56  HOH HOH A . 
E 5 HOH 57 260 57  HOH HOH A . 
E 5 HOH 58 261 58  HOH HOH A . 
E 5 HOH 59 262 59  HOH HOH A . 
E 5 HOH 60 263 60  HOH HOH A . 
E 5 HOH 61 264 61  HOH HOH A . 
E 5 HOH 62 265 62  HOH HOH A . 
E 5 HOH 63 266 63  HOH HOH A . 
E 5 HOH 64 267 64  HOH HOH A . 
E 5 HOH 65 268 65  HOH HOH A . 
E 5 HOH 66 269 66  HOH HOH A . 
E 5 HOH 67 270 67  HOH HOH A . 
E 5 HOH 68 271 68  HOH HOH A . 
E 5 HOH 69 272 69  HOH HOH A . 
E 5 HOH 70 273 70  HOH HOH A . 
E 5 HOH 71 274 71  HOH HOH A . 
E 5 HOH 72 275 72  HOH HOH A . 
E 5 HOH 73 276 73  HOH HOH A . 
E 5 HOH 74 277 74  HOH HOH A . 
E 5 HOH 75 278 75  HOH HOH A . 
E 5 HOH 76 279 76  HOH HOH A . 
E 5 HOH 77 280 77  HOH HOH A . 
E 5 HOH 78 281 78  HOH HOH A . 
E 5 HOH 79 282 79  HOH HOH A . 
# 
_pdbx_unobs_or_zero_occ_atoms.id               1 
_pdbx_unobs_or_zero_occ_atoms.PDB_model_num    1 
_pdbx_unobs_or_zero_occ_atoms.polymer_flag     Y 
_pdbx_unobs_or_zero_occ_atoms.occupancy_flag   0 
_pdbx_unobs_or_zero_occ_atoms.auth_asym_id     A 
_pdbx_unobs_or_zero_occ_atoms.auth_comp_id     ASN 
_pdbx_unobs_or_zero_occ_atoms.auth_seq_id      40 
_pdbx_unobs_or_zero_occ_atoms.PDB_ins_code     ? 
_pdbx_unobs_or_zero_occ_atoms.auth_atom_id     OD1 
_pdbx_unobs_or_zero_occ_atoms.label_alt_id     ? 
_pdbx_unobs_or_zero_occ_atoms.label_asym_id    A 
_pdbx_unobs_or_zero_occ_atoms.label_comp_id    ASN 
_pdbx_unobs_or_zero_occ_atoms.label_seq_id     29 
_pdbx_unobs_or_zero_occ_atoms.label_atom_id    OD1 
# 
loop_
_software.name 
_software.classification 
_software.version 
_software.citation_id 
_software.pdbx_ordinal 
DENZO 'data reduction' .         ? 1 
SCALA 'data scaling'   .         ? 2 
AMoRE phasing          .         ? 3 
CNS   refinement       1.1       ? 4 
CCP4  'data scaling'   '(SCALA)' ? 5 
# 
_cell.entry_id           2FE4 
_cell.length_a           36.036 
_cell.length_b           61.125 
_cell.length_c           66.634 
_cell.angle_alpha        90.00 
_cell.angle_beta         90.00 
_cell.angle_gamma        90.00 
_cell.Z_PDB              4 
_cell.pdbx_unique_axis   ? 
_cell.length_a_esd       ? 
_cell.length_b_esd       ? 
_cell.length_c_esd       ? 
_cell.angle_alpha_esd    ? 
_cell.angle_beta_esd     ? 
_cell.angle_gamma_esd    ? 
# 
_symmetry.entry_id                         2FE4 
_symmetry.space_group_name_H-M             'P 21 21 21' 
_symmetry.pdbx_full_space_group_name_H-M   ? 
_symmetry.cell_setting                     ? 
_symmetry.Int_Tables_number                19 
_symmetry.space_group_name_Hall            ? 
# 
_exptl.entry_id          2FE4 
_exptl.method            'X-RAY DIFFRACTION' 
_exptl.crystals_number   1 
# 
_exptl_crystal.id                    1 
_exptl_crystal.density_meas          ? 
_exptl_crystal.density_Matthews      1.85 
_exptl_crystal.density_percent_sol   33.65 
_exptl_crystal.description           ? 
_exptl_crystal.F_000                 ? 
_exptl_crystal.preparation           ? 
# 
_exptl_crystal_grow.crystal_id      1 
_exptl_crystal_grow.method          'VAPOR DIFFUSION, HANGING DROP' 
_exptl_crystal_grow.temp            292.15 
_exptl_crystal_grow.temp_details    ? 
_exptl_crystal_grow.pH              5.0 
_exptl_crystal_grow.pdbx_details    
'0.1M sodium acetate pH 5.0, 0.15M ammonium nitrate, 20%-23% PEG3350, VAPOR DIFFUSION, HANGING DROP, temperature 292.15K' 
_exptl_crystal_grow.pdbx_pH_range   . 
# 
_diffrn.id                     1 
_diffrn.ambient_temp           100 
_diffrn.ambient_temp_details   ? 
_diffrn.crystal_id             1 
# 
_diffrn_detector.diffrn_id              1 
_diffrn_detector.detector               CCD 
_diffrn_detector.type                   'ADSC QUANTUM 4' 
_diffrn_detector.pdbx_collection_date   2005-06-12 
_diffrn_detector.details                ? 
# 
_diffrn_radiation.diffrn_id                        1 
_diffrn_radiation.wavelength_id                    1 
_diffrn_radiation.pdbx_monochromatic_or_laue_m_l   M 
_diffrn_radiation.monochromator                    ? 
_diffrn_radiation.pdbx_diffrn_protocol             'SINGLE WAVELENGTH' 
_diffrn_radiation.pdbx_scattering_type             x-ray 
# 
_diffrn_radiation_wavelength.id           1 
_diffrn_radiation_wavelength.wavelength   0.933 
_diffrn_radiation_wavelength.wt           1.0 
# 
_diffrn_source.diffrn_id                   1 
_diffrn_source.source                      SYNCHROTRON 
_diffrn_source.type                        'ESRF BEAMLINE ID14-2' 
_diffrn_source.pdbx_synchrotron_site       ESRF 
_diffrn_source.pdbx_synchrotron_beamline   ID14-2 
_diffrn_source.pdbx_wavelength             ? 
_diffrn_source.pdbx_wavelength_list        0.933 
# 
_reflns.entry_id                     2FE4 
_reflns.observed_criterion_sigma_I   1 
_reflns.observed_criterion_sigma_F   2 
_reflns.d_resolution_low             31.6 
_reflns.d_resolution_high            2.3 
_reflns.number_obs                   6366 
_reflns.number_all                   6408 
_reflns.percent_possible_obs         91.6 
_reflns.pdbx_Rmerge_I_obs            0.056 
_reflns.pdbx_Rsym_value              0.052 
_reflns.pdbx_netI_over_sigmaI        10.2 
_reflns.B_iso_Wilson_estimate        ? 
_reflns.pdbx_redundancy              7.3 
_reflns.R_free_details               ? 
_reflns.limit_h_max                  ? 
_reflns.limit_h_min                  ? 
_reflns.limit_k_max                  ? 
_reflns.limit_k_min                  ? 
_reflns.limit_l_max                  ? 
_reflns.limit_l_min                  ? 
_reflns.observed_criterion_F_max     ? 
_reflns.observed_criterion_F_min     ? 
_reflns.pdbx_chi_squared             ? 
_reflns.pdbx_scaling_rejects         ? 
_reflns.pdbx_diffrn_id               1 
_reflns.pdbx_ordinal                 1 
# 
_reflns_shell.d_res_high             2.3 
_reflns_shell.d_res_low              2.42 
_reflns_shell.percent_possible_all   91.6 
_reflns_shell.Rmerge_I_obs           0.076 
_reflns_shell.pdbx_Rsym_value        0.07 
_reflns_shell.meanI_over_sigI_obs    8.8 
_reflns_shell.pdbx_redundancy        7.5 
_reflns_shell.percent_possible_obs   ? 
_reflns_shell.number_unique_all      984 
_reflns_shell.number_measured_all    ? 
_reflns_shell.number_measured_obs    ? 
_reflns_shell.number_unique_obs      ? 
_reflns_shell.pdbx_chi_squared       ? 
_reflns_shell.pdbx_diffrn_id         ? 
_reflns_shell.pdbx_ordinal           1 
# 
_refine.entry_id                                 2FE4 
_refine.ls_number_reflns_obs                     6259 
_refine.ls_number_reflns_all                     6295 
_refine.pdbx_ls_sigma_I                          ? 
_refine.pdbx_ls_sigma_F                          2 
_refine.pdbx_data_cutoff_high_absF               ? 
_refine.pdbx_data_cutoff_low_absF                ? 
_refine.pdbx_data_cutoff_high_rms_absF           ? 
_refine.ls_d_res_low                             6.0 
_refine.ls_d_res_high                            2.3 
_refine.ls_percent_reflns_obs                    ? 
_refine.ls_R_factor_obs                          0.227 
_refine.ls_R_factor_all                          0.229 
_refine.ls_R_factor_R_work                       0.222 
_refine.ls_R_factor_R_free                       0.257 
_refine.ls_R_factor_R_free_error                 ? 
_refine.ls_R_factor_R_free_error_details         ? 
_refine.ls_percent_reflns_R_free                 ? 
_refine.ls_number_reflns_R_free                  616 
_refine.ls_number_parameters                     ? 
_refine.ls_number_restraints                     ? 
_refine.occupancy_min                            ? 
_refine.occupancy_max                            ? 
_refine.correlation_coeff_Fo_to_Fc               ? 
_refine.correlation_coeff_Fo_to_Fc_free          ? 
_refine.B_iso_mean                               ? 
_refine.aniso_B[1][1]                            ? 
_refine.aniso_B[2][2]                            ? 
_refine.aniso_B[3][3]                            ? 
_refine.aniso_B[1][2]                            ? 
_refine.aniso_B[1][3]                            ? 
_refine.aniso_B[2][3]                            ? 
_refine.solvent_model_details                    ? 
_refine.solvent_model_param_ksol                 ? 
_refine.solvent_model_param_bsol                 ? 
_refine.pdbx_solvent_vdw_probe_radii             ? 
_refine.pdbx_solvent_ion_probe_radii             ? 
_refine.pdbx_solvent_shrinkage_radii             ? 
_refine.pdbx_ls_cross_valid_method               THROUGHOUT 
_refine.details                                  ? 
_refine.pdbx_starting_model                      ? 
_refine.pdbx_method_to_determine_struct          'Rab6 from Plasmodium falciparum (PDB code 1D5C)' 
_refine.pdbx_isotropic_thermal_model             ? 
_refine.pdbx_stereochemistry_target_values       'Engh & Huber' 
_refine.pdbx_stereochem_target_val_spec_case     ? 
_refine.pdbx_R_Free_selection_details            RANDOM 
_refine.pdbx_overall_ESU_R                       ? 
_refine.pdbx_overall_ESU_R_Free                  ? 
_refine.overall_SU_ML                            ? 
_refine.overall_SU_B                             ? 
_refine.ls_redundancy_reflns_obs                 ? 
_refine.B_iso_min                                ? 
_refine.B_iso_max                                ? 
_refine.overall_SU_R_Cruickshank_DPI             ? 
_refine.overall_SU_R_free                        ? 
_refine.ls_wR_factor_R_free                      ? 
_refine.ls_wR_factor_R_work                      ? 
_refine.overall_FOM_free_R_set                   ? 
_refine.overall_FOM_work_R_set                   ? 
_refine.pdbx_refine_id                           'X-RAY DIFFRACTION' 
_refine.pdbx_diffrn_id                           1 
_refine.pdbx_TLS_residual_ADP_flag               ? 
_refine.pdbx_overall_phase_error                 ? 
_refine.pdbx_overall_SU_R_free_Cruickshank_DPI   ? 
_refine.pdbx_overall_SU_R_Blow_DPI               ? 
_refine.pdbx_overall_SU_R_free_Blow_DPI          ? 
# 
_refine_analyze.entry_id                        2FE4 
_refine_analyze.Luzzati_coordinate_error_obs    0.26 
_refine_analyze.Luzzati_sigma_a_obs             0.14 
_refine_analyze.Luzzati_d_res_low_obs           5.0 
_refine_analyze.Luzzati_coordinate_error_free   0.32 
_refine_analyze.Luzzati_sigma_a_free            0.25 
_refine_analyze.Luzzati_d_res_low_free          ? 
_refine_analyze.number_disordered_residues      ? 
_refine_analyze.occupancy_sum_hydrogen          ? 
_refine_analyze.occupancy_sum_non_hydrogen      ? 
_refine_analyze.pdbx_Luzzati_d_res_high_obs     ? 
_refine_analyze.pdbx_refine_id                  'X-RAY DIFFRACTION' 
# 
_refine_hist.pdbx_refine_id                   'X-RAY DIFFRACTION' 
_refine_hist.cycle_id                         LAST 
_refine_hist.pdbx_number_atoms_protein        1337 
_refine_hist.pdbx_number_atoms_nucleic_acid   0 
_refine_hist.pdbx_number_atoms_ligand         33 
_refine_hist.number_atoms_solvent             79 
_refine_hist.number_atoms_total               1449 
_refine_hist.d_res_high                       2.3 
_refine_hist.d_res_low                        6.0 
# 
loop_
_refine_ls_restr.type 
_refine_ls_restr.dev_ideal 
_refine_ls_restr.dev_ideal_target 
_refine_ls_restr.weight 
_refine_ls_restr.number 
_refine_ls_restr.pdbx_refine_id 
_refine_ls_restr.pdbx_restraint_function 
c_angle_deg 1.796  ? ? ? 'X-RAY DIFFRACTION' ? 
c_bond_d    .00834 ? ? ? 'X-RAY DIFFRACTION' ? 
# 
_refine_ls_shell.pdbx_total_number_of_bins_used   ? 
_refine_ls_shell.d_res_high                       2.30 
_refine_ls_shell.d_res_low                        2.44 
_refine_ls_shell.number_reflns_R_work             ? 
_refine_ls_shell.R_factor_R_work                  0.234 
_refine_ls_shell.percent_reflns_obs               ? 
_refine_ls_shell.R_factor_R_free                  0.32 
_refine_ls_shell.R_factor_R_free_error            0.028 
_refine_ls_shell.percent_reflns_R_free            ? 
_refine_ls_shell.number_reflns_R_free             127 
_refine_ls_shell.number_reflns_all                ? 
_refine_ls_shell.R_factor_all                     ? 
_refine_ls_shell.number_reflns_obs                980 
_refine_ls_shell.redundancy_reflns_obs            ? 
_refine_ls_shell.pdbx_refine_id                   'X-RAY DIFFRACTION' 
# 
_struct.entry_id                  2FE4 
_struct.title                     'The crystal structure of human neuronal Rab6B in its inactive GDP-bound form' 
_struct.pdbx_model_details        ? 
_struct.pdbx_CASP_flag            ? 
_struct.pdbx_model_type_details   ? 
# 
_struct_keywords.entry_id        2FE4 
_struct_keywords.pdbx_keywords   HYDROLASE 
_struct_keywords.text            'protein-nucleotide complex, HYDROLASE' 
# 
loop_
_struct_asym.id 
_struct_asym.pdbx_blank_PDB_chainid_flag 
_struct_asym.pdbx_modified 
_struct_asym.entity_id 
_struct_asym.details 
A N N 1 ? 
B N N 2 ? 
C N N 3 ? 
D N N 4 ? 
E N N 5 ? 
# 
_struct_ref.id                         1 
_struct_ref.db_name                    UNP 
_struct_ref.db_code                    RAB6B_HUMAN 
_struct_ref.pdbx_db_accession          Q9NRW1 
_struct_ref.entity_id                  1 
_struct_ref.pdbx_align_begin           13 
_struct_ref.pdbx_db_isoform            ? 
_struct_ref.pdbx_seq_one_letter_code   ? 
# 
_struct_ref_seq.align_id                      1 
_struct_ref_seq.ref_id                        1 
_struct_ref_seq.pdbx_PDB_id_code              2FE4 
_struct_ref_seq.pdbx_strand_id                A 
_struct_ref_seq.seq_align_beg                 2 
_struct_ref_seq.pdbx_seq_align_beg_ins_code   ? 
_struct_ref_seq.seq_align_end                 163 
_struct_ref_seq.pdbx_seq_align_end_ins_code   ? 
_struct_ref_seq.pdbx_db_accession             Q9NRW1 
_struct_ref_seq.db_align_beg                  13 
_struct_ref_seq.pdbx_db_align_beg_ins_code    ? 
_struct_ref_seq.db_align_end                  174 
_struct_ref_seq.pdbx_db_align_end_ins_code    ? 
_struct_ref_seq.pdbx_auth_seq_align_beg       13 
_struct_ref_seq.pdbx_auth_seq_align_end       174 
# 
loop_
_struct_ref_seq_dif.align_id 
_struct_ref_seq_dif.pdbx_pdb_id_code 
_struct_ref_seq_dif.mon_id 
_struct_ref_seq_dif.pdbx_pdb_strand_id 
_struct_ref_seq_dif.seq_num 
_struct_ref_seq_dif.pdbx_pdb_ins_code 
_struct_ref_seq_dif.pdbx_seq_db_name 
_struct_ref_seq_dif.pdbx_seq_db_accession_code 
_struct_ref_seq_dif.db_mon_id 
_struct_ref_seq_dif.pdbx_seq_db_seq_num 
_struct_ref_seq_dif.details 
_struct_ref_seq_dif.pdbx_auth_seq_num 
_struct_ref_seq_dif.pdbx_ordinal 
1 2FE4 GLY A 1   ? UNP Q9NRW1 ? ? 'cloning artifact' 12  1 
1 2FE4 LEU A 164 ? UNP Q9NRW1 ? ? 'cloning artifact' 175 2 
1 2FE4 GLU A 165 ? UNP Q9NRW1 ? ? 'cloning artifact' 176 3 
1 2FE4 HIS A 166 ? UNP Q9NRW1 ? ? 'expression tag'   177 4 
1 2FE4 HIS A 167 ? UNP Q9NRW1 ? ? 'expression tag'   178 5 
1 2FE4 HIS A 168 ? UNP Q9NRW1 ? ? 'expression tag'   179 6 
1 2FE4 HIS A 169 ? UNP Q9NRW1 ? ? 'expression tag'   180 7 
1 2FE4 HIS A 170 ? UNP Q9NRW1 ? ? 'expression tag'   181 8 
1 2FE4 HIS A 171 ? UNP Q9NRW1 ? ? 'expression tag'   182 9 
# 
_pdbx_struct_assembly.id                   1 
_pdbx_struct_assembly.details              author_defined_assembly 
_pdbx_struct_assembly.method_details       ? 
_pdbx_struct_assembly.oligomeric_details   monomeric 
_pdbx_struct_assembly.oligomeric_count     1 
# 
_pdbx_struct_assembly_gen.assembly_id       1 
_pdbx_struct_assembly_gen.oper_expression   1 
_pdbx_struct_assembly_gen.asym_id_list      A,B,C,D,E 
# 
_pdbx_struct_oper_list.id                   1 
_pdbx_struct_oper_list.type                 'identity operation' 
_pdbx_struct_oper_list.name                 1_555 
_pdbx_struct_oper_list.symmetry_operation   x,y,z 
_pdbx_struct_oper_list.matrix[1][1]         1.0000000000 
_pdbx_struct_oper_list.matrix[1][2]         0.0000000000 
_pdbx_struct_oper_list.matrix[1][3]         0.0000000000 
_pdbx_struct_oper_list.vector[1]            0.0000000000 
_pdbx_struct_oper_list.matrix[2][1]         0.0000000000 
_pdbx_struct_oper_list.matrix[2][2]         1.0000000000 
_pdbx_struct_oper_list.matrix[2][3]         0.0000000000 
_pdbx_struct_oper_list.vector[2]            0.0000000000 
_pdbx_struct_oper_list.matrix[3][1]         0.0000000000 
_pdbx_struct_oper_list.matrix[3][2]         0.0000000000 
_pdbx_struct_oper_list.matrix[3][3]         1.0000000000 
_pdbx_struct_oper_list.vector[3]            0.0000000000 
# 
loop_
_struct_conf.conf_type_id 
_struct_conf.id 
_struct_conf.pdbx_PDB_helix_id 
_struct_conf.beg_label_comp_id 
_struct_conf.beg_label_asym_id 
_struct_conf.beg_label_seq_id 
_struct_conf.pdbx_beg_PDB_ins_code 
_struct_conf.end_label_comp_id 
_struct_conf.end_label_asym_id 
_struct_conf.end_label_seq_id 
_struct_conf.pdbx_end_PDB_ins_code 
_struct_conf.beg_auth_comp_id 
_struct_conf.beg_auth_asym_id 
_struct_conf.beg_auth_seq_id 
_struct_conf.end_auth_comp_id 
_struct_conf.end_auth_asym_id 
_struct_conf.end_auth_seq_id 
_struct_conf.pdbx_PDB_helix_class 
_struct_conf.details 
_struct_conf.pdbx_PDB_helix_length 
HELX_P HELX_P1 1 GLY A 14  ? ASP A 25  ? GLY A 25  ASP A 36  1 ? 12 
HELX_P HELX_P2 2 LEU A 67  ? ASP A 74  ? LEU A 78  ASP A 85  1 ? 8  
HELX_P HELX_P3 3 ASN A 86  ? GLN A 92  ? ASN A 97  GLN A 103 1 ? 7  
HELX_P HELX_P4 4 GLN A 92  ? GLU A 103 ? GLN A 103 GLU A 114 1 ? 12 
HELX_P HELX_P5 5 LEU A 119 ? ARG A 123 ? LEU A 130 ARG A 134 5 ? 5  
HELX_P HELX_P6 6 THR A 126 ? LEU A 137 ? THR A 137 LEU A 148 1 ? 12 
HELX_P HELX_P7 7 ASN A 151 ? GLU A 165 ? ASN A 162 GLU A 176 1 ? 15 
# 
_struct_conf_type.id          HELX_P 
_struct_conf_type.criteria    ? 
_struct_conf_type.reference   ? 
# 
loop_
_struct_conn.id 
_struct_conn.conn_type_id 
_struct_conn.pdbx_leaving_atom_flag 
_struct_conn.pdbx_PDB_id 
_struct_conn.ptnr1_label_asym_id 
_struct_conn.ptnr1_label_comp_id 
_struct_conn.ptnr1_label_seq_id 
_struct_conn.ptnr1_label_atom_id 
_struct_conn.pdbx_ptnr1_label_alt_id 
_struct_conn.pdbx_ptnr1_PDB_ins_code 
_struct_conn.pdbx_ptnr1_standard_comp_id 
_struct_conn.ptnr1_symmetry 
_struct_conn.ptnr2_label_asym_id 
_struct_conn.ptnr2_label_comp_id 
_struct_conn.ptnr2_label_seq_id 
_struct_conn.ptnr2_label_atom_id 
_struct_conn.pdbx_ptnr2_label_alt_id 
_struct_conn.pdbx_ptnr2_PDB_ins_code 
_struct_conn.ptnr1_auth_asym_id 
_struct_conn.ptnr1_auth_comp_id 
_struct_conn.ptnr1_auth_seq_id 
_struct_conn.ptnr2_auth_asym_id 
_struct_conn.ptnr2_auth_comp_id 
_struct_conn.ptnr2_auth_seq_id 
_struct_conn.ptnr2_symmetry 
_struct_conn.pdbx_ptnr3_label_atom_id 
_struct_conn.pdbx_ptnr3_label_seq_id 
_struct_conn.pdbx_ptnr3_label_comp_id 
_struct_conn.pdbx_ptnr3_label_asym_id 
_struct_conn.pdbx_ptnr3_label_alt_id 
_struct_conn.pdbx_ptnr3_PDB_ins_code 
_struct_conn.details 
_struct_conn.pdbx_dist_value 
_struct_conn.pdbx_value_order 
_struct_conn.pdbx_role 
metalc1 metalc ? ? A THR 16 OG1 ? ? ? 1_555 B MG  . MG ? ? A THR 27  A MG  202 1_555 ? ? ? ? ? ? ? 2.299 ? ? 
metalc2 metalc ? ? A THR 34 OG1 ? ? ? 1_555 B MG  . MG ? ? A THR 45  A MG  202 1_555 ? ? ? ? ? ? ? 2.485 ? ? 
metalc3 metalc ? ? D GDP .  O3B ? ? ? 1_555 B MG  . MG ? ? A GDP 201 A MG  202 1_555 ? ? ? ? ? ? ? 2.200 ? ? 
metalc4 metalc ? ? B MG  .  MG  ? ? ? 1_555 C NO3 . O3 ? ? A MG  202 A NO3 203 1_555 ? ? ? ? ? ? ? 2.457 ? ? 
metalc5 metalc ? ? B MG  .  MG  ? ? ? 1_555 E HOH . O  ? ? A MG  202 A HOH 221 1_555 ? ? ? ? ? ? ? 2.429 ? ? 
metalc6 metalc ? ? B MG  .  MG  ? ? ? 1_555 E HOH . O  ? ? A MG  202 A HOH 229 1_555 ? ? ? ? ? ? ? 2.435 ? ? 
# 
_struct_conn_type.id          metalc 
_struct_conn_type.criteria    ? 
_struct_conn_type.reference   ? 
# 
loop_
_pdbx_struct_conn_angle.id 
_pdbx_struct_conn_angle.ptnr1_label_atom_id 
_pdbx_struct_conn_angle.ptnr1_label_alt_id 
_pdbx_struct_conn_angle.ptnr1_label_asym_id 
_pdbx_struct_conn_angle.ptnr1_label_comp_id 
_pdbx_struct_conn_angle.ptnr1_label_seq_id 
_pdbx_struct_conn_angle.ptnr1_auth_atom_id 
_pdbx_struct_conn_angle.ptnr1_auth_asym_id 
_pdbx_struct_conn_angle.ptnr1_auth_comp_id 
_pdbx_struct_conn_angle.ptnr1_auth_seq_id 
_pdbx_struct_conn_angle.ptnr1_PDB_ins_code 
_pdbx_struct_conn_angle.ptnr1_symmetry 
_pdbx_struct_conn_angle.ptnr2_label_atom_id 
_pdbx_struct_conn_angle.ptnr2_label_alt_id 
_pdbx_struct_conn_angle.ptnr2_label_asym_id 
_pdbx_struct_conn_angle.ptnr2_label_comp_id 
_pdbx_struct_conn_angle.ptnr2_label_seq_id 
_pdbx_struct_conn_angle.ptnr2_auth_atom_id 
_pdbx_struct_conn_angle.ptnr2_auth_asym_id 
_pdbx_struct_conn_angle.ptnr2_auth_comp_id 
_pdbx_struct_conn_angle.ptnr2_auth_seq_id 
_pdbx_struct_conn_angle.ptnr2_PDB_ins_code 
_pdbx_struct_conn_angle.ptnr2_symmetry 
_pdbx_struct_conn_angle.ptnr3_label_atom_id 
_pdbx_struct_conn_angle.ptnr3_label_alt_id 
_pdbx_struct_conn_angle.ptnr3_label_asym_id 
_pdbx_struct_conn_angle.ptnr3_label_comp_id 
_pdbx_struct_conn_angle.ptnr3_label_seq_id 
_pdbx_struct_conn_angle.ptnr3_auth_atom_id 
_pdbx_struct_conn_angle.ptnr3_auth_asym_id 
_pdbx_struct_conn_angle.ptnr3_auth_comp_id 
_pdbx_struct_conn_angle.ptnr3_auth_seq_id 
_pdbx_struct_conn_angle.ptnr3_PDB_ins_code 
_pdbx_struct_conn_angle.ptnr3_symmetry 
_pdbx_struct_conn_angle.value 
_pdbx_struct_conn_angle.value_esd 
1  OG1 ? A THR 16 ? A THR 27  ? 1_555 MG ? B MG . ? A MG 202 ? 1_555 OG1 ? A THR 34 ? A THR 45  ? 1_555 100.3 ? 
2  OG1 ? A THR 16 ? A THR 27  ? 1_555 MG ? B MG . ? A MG 202 ? 1_555 O3B ? D GDP .  ? A GDP 201 ? 1_555 98.8  ? 
3  OG1 ? A THR 34 ? A THR 45  ? 1_555 MG ? B MG . ? A MG 202 ? 1_555 O3B ? D GDP .  ? A GDP 201 ? 1_555 141.1 ? 
4  OG1 ? A THR 16 ? A THR 27  ? 1_555 MG ? B MG . ? A MG 202 ? 1_555 O3  ? C NO3 .  ? A NO3 203 ? 1_555 162.9 ? 
5  OG1 ? A THR 34 ? A THR 45  ? 1_555 MG ? B MG . ? A MG 202 ? 1_555 O3  ? C NO3 .  ? A NO3 203 ? 1_555 62.8  ? 
6  O3B ? D GDP .  ? A GDP 201 ? 1_555 MG ? B MG . ? A MG 202 ? 1_555 O3  ? C NO3 .  ? A NO3 203 ? 1_555 96.5  ? 
7  OG1 ? A THR 16 ? A THR 27  ? 1_555 MG ? B MG . ? A MG 202 ? 1_555 O   ? E HOH .  ? A HOH 221 ? 1_555 91.3  ? 
8  OG1 ? A THR 34 ? A THR 45  ? 1_555 MG ? B MG . ? A MG 202 ? 1_555 O   ? E HOH .  ? A HOH 221 ? 1_555 58.9  ? 
9  O3B ? D GDP .  ? A GDP 201 ? 1_555 MG ? B MG . ? A MG 202 ? 1_555 O   ? E HOH .  ? A HOH 221 ? 1_555 87.3  ? 
10 O3  ? C NO3 .  ? A NO3 203 ? 1_555 MG ? B MG . ? A MG 202 ? 1_555 O   ? E HOH .  ? A HOH 221 ? 1_555 82.1  ? 
11 OG1 ? A THR 16 ? A THR 27  ? 1_555 MG ? B MG . ? A MG 202 ? 1_555 O   ? E HOH .  ? A HOH 229 ? 1_555 91.2  ? 
12 OG1 ? A THR 34 ? A THR 45  ? 1_555 MG ? B MG . ? A MG 202 ? 1_555 O   ? E HOH .  ? A HOH 229 ? 1_555 120.9 ? 
13 O3B ? D GDP .  ? A GDP 201 ? 1_555 MG ? B MG . ? A MG 202 ? 1_555 O   ? E HOH .  ? A HOH 229 ? 1_555 92.1  ? 
14 O3  ? C NO3 .  ? A NO3 203 ? 1_555 MG ? B MG . ? A MG 202 ? 1_555 O   ? E HOH .  ? A HOH 229 ? 1_555 95.6  ? 
15 O   ? E HOH .  ? A HOH 221 ? 1_555 MG ? B MG . ? A MG 202 ? 1_555 O   ? E HOH .  ? A HOH 229 ? 1_555 177.5 ? 
# 
_struct_sheet.id               A 
_struct_sheet.type             ? 
_struct_sheet.number_strands   6 
_struct_sheet.details          ? 
# 
loop_
_struct_sheet_order.sheet_id 
_struct_sheet_order.range_id_1 
_struct_sheet_order.range_id_2 
_struct_sheet_order.offset 
_struct_sheet_order.sense 
A 1 2 ? anti-parallel 
A 2 3 ? parallel      
A 3 4 ? parallel      
A 4 5 ? parallel      
A 5 6 ? parallel      
# 
loop_
_struct_sheet_range.sheet_id 
_struct_sheet_range.id 
_struct_sheet_range.beg_label_comp_id 
_struct_sheet_range.beg_label_asym_id 
_struct_sheet_range.beg_label_seq_id 
_struct_sheet_range.pdbx_beg_PDB_ins_code 
_struct_sheet_range.end_label_comp_id 
_struct_sheet_range.end_label_asym_id 
_struct_sheet_range.end_label_seq_id 
_struct_sheet_range.pdbx_end_PDB_ins_code 
_struct_sheet_range.beg_auth_comp_id 
_struct_sheet_range.beg_auth_asym_id 
_struct_sheet_range.beg_auth_seq_id 
_struct_sheet_range.end_auth_comp_id 
_struct_sheet_range.end_auth_asym_id 
_struct_sheet_range.end_auth_seq_id 
A 1 PHE A 39  ? LEU A 46  ? PHE A 50  LEU A 57  
A 2 ARG A 49  ? ASP A 57  ? ARG A 60  ASP A 68  
A 3 LYS A 4   ? GLY A 9   ? LYS A 15  GLY A 20  
A 4 VAL A 77  ? ASP A 83  ? VAL A 88  ASP A 94  
A 5 ILE A 109 ? ASN A 115 ? ILE A 120 ASN A 126 
A 6 MET A 140 ? GLU A 143 ? MET A 151 GLU A 154 
# 
loop_
_pdbx_struct_sheet_hbond.sheet_id 
_pdbx_struct_sheet_hbond.range_id_1 
_pdbx_struct_sheet_hbond.range_id_2 
_pdbx_struct_sheet_hbond.range_1_label_atom_id 
_pdbx_struct_sheet_hbond.range_1_label_comp_id 
_pdbx_struct_sheet_hbond.range_1_label_asym_id 
_pdbx_struct_sheet_hbond.range_1_label_seq_id 
_pdbx_struct_sheet_hbond.range_1_PDB_ins_code 
_pdbx_struct_sheet_hbond.range_1_auth_atom_id 
_pdbx_struct_sheet_hbond.range_1_auth_comp_id 
_pdbx_struct_sheet_hbond.range_1_auth_asym_id 
_pdbx_struct_sheet_hbond.range_1_auth_seq_id 
_pdbx_struct_sheet_hbond.range_2_label_atom_id 
_pdbx_struct_sheet_hbond.range_2_label_comp_id 
_pdbx_struct_sheet_hbond.range_2_label_asym_id 
_pdbx_struct_sheet_hbond.range_2_label_seq_id 
_pdbx_struct_sheet_hbond.range_2_PDB_ins_code 
_pdbx_struct_sheet_hbond.range_2_auth_atom_id 
_pdbx_struct_sheet_hbond.range_2_auth_comp_id 
_pdbx_struct_sheet_hbond.range_2_auth_asym_id 
_pdbx_struct_sheet_hbond.range_2_auth_seq_id 
A 1 2 N LEU A 40  ? N LEU A 51  O LEU A 55  ? O LEU A 66  
A 2 3 O TRP A 56  ? O TRP A 67  N LEU A 5   ? N LEU A 16  
A 3 4 N LEU A 8   ? N LEU A 19  O VAL A 81  ? O VAL A 92  
A 4 5 N VAL A 80  ? N VAL A 91  O VAL A 113 ? O VAL A 124 
A 5 6 N LEU A 112 ? N LEU A 123 O MET A 140 ? O MET A 151 
# 
loop_
_struct_site.id 
_struct_site.pdbx_evidence_code 
_struct_site.pdbx_auth_asym_id 
_struct_site.pdbx_auth_comp_id 
_struct_site.pdbx_auth_seq_id 
_struct_site.pdbx_auth_ins_code 
_struct_site.pdbx_num_residues 
_struct_site.details 
AC1 Software A MG  202 ? 6  'BINDING SITE FOR RESIDUE MG A 202'  
AC2 Software A NO3 203 ? 6  'BINDING SITE FOR RESIDUE NO3 A 203' 
AC3 Software A GDP 201 ? 22 'BINDING SITE FOR RESIDUE GDP A 201' 
# 
loop_
_struct_site_gen.id 
_struct_site_gen.site_id 
_struct_site_gen.pdbx_num_res 
_struct_site_gen.label_comp_id 
_struct_site_gen.label_asym_id 
_struct_site_gen.label_seq_id 
_struct_site_gen.pdbx_auth_ins_code 
_struct_site_gen.auth_comp_id 
_struct_site_gen.auth_asym_id 
_struct_site_gen.auth_seq_id 
_struct_site_gen.label_atom_id 
_struct_site_gen.label_alt_id 
_struct_site_gen.symmetry 
_struct_site_gen.details 
1  AC1 6  THR A 16  ? THR A 27  . ? 1_555 ? 
2  AC1 6  THR A 34  ? THR A 45  . ? 1_555 ? 
3  AC1 6  GDP D .   ? GDP A 201 . ? 1_555 ? 
4  AC1 6  NO3 C .   ? NO3 A 203 . ? 1_555 ? 
5  AC1 6  HOH E .   ? HOH A 221 . ? 1_555 ? 
6  AC1 6  HOH E .   ? HOH A 229 . ? 1_555 ? 
7  AC2 6  GLN A 11  ? GLN A 22  . ? 1_555 ? 
8  AC2 6  LYS A 15  ? LYS A 26  . ? 1_555 ? 
9  AC2 6  THR A 34  ? THR A 45  . ? 1_555 ? 
10 AC2 6  GLY A 60  ? GLY A 71  . ? 1_555 ? 
11 AC2 6  GDP D .   ? GDP A 201 . ? 1_555 ? 
12 AC2 6  MG  B .   ? MG  A 202 . ? 1_555 ? 
13 AC3 22 SER A 12  ? SER A 23  . ? 1_555 ? 
14 AC3 22 VAL A 13  ? VAL A 24  . ? 1_555 ? 
15 AC3 22 GLY A 14  ? GLY A 25  . ? 1_555 ? 
16 AC3 22 LYS A 15  ? LYS A 26  . ? 1_555 ? 
17 AC3 22 THR A 16  ? THR A 27  . ? 1_555 ? 
18 AC3 22 SER A 17  ? SER A 28  . ? 1_555 ? 
19 AC3 22 PHE A 27  ? PHE A 38  . ? 1_555 ? 
20 AC3 22 ASP A 28  ? ASP A 39  . ? 1_555 ? 
21 AC3 22 ASN A 29  ? ASN A 40  . ? 1_555 ? 
22 AC3 22 ASN A 115 ? ASN A 126 . ? 1_555 ? 
23 AC3 22 LYS A 116 ? LYS A 127 . ? 1_555 ? 
24 AC3 22 ASP A 118 ? ASP A 129 . ? 1_555 ? 
25 AC3 22 LEU A 119 ? LEU A 130 . ? 1_555 ? 
26 AC3 22 SER A 145 ? SER A 156 . ? 1_555 ? 
27 AC3 22 ALA A 146 ? ALA A 157 . ? 1_555 ? 
28 AC3 22 LYS A 147 ? LYS A 158 . ? 1_555 ? 
29 AC3 22 MG  B .   ? MG  A 202 . ? 1_555 ? 
30 AC3 22 NO3 C .   ? NO3 A 203 . ? 1_555 ? 
31 AC3 22 HOH E .   ? HOH A 229 . ? 1_555 ? 
32 AC3 22 HOH E .   ? HOH A 240 . ? 1_555 ? 
33 AC3 22 HOH E .   ? HOH A 246 . ? 2_565 ? 
34 AC3 22 HOH E .   ? HOH A 251 . ? 1_555 ? 
# 
loop_
_pdbx_validate_rmsd_angle.id 
_pdbx_validate_rmsd_angle.PDB_model_num 
_pdbx_validate_rmsd_angle.auth_atom_id_1 
_pdbx_validate_rmsd_angle.auth_asym_id_1 
_pdbx_validate_rmsd_angle.auth_comp_id_1 
_pdbx_validate_rmsd_angle.auth_seq_id_1 
_pdbx_validate_rmsd_angle.PDB_ins_code_1 
_pdbx_validate_rmsd_angle.label_alt_id_1 
_pdbx_validate_rmsd_angle.auth_atom_id_2 
_pdbx_validate_rmsd_angle.auth_asym_id_2 
_pdbx_validate_rmsd_angle.auth_comp_id_2 
_pdbx_validate_rmsd_angle.auth_seq_id_2 
_pdbx_validate_rmsd_angle.PDB_ins_code_2 
_pdbx_validate_rmsd_angle.label_alt_id_2 
_pdbx_validate_rmsd_angle.auth_atom_id_3 
_pdbx_validate_rmsd_angle.auth_asym_id_3 
_pdbx_validate_rmsd_angle.auth_comp_id_3 
_pdbx_validate_rmsd_angle.auth_seq_id_3 
_pdbx_validate_rmsd_angle.PDB_ins_code_3 
_pdbx_validate_rmsd_angle.label_alt_id_3 
_pdbx_validate_rmsd_angle.angle_value 
_pdbx_validate_rmsd_angle.angle_target_value 
_pdbx_validate_rmsd_angle.angle_deviation 
_pdbx_validate_rmsd_angle.angle_standard_deviation 
_pdbx_validate_rmsd_angle.linker_flag 
1 1 CA A TYR 42 ? ? CB A TYR 42 ? ? CG A TYR 42 ? ? 124.85 113.40 11.45 1.90 N 
2 1 N  A ASP 49 ? ? CA A ASP 49 ? ? C  A ASP 49 ? ? 136.98 111.00 25.98 2.70 N 
3 1 N  A GLU 73 ? ? CA A GLU 73 ? ? C  A GLU 73 ? ? 130.63 111.00 19.63 2.70 N 
# 
loop_
_pdbx_validate_torsion.id 
_pdbx_validate_torsion.PDB_model_num 
_pdbx_validate_torsion.auth_comp_id 
_pdbx_validate_torsion.auth_asym_id 
_pdbx_validate_torsion.auth_seq_id 
_pdbx_validate_torsion.PDB_ins_code 
_pdbx_validate_torsion.label_alt_id 
_pdbx_validate_torsion.phi 
_pdbx_validate_torsion.psi 
1  1 ILE A 46  ? ? -171.15 57.96  
2  1 ASP A 49  ? ? -23.25  -6.07  
3  1 LEU A 57  ? ? 175.68  144.89 
4  1 GLU A 73  ? ? -34.32  112.86 
5  1 ARG A 74  ? ? 149.43  -15.19 
6  1 ASP A 85  ? A -108.05 42.23  
7  1 GLU A 114 ? ? -113.29 55.67  
8  1 ARG A 115 ? ? 171.22  -3.09  
9  1 LYS A 127 ? ? 73.19   33.34  
10 1 ASN A 162 ? ? 57.48   9.46   
# 
_pdbx_validate_planes.id              1 
_pdbx_validate_planes.PDB_model_num   1 
_pdbx_validate_planes.auth_comp_id    TYR 
_pdbx_validate_planes.auth_asym_id    A 
_pdbx_validate_planes.auth_seq_id     42 
_pdbx_validate_planes.PDB_ins_code    ? 
_pdbx_validate_planes.label_alt_id    ? 
_pdbx_validate_planes.rmsd            0.064 
_pdbx_validate_planes.type            'SIDE CHAIN' 
# 
loop_
_pdbx_unobs_or_zero_occ_residues.id 
_pdbx_unobs_or_zero_occ_residues.PDB_model_num 
_pdbx_unobs_or_zero_occ_residues.polymer_flag 
_pdbx_unobs_or_zero_occ_residues.occupancy_flag 
_pdbx_unobs_or_zero_occ_residues.auth_asym_id 
_pdbx_unobs_or_zero_occ_residues.auth_comp_id 
_pdbx_unobs_or_zero_occ_residues.auth_seq_id 
_pdbx_unobs_or_zero_occ_residues.PDB_ins_code 
_pdbx_unobs_or_zero_occ_residues.label_asym_id 
_pdbx_unobs_or_zero_occ_residues.label_comp_id 
_pdbx_unobs_or_zero_occ_residues.label_seq_id 
1 1 Y 1 A GLY 12  ? A GLY 1   
2 1 Y 1 A LYS 13  ? A LYS 2   
3 1 Y 1 A HIS 177 ? A HIS 166 
4 1 Y 1 A HIS 178 ? A HIS 167 
5 1 Y 1 A HIS 179 ? A HIS 168 
6 1 Y 1 A HIS 180 ? A HIS 169 
7 1 Y 1 A HIS 181 ? A HIS 170 
8 1 Y 1 A HIS 182 ? A HIS 171 
# 
loop_
_chem_comp_atom.comp_id 
_chem_comp_atom.atom_id 
_chem_comp_atom.type_symbol 
_chem_comp_atom.pdbx_aromatic_flag 
_chem_comp_atom.pdbx_stereo_config 
_chem_comp_atom.pdbx_ordinal 
ALA N      N  N N 1   
ALA CA     C  N S 2   
ALA C      C  N N 3   
ALA O      O  N N 4   
ALA CB     C  N N 5   
ALA OXT    O  N N 6   
ALA H      H  N N 7   
ALA H2     H  N N 8   
ALA HA     H  N N 9   
ALA HB1    H  N N 10  
ALA HB2    H  N N 11  
ALA HB3    H  N N 12  
ALA HXT    H  N N 13  
ARG N      N  N N 14  
ARG CA     C  N S 15  
ARG C      C  N N 16  
ARG O      O  N N 17  
ARG CB     C  N N 18  
ARG CG     C  N N 19  
ARG CD     C  N N 20  
ARG NE     N  N N 21  
ARG CZ     C  N N 22  
ARG NH1    N  N N 23  
ARG NH2    N  N N 24  
ARG OXT    O  N N 25  
ARG H      H  N N 26  
ARG H2     H  N N 27  
ARG HA     H  N N 28  
ARG HB2    H  N N 29  
ARG HB3    H  N N 30  
ARG HG2    H  N N 31  
ARG HG3    H  N N 32  
ARG HD2    H  N N 33  
ARG HD3    H  N N 34  
ARG HE     H  N N 35  
ARG HH11   H  N N 36  
ARG HH12   H  N N 37  
ARG HH21   H  N N 38  
ARG HH22   H  N N 39  
ARG HXT    H  N N 40  
ASN N      N  N N 41  
ASN CA     C  N S 42  
ASN C      C  N N 43  
ASN O      O  N N 44  
ASN CB     C  N N 45  
ASN CG     C  N N 46  
ASN OD1    O  N N 47  
ASN ND2    N  N N 48  
ASN OXT    O  N N 49  
ASN H      H  N N 50  
ASN H2     H  N N 51  
ASN HA     H  N N 52  
ASN HB2    H  N N 53  
ASN HB3    H  N N 54  
ASN HD21   H  N N 55  
ASN HD22   H  N N 56  
ASN HXT    H  N N 57  
ASP N      N  N N 58  
ASP CA     C  N S 59  
ASP C      C  N N 60  
ASP O      O  N N 61  
ASP CB     C  N N 62  
ASP CG     C  N N 63  
ASP OD1    O  N N 64  
ASP OD2    O  N N 65  
ASP OXT    O  N N 66  
ASP H      H  N N 67  
ASP H2     H  N N 68  
ASP HA     H  N N 69  
ASP HB2    H  N N 70  
ASP HB3    H  N N 71  
ASP HD2    H  N N 72  
ASP HXT    H  N N 73  
GDP PB     P  N N 74  
GDP O1B    O  N N 75  
GDP O2B    O  N N 76  
GDP O3B    O  N N 77  
GDP O3A    O  N N 78  
GDP PA     P  N N 79  
GDP O1A    O  N N 80  
GDP O2A    O  N N 81  
GDP "O5'"  O  N N 82  
GDP "C5'"  C  N N 83  
GDP "C4'"  C  N R 84  
GDP "O4'"  O  N N 85  
GDP "C3'"  C  N S 86  
GDP "O3'"  O  N N 87  
GDP "C2'"  C  N R 88  
GDP "O2'"  O  N N 89  
GDP "C1'"  C  N R 90  
GDP N9     N  Y N 91  
GDP C8     C  Y N 92  
GDP N7     N  Y N 93  
GDP C5     C  Y N 94  
GDP C6     C  N N 95  
GDP O6     O  N N 96  
GDP N1     N  N N 97  
GDP C2     C  N N 98  
GDP N2     N  N N 99  
GDP N3     N  N N 100 
GDP C4     C  Y N 101 
GDP HOB2   H  N N 102 
GDP HOB3   H  N N 103 
GDP HOA2   H  N N 104 
GDP "H5'"  H  N N 105 
GDP "H5''" H  N N 106 
GDP "H4'"  H  N N 107 
GDP "H3'"  H  N N 108 
GDP "HO3'" H  N N 109 
GDP "H2'"  H  N N 110 
GDP "HO2'" H  N N 111 
GDP "H1'"  H  N N 112 
GDP H8     H  N N 113 
GDP HN1    H  N N 114 
GDP HN21   H  N N 115 
GDP HN22   H  N N 116 
GLN N      N  N N 117 
GLN CA     C  N S 118 
GLN C      C  N N 119 
GLN O      O  N N 120 
GLN CB     C  N N 121 
GLN CG     C  N N 122 
GLN CD     C  N N 123 
GLN OE1    O  N N 124 
GLN NE2    N  N N 125 
GLN OXT    O  N N 126 
GLN H      H  N N 127 
GLN H2     H  N N 128 
GLN HA     H  N N 129 
GLN HB2    H  N N 130 
GLN HB3    H  N N 131 
GLN HG2    H  N N 132 
GLN HG3    H  N N 133 
GLN HE21   H  N N 134 
GLN HE22   H  N N 135 
GLN HXT    H  N N 136 
GLU N      N  N N 137 
GLU CA     C  N S 138 
GLU C      C  N N 139 
GLU O      O  N N 140 
GLU CB     C  N N 141 
GLU CG     C  N N 142 
GLU CD     C  N N 143 
GLU OE1    O  N N 144 
GLU OE2    O  N N 145 
GLU OXT    O  N N 146 
GLU H      H  N N 147 
GLU H2     H  N N 148 
GLU HA     H  N N 149 
GLU HB2    H  N N 150 
GLU HB3    H  N N 151 
GLU HG2    H  N N 152 
GLU HG3    H  N N 153 
GLU HE2    H  N N 154 
GLU HXT    H  N N 155 
GLY N      N  N N 156 
GLY CA     C  N N 157 
GLY C      C  N N 158 
GLY O      O  N N 159 
GLY OXT    O  N N 160 
GLY H      H  N N 161 
GLY H2     H  N N 162 
GLY HA2    H  N N 163 
GLY HA3    H  N N 164 
GLY HXT    H  N N 165 
HIS N      N  N N 166 
HIS CA     C  N S 167 
HIS C      C  N N 168 
HIS O      O  N N 169 
HIS CB     C  N N 170 
HIS CG     C  Y N 171 
HIS ND1    N  Y N 172 
HIS CD2    C  Y N 173 
HIS CE1    C  Y N 174 
HIS NE2    N  Y N 175 
HIS OXT    O  N N 176 
HIS H      H  N N 177 
HIS H2     H  N N 178 
HIS HA     H  N N 179 
HIS HB2    H  N N 180 
HIS HB3    H  N N 181 
HIS HD1    H  N N 182 
HIS HD2    H  N N 183 
HIS HE1    H  N N 184 
HIS HE2    H  N N 185 
HIS HXT    H  N N 186 
HOH O      O  N N 187 
HOH H1     H  N N 188 
HOH H2     H  N N 189 
ILE N      N  N N 190 
ILE CA     C  N S 191 
ILE C      C  N N 192 
ILE O      O  N N 193 
ILE CB     C  N S 194 
ILE CG1    C  N N 195 
ILE CG2    C  N N 196 
ILE CD1    C  N N 197 
ILE OXT    O  N N 198 
ILE H      H  N N 199 
ILE H2     H  N N 200 
ILE HA     H  N N 201 
ILE HB     H  N N 202 
ILE HG12   H  N N 203 
ILE HG13   H  N N 204 
ILE HG21   H  N N 205 
ILE HG22   H  N N 206 
ILE HG23   H  N N 207 
ILE HD11   H  N N 208 
ILE HD12   H  N N 209 
ILE HD13   H  N N 210 
ILE HXT    H  N N 211 
LEU N      N  N N 212 
LEU CA     C  N S 213 
LEU C      C  N N 214 
LEU O      O  N N 215 
LEU CB     C  N N 216 
LEU CG     C  N N 217 
LEU CD1    C  N N 218 
LEU CD2    C  N N 219 
LEU OXT    O  N N 220 
LEU H      H  N N 221 
LEU H2     H  N N 222 
LEU HA     H  N N 223 
LEU HB2    H  N N 224 
LEU HB3    H  N N 225 
LEU HG     H  N N 226 
LEU HD11   H  N N 227 
LEU HD12   H  N N 228 
LEU HD13   H  N N 229 
LEU HD21   H  N N 230 
LEU HD22   H  N N 231 
LEU HD23   H  N N 232 
LEU HXT    H  N N 233 
LYS N      N  N N 234 
LYS CA     C  N S 235 
LYS C      C  N N 236 
LYS O      O  N N 237 
LYS CB     C  N N 238 
LYS CG     C  N N 239 
LYS CD     C  N N 240 
LYS CE     C  N N 241 
LYS NZ     N  N N 242 
LYS OXT    O  N N 243 
LYS H      H  N N 244 
LYS H2     H  N N 245 
LYS HA     H  N N 246 
LYS HB2    H  N N 247 
LYS HB3    H  N N 248 
LYS HG2    H  N N 249 
LYS HG3    H  N N 250 
LYS HD2    H  N N 251 
LYS HD3    H  N N 252 
LYS HE2    H  N N 253 
LYS HE3    H  N N 254 
LYS HZ1    H  N N 255 
LYS HZ2    H  N N 256 
LYS HZ3    H  N N 257 
LYS HXT    H  N N 258 
MET N      N  N N 259 
MET CA     C  N S 260 
MET C      C  N N 261 
MET O      O  N N 262 
MET CB     C  N N 263 
MET CG     C  N N 264 
MET SD     S  N N 265 
MET CE     C  N N 266 
MET OXT    O  N N 267 
MET H      H  N N 268 
MET H2     H  N N 269 
MET HA     H  N N 270 
MET HB2    H  N N 271 
MET HB3    H  N N 272 
MET HG2    H  N N 273 
MET HG3    H  N N 274 
MET HE1    H  N N 275 
MET HE2    H  N N 276 
MET HE3    H  N N 277 
MET HXT    H  N N 278 
MG  MG     MG N N 279 
NO3 N      N  N N 280 
NO3 O1     O  N N 281 
NO3 O2     O  N N 282 
NO3 O3     O  N N 283 
PHE N      N  N N 284 
PHE CA     C  N S 285 
PHE C      C  N N 286 
PHE O      O  N N 287 
PHE CB     C  N N 288 
PHE CG     C  Y N 289 
PHE CD1    C  Y N 290 
PHE CD2    C  Y N 291 
PHE CE1    C  Y N 292 
PHE CE2    C  Y N 293 
PHE CZ     C  Y N 294 
PHE OXT    O  N N 295 
PHE H      H  N N 296 
PHE H2     H  N N 297 
PHE HA     H  N N 298 
PHE HB2    H  N N 299 
PHE HB3    H  N N 300 
PHE HD1    H  N N 301 
PHE HD2    H  N N 302 
PHE HE1    H  N N 303 
PHE HE2    H  N N 304 
PHE HZ     H  N N 305 
PHE HXT    H  N N 306 
PRO N      N  N N 307 
PRO CA     C  N S 308 
PRO C      C  N N 309 
PRO O      O  N N 310 
PRO CB     C  N N 311 
PRO CG     C  N N 312 
PRO CD     C  N N 313 
PRO OXT    O  N N 314 
PRO H      H  N N 315 
PRO HA     H  N N 316 
PRO HB2    H  N N 317 
PRO HB3    H  N N 318 
PRO HG2    H  N N 319 
PRO HG3    H  N N 320 
PRO HD2    H  N N 321 
PRO HD3    H  N N 322 
PRO HXT    H  N N 323 
SER N      N  N N 324 
SER CA     C  N S 325 
SER C      C  N N 326 
SER O      O  N N 327 
SER CB     C  N N 328 
SER OG     O  N N 329 
SER OXT    O  N N 330 
SER H      H  N N 331 
SER H2     H  N N 332 
SER HA     H  N N 333 
SER HB2    H  N N 334 
SER HB3    H  N N 335 
SER HG     H  N N 336 
SER HXT    H  N N 337 
THR N      N  N N 338 
THR CA     C  N S 339 
THR C      C  N N 340 
THR O      O  N N 341 
THR CB     C  N R 342 
THR OG1    O  N N 343 
THR CG2    C  N N 344 
THR OXT    O  N N 345 
THR H      H  N N 346 
THR H2     H  N N 347 
THR HA     H  N N 348 
THR HB     H  N N 349 
THR HG1    H  N N 350 
THR HG21   H  N N 351 
THR HG22   H  N N 352 
THR HG23   H  N N 353 
THR HXT    H  N N 354 
TRP N      N  N N 355 
TRP CA     C  N S 356 
TRP C      C  N N 357 
TRP O      O  N N 358 
TRP CB     C  N N 359 
TRP CG     C  Y N 360 
TRP CD1    C  Y N 361 
TRP CD2    C  Y N 362 
TRP NE1    N  Y N 363 
TRP CE2    C  Y N 364 
TRP CE3    C  Y N 365 
TRP CZ2    C  Y N 366 
TRP CZ3    C  Y N 367 
TRP CH2    C  Y N 368 
TRP OXT    O  N N 369 
TRP H      H  N N 370 
TRP H2     H  N N 371 
TRP HA     H  N N 372 
TRP HB2    H  N N 373 
TRP HB3    H  N N 374 
TRP HD1    H  N N 375 
TRP HE1    H  N N 376 
TRP HE3    H  N N 377 
TRP HZ2    H  N N 378 
TRP HZ3    H  N N 379 
TRP HH2    H  N N 380 
TRP HXT    H  N N 381 
TYR N      N  N N 382 
TYR CA     C  N S 383 
TYR C      C  N N 384 
TYR O      O  N N 385 
TYR CB     C  N N 386 
TYR CG     C  Y N 387 
TYR CD1    C  Y N 388 
TYR CD2    C  Y N 389 
TYR CE1    C  Y N 390 
TYR CE2    C  Y N 391 
TYR CZ     C  Y N 392 
TYR OH     O  N N 393 
TYR OXT    O  N N 394 
TYR H      H  N N 395 
TYR H2     H  N N 396 
TYR HA     H  N N 397 
TYR HB2    H  N N 398 
TYR HB3    H  N N 399 
TYR HD1    H  N N 400 
TYR HD2    H  N N 401 
TYR HE1    H  N N 402 
TYR HE2    H  N N 403 
TYR HH     H  N N 404 
TYR HXT    H  N N 405 
VAL N      N  N N 406 
VAL CA     C  N S 407 
VAL C      C  N N 408 
VAL O      O  N N 409 
VAL CB     C  N N 410 
VAL CG1    C  N N 411 
VAL CG2    C  N N 412 
VAL OXT    O  N N 413 
VAL H      H  N N 414 
VAL H2     H  N N 415 
VAL HA     H  N N 416 
VAL HB     H  N N 417 
VAL HG11   H  N N 418 
VAL HG12   H  N N 419 
VAL HG13   H  N N 420 
VAL HG21   H  N N 421 
VAL HG22   H  N N 422 
VAL HG23   H  N N 423 
VAL HXT    H  N N 424 
# 
loop_
_chem_comp_bond.comp_id 
_chem_comp_bond.atom_id_1 
_chem_comp_bond.atom_id_2 
_chem_comp_bond.value_order 
_chem_comp_bond.pdbx_aromatic_flag 
_chem_comp_bond.pdbx_stereo_config 
_chem_comp_bond.pdbx_ordinal 
ALA N     CA     sing N N 1   
ALA N     H      sing N N 2   
ALA N     H2     sing N N 3   
ALA CA    C      sing N N 4   
ALA CA    CB     sing N N 5   
ALA CA    HA     sing N N 6   
ALA C     O      doub N N 7   
ALA C     OXT    sing N N 8   
ALA CB    HB1    sing N N 9   
ALA CB    HB2    sing N N 10  
ALA CB    HB3    sing N N 11  
ALA OXT   HXT    sing N N 12  
ARG N     CA     sing N N 13  
ARG N     H      sing N N 14  
ARG N     H2     sing N N 15  
ARG CA    C      sing N N 16  
ARG CA    CB     sing N N 17  
ARG CA    HA     sing N N 18  
ARG C     O      doub N N 19  
ARG C     OXT    sing N N 20  
ARG CB    CG     sing N N 21  
ARG CB    HB2    sing N N 22  
ARG CB    HB3    sing N N 23  
ARG CG    CD     sing N N 24  
ARG CG    HG2    sing N N 25  
ARG CG    HG3    sing N N 26  
ARG CD    NE     sing N N 27  
ARG CD    HD2    sing N N 28  
ARG CD    HD3    sing N N 29  
ARG NE    CZ     sing N N 30  
ARG NE    HE     sing N N 31  
ARG CZ    NH1    sing N N 32  
ARG CZ    NH2    doub N N 33  
ARG NH1   HH11   sing N N 34  
ARG NH1   HH12   sing N N 35  
ARG NH2   HH21   sing N N 36  
ARG NH2   HH22   sing N N 37  
ARG OXT   HXT    sing N N 38  
ASN N     CA     sing N N 39  
ASN N     H      sing N N 40  
ASN N     H2     sing N N 41  
ASN CA    C      sing N N 42  
ASN CA    CB     sing N N 43  
ASN CA    HA     sing N N 44  
ASN C     O      doub N N 45  
ASN C     OXT    sing N N 46  
ASN CB    CG     sing N N 47  
ASN CB    HB2    sing N N 48  
ASN CB    HB3    sing N N 49  
ASN CG    OD1    doub N N 50  
ASN CG    ND2    sing N N 51  
ASN ND2   HD21   sing N N 52  
ASN ND2   HD22   sing N N 53  
ASN OXT   HXT    sing N N 54  
ASP N     CA     sing N N 55  
ASP N     H      sing N N 56  
ASP N     H2     sing N N 57  
ASP CA    C      sing N N 58  
ASP CA    CB     sing N N 59  
ASP CA    HA     sing N N 60  
ASP C     O      doub N N 61  
ASP C     OXT    sing N N 62  
ASP CB    CG     sing N N 63  
ASP CB    HB2    sing N N 64  
ASP CB    HB3    sing N N 65  
ASP CG    OD1    doub N N 66  
ASP CG    OD2    sing N N 67  
ASP OD2   HD2    sing N N 68  
ASP OXT   HXT    sing N N 69  
GDP PB    O1B    doub N N 70  
GDP PB    O2B    sing N N 71  
GDP PB    O3B    sing N N 72  
GDP PB    O3A    sing N N 73  
GDP O2B   HOB2   sing N N 74  
GDP O3B   HOB3   sing N N 75  
GDP O3A   PA     sing N N 76  
GDP PA    O1A    doub N N 77  
GDP PA    O2A    sing N N 78  
GDP PA    "O5'"  sing N N 79  
GDP O2A   HOA2   sing N N 80  
GDP "O5'" "C5'"  sing N N 81  
GDP "C5'" "C4'"  sing N N 82  
GDP "C5'" "H5'"  sing N N 83  
GDP "C5'" "H5''" sing N N 84  
GDP "C4'" "O4'"  sing N N 85  
GDP "C4'" "C3'"  sing N N 86  
GDP "C4'" "H4'"  sing N N 87  
GDP "O4'" "C1'"  sing N N 88  
GDP "C3'" "O3'"  sing N N 89  
GDP "C3'" "C2'"  sing N N 90  
GDP "C3'" "H3'"  sing N N 91  
GDP "O3'" "HO3'" sing N N 92  
GDP "C2'" "O2'"  sing N N 93  
GDP "C2'" "C1'"  sing N N 94  
GDP "C2'" "H2'"  sing N N 95  
GDP "O2'" "HO2'" sing N N 96  
GDP "C1'" N9     sing N N 97  
GDP "C1'" "H1'"  sing N N 98  
GDP N9    C8     sing Y N 99  
GDP N9    C4     sing Y N 100 
GDP C8    N7     doub Y N 101 
GDP C8    H8     sing N N 102 
GDP N7    C5     sing Y N 103 
GDP C5    C6     sing N N 104 
GDP C5    C4     doub Y N 105 
GDP C6    O6     doub N N 106 
GDP C6    N1     sing N N 107 
GDP N1    C2     sing N N 108 
GDP N1    HN1    sing N N 109 
GDP C2    N2     sing N N 110 
GDP C2    N3     doub N N 111 
GDP N2    HN21   sing N N 112 
GDP N2    HN22   sing N N 113 
GDP N3    C4     sing N N 114 
GLN N     CA     sing N N 115 
GLN N     H      sing N N 116 
GLN N     H2     sing N N 117 
GLN CA    C      sing N N 118 
GLN CA    CB     sing N N 119 
GLN CA    HA     sing N N 120 
GLN C     O      doub N N 121 
GLN C     OXT    sing N N 122 
GLN CB    CG     sing N N 123 
GLN CB    HB2    sing N N 124 
GLN CB    HB3    sing N N 125 
GLN CG    CD     sing N N 126 
GLN CG    HG2    sing N N 127 
GLN CG    HG3    sing N N 128 
GLN CD    OE1    doub N N 129 
GLN CD    NE2    sing N N 130 
GLN NE2   HE21   sing N N 131 
GLN NE2   HE22   sing N N 132 
GLN OXT   HXT    sing N N 133 
GLU N     CA     sing N N 134 
GLU N     H      sing N N 135 
GLU N     H2     sing N N 136 
GLU CA    C      sing N N 137 
GLU CA    CB     sing N N 138 
GLU CA    HA     sing N N 139 
GLU C     O      doub N N 140 
GLU C     OXT    sing N N 141 
GLU CB    CG     sing N N 142 
GLU CB    HB2    sing N N 143 
GLU CB    HB3    sing N N 144 
GLU CG    CD     sing N N 145 
GLU CG    HG2    sing N N 146 
GLU CG    HG3    sing N N 147 
GLU CD    OE1    doub N N 148 
GLU CD    OE2    sing N N 149 
GLU OE2   HE2    sing N N 150 
GLU OXT   HXT    sing N N 151 
GLY N     CA     sing N N 152 
GLY N     H      sing N N 153 
GLY N     H2     sing N N 154 
GLY CA    C      sing N N 155 
GLY CA    HA2    sing N N 156 
GLY CA    HA3    sing N N 157 
GLY C     O      doub N N 158 
GLY C     OXT    sing N N 159 
GLY OXT   HXT    sing N N 160 
HIS N     CA     sing N N 161 
HIS N     H      sing N N 162 
HIS N     H2     sing N N 163 
HIS CA    C      sing N N 164 
HIS CA    CB     sing N N 165 
HIS CA    HA     sing N N 166 
HIS C     O      doub N N 167 
HIS C     OXT    sing N N 168 
HIS CB    CG     sing N N 169 
HIS CB    HB2    sing N N 170 
HIS CB    HB3    sing N N 171 
HIS CG    ND1    sing Y N 172 
HIS CG    CD2    doub Y N 173 
HIS ND1   CE1    doub Y N 174 
HIS ND1   HD1    sing N N 175 
HIS CD2   NE2    sing Y N 176 
HIS CD2   HD2    sing N N 177 
HIS CE1   NE2    sing Y N 178 
HIS CE1   HE1    sing N N 179 
HIS NE2   HE2    sing N N 180 
HIS OXT   HXT    sing N N 181 
HOH O     H1     sing N N 182 
HOH O     H2     sing N N 183 
ILE N     CA     sing N N 184 
ILE N     H      sing N N 185 
ILE N     H2     sing N N 186 
ILE CA    C      sing N N 187 
ILE CA    CB     sing N N 188 
ILE CA    HA     sing N N 189 
ILE C     O      doub N N 190 
ILE C     OXT    sing N N 191 
ILE CB    CG1    sing N N 192 
ILE CB    CG2    sing N N 193 
ILE CB    HB     sing N N 194 
ILE CG1   CD1    sing N N 195 
ILE CG1   HG12   sing N N 196 
ILE CG1   HG13   sing N N 197 
ILE CG2   HG21   sing N N 198 
ILE CG2   HG22   sing N N 199 
ILE CG2   HG23   sing N N 200 
ILE CD1   HD11   sing N N 201 
ILE CD1   HD12   sing N N 202 
ILE CD1   HD13   sing N N 203 
ILE OXT   HXT    sing N N 204 
LEU N     CA     sing N N 205 
LEU N     H      sing N N 206 
LEU N     H2     sing N N 207 
LEU CA    C      sing N N 208 
LEU CA    CB     sing N N 209 
LEU CA    HA     sing N N 210 
LEU C     O      doub N N 211 
LEU C     OXT    sing N N 212 
LEU CB    CG     sing N N 213 
LEU CB    HB2    sing N N 214 
LEU CB    HB3    sing N N 215 
LEU CG    CD1    sing N N 216 
LEU CG    CD2    sing N N 217 
LEU CG    HG     sing N N 218 
LEU CD1   HD11   sing N N 219 
LEU CD1   HD12   sing N N 220 
LEU CD1   HD13   sing N N 221 
LEU CD2   HD21   sing N N 222 
LEU CD2   HD22   sing N N 223 
LEU CD2   HD23   sing N N 224 
LEU OXT   HXT    sing N N 225 
LYS N     CA     sing N N 226 
LYS N     H      sing N N 227 
LYS N     H2     sing N N 228 
LYS CA    C      sing N N 229 
LYS CA    CB     sing N N 230 
LYS CA    HA     sing N N 231 
LYS C     O      doub N N 232 
LYS C     OXT    sing N N 233 
LYS CB    CG     sing N N 234 
LYS CB    HB2    sing N N 235 
LYS CB    HB3    sing N N 236 
LYS CG    CD     sing N N 237 
LYS CG    HG2    sing N N 238 
LYS CG    HG3    sing N N 239 
LYS CD    CE     sing N N 240 
LYS CD    HD2    sing N N 241 
LYS CD    HD3    sing N N 242 
LYS CE    NZ     sing N N 243 
LYS CE    HE2    sing N N 244 
LYS CE    HE3    sing N N 245 
LYS NZ    HZ1    sing N N 246 
LYS NZ    HZ2    sing N N 247 
LYS NZ    HZ3    sing N N 248 
LYS OXT   HXT    sing N N 249 
MET N     CA     sing N N 250 
MET N     H      sing N N 251 
MET N     H2     sing N N 252 
MET CA    C      sing N N 253 
MET CA    CB     sing N N 254 
MET CA    HA     sing N N 255 
MET C     O      doub N N 256 
MET C     OXT    sing N N 257 
MET CB    CG     sing N N 258 
MET CB    HB2    sing N N 259 
MET CB    HB3    sing N N 260 
MET CG    SD     sing N N 261 
MET CG    HG2    sing N N 262 
MET CG    HG3    sing N N 263 
MET SD    CE     sing N N 264 
MET CE    HE1    sing N N 265 
MET CE    HE2    sing N N 266 
MET CE    HE3    sing N N 267 
MET OXT   HXT    sing N N 268 
NO3 N     O1     doub N N 269 
NO3 N     O2     sing N N 270 
NO3 N     O3     sing N N 271 
PHE N     CA     sing N N 272 
PHE N     H      sing N N 273 
PHE N     H2     sing N N 274 
PHE CA    C      sing N N 275 
PHE CA    CB     sing N N 276 
PHE CA    HA     sing N N 277 
PHE C     O      doub N N 278 
PHE C     OXT    sing N N 279 
PHE CB    CG     sing N N 280 
PHE CB    HB2    sing N N 281 
PHE CB    HB3    sing N N 282 
PHE CG    CD1    doub Y N 283 
PHE CG    CD2    sing Y N 284 
PHE CD1   CE1    sing Y N 285 
PHE CD1   HD1    sing N N 286 
PHE CD2   CE2    doub Y N 287 
PHE CD2   HD2    sing N N 288 
PHE CE1   CZ     doub Y N 289 
PHE CE1   HE1    sing N N 290 
PHE CE2   CZ     sing Y N 291 
PHE CE2   HE2    sing N N 292 
PHE CZ    HZ     sing N N 293 
PHE OXT   HXT    sing N N 294 
PRO N     CA     sing N N 295 
PRO N     CD     sing N N 296 
PRO N     H      sing N N 297 
PRO CA    C      sing N N 298 
PRO CA    CB     sing N N 299 
PRO CA    HA     sing N N 300 
PRO C     O      doub N N 301 
PRO C     OXT    sing N N 302 
PRO CB    CG     sing N N 303 
PRO CB    HB2    sing N N 304 
PRO CB    HB3    sing N N 305 
PRO CG    CD     sing N N 306 
PRO CG    HG2    sing N N 307 
PRO CG    HG3    sing N N 308 
PRO CD    HD2    sing N N 309 
PRO CD    HD3    sing N N 310 
PRO OXT   HXT    sing N N 311 
SER N     CA     sing N N 312 
SER N     H      sing N N 313 
SER N     H2     sing N N 314 
SER CA    C      sing N N 315 
SER CA    CB     sing N N 316 
SER CA    HA     sing N N 317 
SER C     O      doub N N 318 
SER C     OXT    sing N N 319 
SER CB    OG     sing N N 320 
SER CB    HB2    sing N N 321 
SER CB    HB3    sing N N 322 
SER OG    HG     sing N N 323 
SER OXT   HXT    sing N N 324 
THR N     CA     sing N N 325 
THR N     H      sing N N 326 
THR N     H2     sing N N 327 
THR CA    C      sing N N 328 
THR CA    CB     sing N N 329 
THR CA    HA     sing N N 330 
THR C     O      doub N N 331 
THR C     OXT    sing N N 332 
THR CB    OG1    sing N N 333 
THR CB    CG2    sing N N 334 
THR CB    HB     sing N N 335 
THR OG1   HG1    sing N N 336 
THR CG2   HG21   sing N N 337 
THR CG2   HG22   sing N N 338 
THR CG2   HG23   sing N N 339 
THR OXT   HXT    sing N N 340 
TRP N     CA     sing N N 341 
TRP N     H      sing N N 342 
TRP N     H2     sing N N 343 
TRP CA    C      sing N N 344 
TRP CA    CB     sing N N 345 
TRP CA    HA     sing N N 346 
TRP C     O      doub N N 347 
TRP C     OXT    sing N N 348 
TRP CB    CG     sing N N 349 
TRP CB    HB2    sing N N 350 
TRP CB    HB3    sing N N 351 
TRP CG    CD1    doub Y N 352 
TRP CG    CD2    sing Y N 353 
TRP CD1   NE1    sing Y N 354 
TRP CD1   HD1    sing N N 355 
TRP CD2   CE2    doub Y N 356 
TRP CD2   CE3    sing Y N 357 
TRP NE1   CE2    sing Y N 358 
TRP NE1   HE1    sing N N 359 
TRP CE2   CZ2    sing Y N 360 
TRP CE3   CZ3    doub Y N 361 
TRP CE3   HE3    sing N N 362 
TRP CZ2   CH2    doub Y N 363 
TRP CZ2   HZ2    sing N N 364 
TRP CZ3   CH2    sing Y N 365 
TRP CZ3   HZ3    sing N N 366 
TRP CH2   HH2    sing N N 367 
TRP OXT   HXT    sing N N 368 
TYR N     CA     sing N N 369 
TYR N     H      sing N N 370 
TYR N     H2     sing N N 371 
TYR CA    C      sing N N 372 
TYR CA    CB     sing N N 373 
TYR CA    HA     sing N N 374 
TYR C     O      doub N N 375 
TYR C     OXT    sing N N 376 
TYR CB    CG     sing N N 377 
TYR CB    HB2    sing N N 378 
TYR CB    HB3    sing N N 379 
TYR CG    CD1    doub Y N 380 
TYR CG    CD2    sing Y N 381 
TYR CD1   CE1    sing Y N 382 
TYR CD1   HD1    sing N N 383 
TYR CD2   CE2    doub Y N 384 
TYR CD2   HD2    sing N N 385 
TYR CE1   CZ     doub Y N 386 
TYR CE1   HE1    sing N N 387 
TYR CE2   CZ     sing Y N 388 
TYR CE2   HE2    sing N N 389 
TYR CZ    OH     sing N N 390 
TYR OH    HH     sing N N 391 
TYR OXT   HXT    sing N N 392 
VAL N     CA     sing N N 393 
VAL N     H      sing N N 394 
VAL N     H2     sing N N 395 
VAL CA    C      sing N N 396 
VAL CA    CB     sing N N 397 
VAL CA    HA     sing N N 398 
VAL C     O      doub N N 399 
VAL C     OXT    sing N N 400 
VAL CB    CG1    sing N N 401 
VAL CB    CG2    sing N N 402 
VAL CB    HB     sing N N 403 
VAL CG1   HG11   sing N N 404 
VAL CG1   HG12   sing N N 405 
VAL CG1   HG13   sing N N 406 
VAL CG2   HG21   sing N N 407 
VAL CG2   HG22   sing N N 408 
VAL CG2   HG23   sing N N 409 
VAL OXT   HXT    sing N N 410 
# 
_atom_sites.entry_id                    2FE4 
_atom_sites.fract_transf_matrix[1][1]   -0.00603825 
_atom_sites.fract_transf_matrix[1][2]   0.01266862 
_atom_sites.fract_transf_matrix[1][3]   -0.02393968 
_atom_sites.fract_transf_matrix[2][1]   0.01049176 
_atom_sites.fract_transf_matrix[2][2]   0.01199475 
_atom_sites.fract_transf_matrix[2][3]   0.00370118 
_atom_sites.fract_transf_matrix[3][1]   0.01104193 
_atom_sites.fract_transf_matrix[3][2]   -0.00756385 
_atom_sites.fract_transf_matrix[3][3]   -0.00678779 
_atom_sites.fract_transf_vector[1]      0.435656 
_atom_sites.fract_transf_vector[2]      0.438411 
_atom_sites.fract_transf_vector[3]      0.314685 
# 
loop_
_atom_type.symbol 
C  
MG 
N  
O  
P  
S  
# 
loop_
_atom_site.group_PDB 
_atom_site.id 
_atom_site.type_symbol 
_atom_site.label_atom_id 
_atom_site.label_alt_id 
_atom_site.label_comp_id 
_atom_site.label_asym_id 
_atom_site.label_entity_id 
_atom_site.label_seq_id 
_atom_site.pdbx_PDB_ins_code 
_atom_site.Cartn_x 
_atom_site.Cartn_y 
_atom_site.Cartn_z 
_atom_site.occupancy 
_atom_site.B_iso_or_equiv 
_atom_site.pdbx_formal_charge 
_atom_site.auth_seq_id 
_atom_site.auth_comp_id 
_atom_site.auth_asym_id 
_atom_site.auth_atom_id 
_atom_site.pdbx_PDB_model_num 
ATOM   1    N  N     . PHE A 1 3   ? -7.849  13.261  -2.338  1.00 22.92 ? 14  PHE A N     1 
ATOM   2    C  CA    . PHE A 1 3   ? -7.305  11.899  -2.661  1.00 23.63 ? 14  PHE A CA    1 
ATOM   3    C  C     . PHE A 1 3   ? -5.810  11.818  -2.429  1.00 21.80 ? 14  PHE A C     1 
ATOM   4    O  O     . PHE A 1 3   ? -5.015  11.951  -3.357  1.00 19.56 ? 14  PHE A O     1 
ATOM   5    C  CB    . PHE A 1 3   ? -7.566  11.528  -4.119  1.00 24.20 ? 14  PHE A CB    1 
ATOM   6    C  CG    . PHE A 1 3   ? -9.015  11.495  -4.474  0.70 25.53 ? 14  PHE A CG    1 
ATOM   7    C  CD1   . PHE A 1 3   ? -9.643  10.301  -4.786  0.70 26.27 ? 14  PHE A CD1   1 
ATOM   8    C  CD2   . PHE A 1 3   ? -9.764  12.666  -4.475  0.70 23.79 ? 14  PHE A CD2   1 
ATOM   9    C  CE1   . PHE A 1 3   ? -10.988 10.266  -5.097  0.70 25.97 ? 14  PHE A CE1   1 
ATOM   10   C  CE2   . PHE A 1 3   ? -11.109 12.645  -4.782  0.70 26.81 ? 14  PHE A CE2   1 
ATOM   11   C  CZ    . PHE A 1 3   ? -11.722 11.448  -5.093  0.70 25.68 ? 14  PHE A CZ    1 
ATOM   12   N  N     . LYS A 1 4   ? -5.424  11.569  -1.190  1.00 22.38 ? 15  LYS A N     1 
ATOM   13   C  CA    . LYS A 1 4   ? -4.018  11.475  -0.862  1.00 23.36 ? 15  LYS A CA    1 
ATOM   14   C  C     . LYS A 1 4   ? -3.775  10.058  -0.347  1.00 21.57 ? 15  LYS A C     1 
ATOM   15   O  O     . LYS A 1 4   ? -4.344  9.640   0.664   1.00 19.64 ? 15  LYS A O     1 
ATOM   16   C  CB    . LYS A 1 4   ? -3.674  12.571  0.159   1.00 22.58 ? 15  LYS A CB    1 
ATOM   17   C  CG    . LYS A 1 4   ? -3.970  13.960  -0.436  1.00 25.19 ? 15  LYS A CG    1 
ATOM   18   C  CD    . LYS A 1 4   ? -3.685  15.086  0.508   0.50 23.77 ? 15  LYS A CD    1 
ATOM   19   C  CE    . LYS A 1 4   ? -3.326  16.311  -0.296  0.50 25.81 ? 15  LYS A CE    1 
ATOM   20   N  NZ    . LYS A 1 4   ? -2.146  16.989  0.308   0.80 25.74 ? 15  LYS A NZ    1 
ATOM   21   N  N     . LEU A 1 5   ? -2.970  9.313   -1.103  1.00 18.29 ? 16  LEU A N     1 
ATOM   22   C  CA    . LEU A 1 5   ? -2.642  7.920   -0.814  1.00 19.73 ? 16  LEU A CA    1 
ATOM   23   C  C     . LEU A 1 5   ? -1.234  7.726   -0.283  1.00 19.19 ? 16  LEU A C     1 
ATOM   24   O  O     . LEU A 1 5   ? -0.269  8.032   -0.979  1.00 20.46 ? 16  LEU A O     1 
ATOM   25   C  CB    . LEU A 1 5   ? -2.777  7.074   -2.094  1.00 18.24 ? 16  LEU A CB    1 
ATOM   26   C  CG    . LEU A 1 5   ? -4.156  6.737   -2.669  1.00 18.15 ? 16  LEU A CG    1 
ATOM   27   C  CD1   . LEU A 1 5   ? -5.040  7.969   -2.706  1.00 14.88 ? 16  LEU A CD1   1 
ATOM   28   C  CD2   . LEU A 1 5   ? -3.978  6.162   -4.067  1.00 14.99 ? 16  LEU A CD2   1 
ATOM   29   N  N     . VAL A 1 6   ? -1.121  7.211   0.938   1.00 12.70 ? 17  VAL A N     1 
ATOM   30   C  CA    . VAL A 1 6   ? 0.185   6.959   1.532   1.00 15.65 ? 17  VAL A CA    1 
ATOM   31   C  C     . VAL A 1 6   ? 0.483   5.466   1.609   1.00 13.68 ? 17  VAL A C     1 
ATOM   32   O  O     . VAL A 1 6   ? -0.319  4.687   2.125   1.00 15.47 ? 17  VAL A O     1 
ATOM   33   C  CB    . VAL A 1 6   ? 0.299   7.558   2.957   1.00 18.25 ? 17  VAL A CB    1 
ATOM   34   C  CG1   . VAL A 1 6   ? 1.354   6.824   3.752   1.00 21.80 ? 17  VAL A CG1   1 
ATOM   35   C  CG2   . VAL A 1 6   ? 0.688   9.016   2.871   1.00 24.25 ? 17  VAL A CG2   1 
ATOM   36   N  N     . PHE A 1 7   ? 1.643   5.075   1.091   1.00 11.35 ? 18  PHE A N     1 
ATOM   37   C  CA    . PHE A 1 7   ? 2.062   3.683   1.111   1.00 8.86  ? 18  PHE A CA    1 
ATOM   38   C  C     . PHE A 1 7   ? 2.919   3.399   2.332   1.00 10.02 ? 18  PHE A C     1 
ATOM   39   O  O     . PHE A 1 7   ? 3.897   4.100   2.607   1.00 8.95  ? 18  PHE A O     1 
ATOM   40   C  CB    . PHE A 1 7   ? 2.812   3.336   -0.179  1.00 9.85  ? 18  PHE A CB    1 
ATOM   41   C  CG    . PHE A 1 7   ? 1.904   3.137   -1.360  1.00 7.15  ? 18  PHE A CG    1 
ATOM   42   C  CD1   . PHE A 1 7   ? 1.242   4.212   -1.930  1.00 11.36 ? 18  PHE A CD1   1 
ATOM   43   C  CD2   . PHE A 1 7   ? 1.653   1.862   -1.853  1.00 6.77  ? 18  PHE A CD2   1 
ATOM   44   C  CE1   . PHE A 1 7   ? 0.331   4.022   -2.977  1.00 14.35 ? 18  PHE A CE1   1 
ATOM   45   C  CE2   . PHE A 1 7   ? 0.749   1.659   -2.894  1.00 9.11  ? 18  PHE A CE2   1 
ATOM   46   C  CZ    . PHE A 1 7   ? 0.085   2.743   -3.458  1.00 8.95  ? 18  PHE A CZ    1 
ATOM   47   N  N     . LEU A 1 8   ? 2.529   2.370   3.074   1.00 5.84  ? 19  LEU A N     1 
ATOM   48   C  CA    . LEU A 1 8   ? 3.229   1.989   4.289   1.00 7.46  ? 19  LEU A CA    1 
ATOM   49   C  C     . LEU A 1 8   ? 3.499   0.495   4.274   1.00 9.31  ? 19  LEU A C     1 
ATOM   50   O  O     . LEU A 1 8   ? 2.795   -0.274  3.612   1.00 7.37  ? 19  LEU A O     1 
ATOM   51   C  CB    . LEU A 1 8   ? 2.385   2.340   5.519   1.00 10.47 ? 19  LEU A CB    1 
ATOM   52   C  CG    . LEU A 1 8   ? 1.863   3.779   5.614   1.00 15.87 ? 19  LEU A CG    1 
ATOM   53   C  CD1   . LEU A 1 8   ? 0.901   3.894   6.787   1.00 16.23 ? 19  LEU A CD1   1 
ATOM   54   C  CD2   . LEU A 1 8   ? 3.024   4.742   5.766   1.00 14.59 ? 19  LEU A CD2   1 
ATOM   55   N  N     . GLY A 1 9   ? 4.519   0.094   5.020   1.00 8.20  ? 20  GLY A N     1 
ATOM   56   C  CA    . GLY A 1 9   ? 4.880   -1.305  5.085   1.00 9.70  ? 20  GLY A CA    1 
ATOM   57   C  C     . GLY A 1 9   ? 6.376   -1.439  5.252   1.00 8.99  ? 20  GLY A C     1 
ATOM   58   O  O     . GLY A 1 9   ? 7.122   -0.473  5.071   1.00 8.15  ? 20  GLY A O     1 
ATOM   59   N  N     . GLU A 1 10  ? 6.818   -2.643  5.586   1.00 9.00  ? 21  GLU A N     1 
ATOM   60   C  CA    . GLU A 1 10  ? 8.237   -2.898  5.787   1.00 10.98 ? 21  GLU A CA    1 
ATOM   61   C  C     . GLU A 1 10  ? 9.071   -2.731  4.530   1.00 11.26 ? 21  GLU A C     1 
ATOM   62   O  O     . GLU A 1 10  ? 8.575   -2.850  3.405   1.00 9.93  ? 21  GLU A O     1 
ATOM   63   C  CB    . GLU A 1 10  ? 8.445   -4.307  6.339   1.00 11.41 ? 21  GLU A CB    1 
ATOM   64   C  CG    . GLU A 1 10  ? 7.763   -4.542  7.671   1.00 15.71 ? 21  GLU A CG    1 
ATOM   65   C  CD    . GLU A 1 10  ? 8.207   -3.551  8.726   1.00 12.53 ? 21  GLU A CD    1 
ATOM   66   O  OE1   . GLU A 1 10  ? 9.415   -3.477  9.007   1.00 20.54 ? 21  GLU A OE1   1 
ATOM   67   O  OE2   . GLU A 1 10  ? 7.352   -2.843  9.278   1.00 13.73 ? 21  GLU A OE2   1 
ATOM   68   N  N     . GLN A 1 11  ? 10.352  -2.461  4.747   1.00 11.45 ? 22  GLN A N     1 
ATOM   69   C  CA    . GLN A 1 11  ? 11.315  -2.291  3.677   1.00 14.54 ? 22  GLN A CA    1 
ATOM   70   C  C     . GLN A 1 11  ? 11.222  -3.495  2.750   1.00 12.01 ? 22  GLN A C     1 
ATOM   71   O  O     . GLN A 1 11  ? 11.095  -4.631  3.203   1.00 8.81  ? 22  GLN A O     1 
ATOM   72   C  CB    . GLN A 1 11  ? 12.724  -2.208  4.267   1.00 17.93 ? 22  GLN A CB    1 
ATOM   73   C  CG    . GLN A 1 11  ? 13.813  -1.823  3.282   1.00 24.17 ? 22  GLN A CG    1 
ATOM   74   C  CD    . GLN A 1 11  ? 15.201  -2.068  3.843   1.00 28.70 ? 22  GLN A CD    1 
ATOM   75   O  OE1   . GLN A 1 11  ? 16.174  -1.440  3.427   1.00 27.72 ? 22  GLN A OE1   1 
ATOM   76   N  NE2   . GLN A 1 11  ? 15.300  -3.001  4.785   1.00 32.30 ? 22  GLN A NE2   1 
ATOM   77   N  N     . SER A 1 12  ? 11.280  -3.222  1.455   1.00 11.06 ? 23  SER A N     1 
ATOM   78   C  CA    . SER A 1 12  ? 11.214  -4.225  0.399   1.00 14.81 ? 23  SER A CA    1 
ATOM   79   C  C     . SER A 1 12  ? 9.945   -5.049  0.180   1.00 12.73 ? 23  SER A C     1 
ATOM   80   O  O     . SER A 1 12  ? 10.026  -6.123  -0.412  1.00 11.23 ? 23  SER A O     1 
ATOM   81   C  CB    . SER A 1 12  ? 12.401  -5.185  0.502   1.00 18.23 ? 23  SER A CB    1 
ATOM   82   O  OG    . SER A 1 12  ? 12.339  -5.956  1.682   1.00 24.57 ? 23  SER A OG    1 
ATOM   83   N  N     . VAL A 1 13  ? 8.784   -4.584  0.628   1.00 12.65 ? 24  VAL A N     1 
ATOM   84   C  CA    . VAL A 1 13  ? 7.557   -5.341  0.357   1.00 11.04 ? 24  VAL A CA    1 
ATOM   85   C  C     . VAL A 1 13  ? 7.141   -4.991  -1.071  1.00 11.96 ? 24  VAL A C     1 
ATOM   86   O  O     . VAL A 1 13  ? 6.355   -5.700  -1.707  1.00 11.68 ? 24  VAL A O     1 
ATOM   87   C  CB    . VAL A 1 13  ? 6.404   -4.975  1.329   1.00 10.83 ? 24  VAL A CB    1 
ATOM   88   C  CG1   . VAL A 1 13  ? 6.650   -5.639  2.664   1.00 10.80 ? 24  VAL A CG1   1 
ATOM   89   C  CG2   . VAL A 1 13  ? 6.301   -3.452  1.501   1.00 2.00  ? 24  VAL A CG2   1 
ATOM   90   N  N     . GLY A 1 14  ? 7.676   -3.877  -1.564  1.00 13.47 ? 25  GLY A N     1 
ATOM   91   C  CA    . GLY A 1 14  ? 7.372   -3.461  -2.919  1.00 12.71 ? 25  GLY A CA    1 
ATOM   92   C  C     . GLY A 1 14  ? 6.531   -2.206  -3.037  1.00 11.37 ? 25  GLY A C     1 
ATOM   93   O  O     . GLY A 1 14  ? 5.863   -2.000  -4.047  1.00 8.74  ? 25  GLY A O     1 
ATOM   94   N  N     . LYS A 1 15  ? 6.562   -1.352  -2.021  1.00 10.67 ? 26  LYS A N     1 
ATOM   95   C  CA    . LYS A 1 15  ? 5.776   -0.129  -2.057  1.00 10.45 ? 26  LYS A CA    1 
ATOM   96   C  C     . LYS A 1 15  ? 6.072   0.731   -3.289  1.00 10.95 ? 26  LYS A C     1 
ATOM   97   O  O     . LYS A 1 15  ? 5.160   1.126   -4.012  1.00 9.73  ? 26  LYS A O     1 
ATOM   98   C  CB    . LYS A 1 15  ? 6.007   0.678   -0.778  1.00 11.23 ? 26  LYS A CB    1 
ATOM   99   C  CG    . LYS A 1 15  ? 5.504   -0.015  0.485   1.00 6.65  ? 26  LYS A CG    1 
ATOM   100  C  CD    . LYS A 1 15  ? 5.704   0.855   1.714   1.00 8.81  ? 26  LYS A CD    1 
ATOM   101  C  CE    . LYS A 1 15  ? 7.185   1.111   1.980   1.00 10.83 ? 26  LYS A CE    1 
ATOM   102  N  NZ    . LYS A 1 15  ? 7.893   -0.118  2.428   1.00 5.82  ? 26  LYS A NZ    1 
ATOM   103  N  N     . THR A 1 16  ? 7.347   1.028   -3.523  1.00 10.66 ? 27  THR A N     1 
ATOM   104  C  CA    . THR A 1 16  ? 7.738   1.841   -4.672  1.00 13.78 ? 27  THR A CA    1 
ATOM   105  C  C     . THR A 1 16  ? 7.410   1.184   -6.007  1.00 10.87 ? 27  THR A C     1 
ATOM   106  O  O     . THR A 1 16  ? 6.962   1.854   -6.935  1.00 12.90 ? 27  THR A O     1 
ATOM   107  C  CB    . THR A 1 16  ? 9.242   2.157   -4.645  1.00 14.55 ? 27  THR A CB    1 
ATOM   108  O  OG1   . THR A 1 16  ? 9.523   2.983   -3.516  1.00 18.04 ? 27  THR A OG1   1 
ATOM   109  C  CG2   . THR A 1 16  ? 9.661   2.898   -5.904  1.00 13.62 ? 27  THR A CG2   1 
ATOM   110  N  N     . SER A 1 17  ? 7.641   -0.122  -6.102  1.00 9.13  ? 28  SER A N     1 
ATOM   111  C  CA    . SER A 1 17  ? 7.359   -0.861  -7.328  1.00 8.25  ? 28  SER A CA    1 
ATOM   112  C  C     . SER A 1 17  ? 5.893   -0.731  -7.708  1.00 7.26  ? 28  SER A C     1 
ATOM   113  O  O     . SER A 1 17  ? 5.558   -0.576  -8.882  1.00 5.94  ? 28  SER A O     1 
ATOM   114  C  CB    . SER A 1 17  ? 7.715   -2.338  -7.154  1.00 12.51 ? 28  SER A CB    1 
ATOM   115  O  OG    . SER A 1 17  ? 9.105   -2.502  -6.942  1.00 10.92 ? 28  SER A OG    1 
ATOM   116  N  N     . LEU A 1 18  ? 5.018   -0.793  -6.708  1.00 9.86  ? 29  LEU A N     1 
ATOM   117  C  CA    . LEU A 1 18  ? 3.585   -0.672  -6.952  1.00 9.01  ? 29  LEU A CA    1 
ATOM   118  C  C     . LEU A 1 18  ? 3.266   0.726   -7.476  1.00 9.67  ? 29  LEU A C     1 
ATOM   119  O  O     . LEU A 1 18  ? 2.490   0.879   -8.423  1.00 8.54  ? 29  LEU A O     1 
ATOM   120  C  CB    . LEU A 1 18  ? 2.807   -0.978  -5.670  1.00 6.62  ? 29  LEU A CB    1 
ATOM   121  C  CG    . LEU A 1 18  ? 2.705   -2.481  -5.369  1.00 9.23  ? 29  LEU A CG    1 
ATOM   122  C  CD1   . LEU A 1 18  ? 2.390   -2.718  -3.897  1.00 2.11  ? 29  LEU A CD1   1 
ATOM   123  C  CD2   . LEU A 1 18  ? 1.641   -3.095  -6.271  1.00 5.75  ? 29  LEU A CD2   1 
ATOM   124  N  N     . ILE A 1 19  ? 3.873   1.741   -6.869  1.00 9.48  ? 30  ILE A N     1 
ATOM   125  C  CA    . ILE A 1 19  ? 3.671   3.115   -7.310  1.00 11.91 ? 30  ILE A CA    1 
ATOM   126  C  C     . ILE A 1 19  ? 4.214   3.265   -8.732  1.00 11.67 ? 30  ILE A C     1 
ATOM   127  O  O     . ILE A 1 19  ? 3.530   3.764   -9.624  1.00 12.74 ? 30  ILE A O     1 
ATOM   128  C  CB    . ILE A 1 19  ? 4.395   4.103   -6.379  1.00 13.34 ? 30  ILE A CB    1 
ATOM   129  C  CG1   . ILE A 1 19  ? 3.659   4.161   -5.035  1.00 15.22 ? 30  ILE A CG1   1 
ATOM   130  C  CG2   . ILE A 1 19  ? 4.476   5.479   -7.028  1.00 13.37 ? 30  ILE A CG2   1 
ATOM   131  C  CD1   . ILE A 1 19  ? 4.364   4.984   -3.989  1.00 11.79 ? 30  ILE A CD1   1 
ATOM   132  N  N     . THR A 1 20  ? 5.448   2.810   -8.929  1.00 11.94 ? 31  THR A N     1 
ATOM   133  C  CA    . THR A 1 20  ? 6.117   2.872   -10.228 1.00 11.29 ? 31  THR A CA    1 
ATOM   134  C  C     . THR A 1 20  ? 5.319   2.119   -11.289 1.00 11.06 ? 31  THR A C     1 
ATOM   135  O  O     . THR A 1 20  ? 5.200   2.575   -12.429 1.00 8.88  ? 31  THR A O     1 
ATOM   136  C  CB    . THR A 1 20  ? 7.545   2.283   -10.126 1.00 10.22 ? 31  THR A CB    1 
ATOM   137  O  OG1   . THR A 1 20  ? 8.302   3.065   -9.198  1.00 10.74 ? 31  THR A OG1   1 
ATOM   138  C  CG2   . THR A 1 20  ? 8.247   2.302   -11.470 1.00 12.41 ? 31  THR A CG2   1 
ATOM   139  N  N     . ARG A 1 21  ? 4.761   0.972   -10.916 1.00 11.04 ? 32  ARG A N     1 
ATOM   140  C  CA    . ARG A 1 21  ? 3.975   0.211   -11.873 1.00 9.24  ? 32  ARG A CA    1 
ATOM   141  C  C     . ARG A 1 21  ? 2.717   0.946   -12.307 1.00 11.46 ? 32  ARG A C     1 
ATOM   142  O  O     . ARG A 1 21  ? 2.393   1.006   -13.491 1.00 12.16 ? 32  ARG A O     1 
ATOM   143  C  CB    . ARG A 1 21  ? 3.546   -1.150  -11.323 1.00 7.55  ? 32  ARG A CB    1 
ATOM   144  C  CG    . ARG A 1 21  ? 3.067   -2.046  -12.429 1.00 14.04 ? 32  ARG A CG    1 
ATOM   145  C  CD    . ARG A 1 21  ? 4.082   -2.010  -13.505 1.00 19.96 ? 32  ARG A CD    1 
ATOM   146  N  NE    . ARG A 1 21  ? 3.620   -2.534  -14.765 1.00 26.01 ? 32  ARG A NE    1 
ATOM   147  C  CZ    . ARG A 1 21  ? 3.842   -3.783  -15.156 1.00 24.32 ? 32  ARG A CZ    1 
ATOM   148  N  NH1   . ARG A 1 21  ? 3.330   -4.205  -16.328 1.00 25.17 ? 32  ARG A NH1   1 
ATOM   149  N  NH2   . ARG A 1 21  ? 4.586   -4.611  -14.436 1.00 24.30 ? 32  ARG A NH2   1 
ATOM   150  N  N     . PHE A 1 22  ? 1.992   1.486   -11.341 1.00 10.00 ? 33  PHE A N     1 
ATOM   151  C  CA    . PHE A 1 22  ? 0.764   2.205   -11.627 1.00 10.98 ? 33  PHE A CA    1 
ATOM   152  C  C     . PHE A 1 22  ? 0.990   3.468   -12.459 1.00 12.41 ? 33  PHE A C     1 
ATOM   153  O  O     . PHE A 1 22  ? 0.205   3.791   -13.342 1.00 13.30 ? 33  PHE A O     1 
ATOM   154  C  CB    . PHE A 1 22  ? 0.083   2.577   -10.317 1.00 10.63 ? 33  PHE A CB    1 
ATOM   155  C  CG    . PHE A 1 22  ? -1.188  3.358   -10.489 1.00 13.91 ? 33  PHE A CG    1 
ATOM   156  C  CD1   . PHE A 1 22  ? -2.234  2.851   -11.252 1.00 14.97 ? 33  PHE A CD1   1 
ATOM   157  C  CD2   . PHE A 1 22  ? -1.337  4.600   -9.885  1.00 10.61 ? 33  PHE A CD2   1 
ATOM   158  C  CE1   . PHE A 1 22  ? -3.413  3.572   -11.418 1.00 12.43 ? 33  PHE A CE1   1 
ATOM   159  C  CE2   . PHE A 1 22  ? -2.510  5.328   -10.042 1.00 12.37 ? 33  PHE A CE2   1 
ATOM   160  C  CZ    . PHE A 1 22  ? -3.550  4.814   -10.811 1.00 14.27 ? 33  PHE A CZ    1 
ATOM   161  N  N     . MET A 1 23  ? 2.073   4.174   -12.158 1.00 13.42 ? 34  MET A N     1 
ATOM   162  C  CA    . MET A 1 23  ? 2.404   5.420   -12.828 1.00 14.89 ? 34  MET A CA    1 
ATOM   163  C  C     . MET A 1 23  ? 3.041   5.332   -14.226 1.00 16.00 ? 34  MET A C     1 
ATOM   164  O  O     . MET A 1 23  ? 2.593   6.030   -15.141 1.00 16.38 ? 34  MET A O     1 
ATOM   165  C  CB    . MET A 1 23  ? 3.300   6.273   -11.917 1.00 15.62 ? 34  MET A CB    1 
ATOM   166  C  CG    . MET A 1 23  ? 2.638   6.861   -10.670 1.00 16.48 ? 34  MET A CG    1 
ATOM   167  S  SD    . MET A 1 23  ? 1.828   8.448   -10.949 1.00 17.73 ? 34  MET A SD    1 
ATOM   168  C  CE    . MET A 1 23  ? 2.901   9.176   -12.160 1.00 14.46 ? 34  MET A CE    1 
ATOM   169  N  N     . TYR A 1 24  ? 4.065   4.489   -14.396 1.00 14.62 ? 35  TYR A N     1 
ATOM   170  C  CA    . TYR A 1 24  ? 4.751   4.364   -15.687 1.00 14.91 ? 35  TYR A CA    1 
ATOM   171  C  C     . TYR A 1 24  ? 4.579   2.995   -16.351 1.00 15.62 ? 35  TYR A C     1 
ATOM   172  O  O     . TYR A 1 24  ? 5.068   2.757   -17.457 1.00 16.94 ? 35  TYR A O     1 
ATOM   173  C  CB    . TYR A 1 24  ? 6.230   4.689   -15.496 1.00 16.36 ? 35  TYR A CB    1 
ATOM   174  C  CG    . TYR A 1 24  ? 6.446   5.958   -14.704 1.00 19.63 ? 35  TYR A CG    1 
ATOM   175  C  CD1   . TYR A 1 24  ? 5.967   7.180   -15.171 1.00 19.61 ? 35  TYR A CD1   1 
ATOM   176  C  CD2   . TYR A 1 24  ? 7.080   5.930   -13.458 1.00 18.21 ? 35  TYR A CD2   1 
ATOM   177  C  CE1   . TYR A 1 24  ? 6.098   8.346   -14.421 1.00 21.17 ? 35  TYR A CE1   1 
ATOM   178  C  CE2   . TYR A 1 24  ? 7.219   7.098   -12.696 1.00 21.74 ? 35  TYR A CE2   1 
ATOM   179  C  CZ    . TYR A 1 24  ? 6.723   8.299   -13.184 1.00 23.62 ? 35  TYR A CZ    1 
ATOM   180  O  OH    . TYR A 1 24  ? 6.821   9.449   -12.431 1.00 24.51 ? 35  TYR A OH    1 
ATOM   181  N  N     . ASP A 1 25  ? 3.861   2.108   -15.675 1.00 16.24 ? 36  ASP A N     1 
ATOM   182  C  CA    . ASP A 1 25  ? 3.635   0.762   -16.174 1.00 17.94 ? 36  ASP A CA    1 
ATOM   183  C  C     . ASP A 1 25  ? 4.953   0.066   -16.513 1.00 18.40 ? 36  ASP A C     1 
ATOM   184  O  O     . ASP A 1 25  ? 5.105   -0.522  -17.587 1.00 19.91 ? 36  ASP A O     1 
ATOM   185  C  CB    . ASP A 1 25  ? 2.712   0.787   -17.403 1.00 19.76 ? 36  ASP A CB    1 
ATOM   186  C  CG    . ASP A 1 25  ? 2.278   -0.607  -17.835 1.00 20.93 ? 36  ASP A CG    1 
ATOM   187  O  OD1   . ASP A 1 25  ? 1.895   -1.413  -16.954 1.00 16.45 ? 36  ASP A OD1   1 
ATOM   188  O  OD2   . ASP A 1 25  ? 2.322   -0.893  -19.054 0.50 16.64 ? 36  ASP A OD2   1 
ATOM   189  N  N     . SER A 1 26  ? 5.903   0.144   -15.586 1.00 15.90 ? 37  SER A N     1 
ATOM   190  C  CA    . SER A 1 26  ? 7.210   -0.484  -15.750 1.00 14.94 ? 37  SER A CA    1 
ATOM   191  C  C     . SER A 1 26  ? 7.621   -1.150  -14.437 1.00 14.96 ? 37  SER A C     1 
ATOM   192  O  O     . SER A 1 26  ? 6.987   -0.940  -13.403 1.00 15.81 ? 37  SER A O     1 
ATOM   193  C  CB    . SER A 1 26  ? 8.266   0.558   -16.144 1.00 16.06 ? 37  SER A CB    1 
ATOM   194  O  OG    . SER A 1 26  ? 8.451   1.528   -15.124 1.00 16.36 ? 37  SER A OG    1 
ATOM   195  N  N     . PHE A 1 27  ? 8.680   -1.951  -14.484 1.00 15.19 ? 38  PHE A N     1 
ATOM   196  C  CA    . PHE A 1 27  ? 9.174   -2.642  -13.300 1.00 17.56 ? 38  PHE A CA    1 
ATOM   197  C  C     . PHE A 1 27  ? 10.684  -2.882  -13.374 1.00 20.33 ? 38  PHE A C     1 
ATOM   198  O  O     . PHE A 1 27  ? 11.180  -3.457  -14.341 1.00 21.68 ? 38  PHE A O     1 
ATOM   199  C  CB    . PHE A 1 27  ? 8.437   -3.974  -13.122 1.00 12.74 ? 38  PHE A CB    1 
ATOM   200  C  CG    . PHE A 1 27  ? 8.961   -4.809  -11.991 1.00 12.69 ? 38  PHE A CG    1 
ATOM   201  C  CD1   . PHE A 1 27  ? 9.980   -5.731  -12.204 1.00 14.53 ? 38  PHE A CD1   1 
ATOM   202  C  CD2   . PHE A 1 27  ? 8.472   -4.641  -10.701 1.00 12.66 ? 38  PHE A CD2   1 
ATOM   203  C  CE1   . PHE A 1 27  ? 10.509  -6.477  -11.146 1.00 16.93 ? 38  PHE A CE1   1 
ATOM   204  C  CE2   . PHE A 1 27  ? 8.990   -5.380  -9.635  1.00 16.13 ? 38  PHE A CE2   1 
ATOM   205  C  CZ    . PHE A 1 27  ? 10.011  -6.298  -9.857  1.00 15.65 ? 38  PHE A CZ    1 
ATOM   206  N  N     . ASP A 1 28  ? 11.402  -2.435  -12.345 1.00 24.42 ? 39  ASP A N     1 
ATOM   207  C  CA    . ASP A 1 28  ? 12.859  -2.590  -12.263 1.00 29.21 ? 39  ASP A CA    1 
ATOM   208  C  C     . ASP A 1 28  ? 13.161  -3.467  -11.042 1.00 29.80 ? 39  ASP A C     1 
ATOM   209  O  O     . ASP A 1 28  ? 12.649  -3.208  -9.949  1.00 32.30 ? 39  ASP A O     1 
ATOM   210  C  CB    . ASP A 1 28  ? 13.514  -1.209  -12.114 1.00 30.73 ? 39  ASP A CB    1 
ATOM   211  C  CG    . ASP A 1 28  ? 15.016  -1.238  -12.355 1.00 32.35 ? 39  ASP A CG    1 
ATOM   212  O  OD1   . ASP A 1 28  ? 15.653  -0.167  -12.263 1.00 30.90 ? 39  ASP A OD1   1 
ATOM   213  O  OD2   . ASP A 1 28  ? 15.560  -2.325  -12.640 1.00 34.93 ? 39  ASP A OD2   1 
ATOM   214  N  N     . ASN A 1 29  ? 13.999  -4.489  -11.221 1.00 31.54 ? 40  ASN A N     1 
ATOM   215  C  CA    . ASN A 1 29  ? 14.314  -5.425  -10.138 1.00 35.73 ? 40  ASN A CA    1 
ATOM   216  C  C     . ASN A 1 29  ? 15.417  -5.068  -9.122  1.00 38.13 ? 40  ASN A C     1 
ATOM   217  O  O     . ASN A 1 29  ? 15.658  -5.823  -8.177  1.00 36.39 ? 40  ASN A O     1 
ATOM   218  C  CB    . ASN A 1 29  ? 14.544  -6.822  -10.757 1.00 34.81 ? 40  ASN A CB    1 
ATOM   219  C  CG    . ASN A 1 29  ? 15.953  -7.366  -10.556 1.00 39.48 ? 40  ASN A CG    1 
ATOM   220  O  OD1   . ASN A 1 29  ? 16.125  -8.569  -10.367 0.00 39.17 ? 40  ASN A OD1   1 
ATOM   221  N  ND2   . ASN A 1 29  ? 16.957  -6.504  -10.620 1.00 42.12 ? 40  ASN A ND2   1 
ATOM   222  N  N     . THR A 1 30  ? 16.030  -3.899  -9.293  1.00 41.44 ? 41  THR A N     1 
ATOM   223  C  CA    . THR A 1 30  ? 17.111  -3.405  -8.429  1.00 48.34 ? 41  THR A CA    1 
ATOM   224  C  C     . THR A 1 30  ? 16.599  -2.671  -7.183  1.00 50.23 ? 41  THR A C     1 
ATOM   225  O  O     . THR A 1 30  ? 15.392  -2.442  -7.056  1.00 50.33 ? 41  THR A O     1 
ATOM   226  C  CB    . THR A 1 30  ? 17.984  -2.432  -9.212  1.00 47.97 ? 41  THR A CB    1 
ATOM   227  O  OG1   . THR A 1 30  ? 17.716  -1.088  -8.790  1.00 49.82 ? 41  THR A OG1   1 
ATOM   228  C  CG2   . THR A 1 30  ? 17.653  -2.534  -10.676 1.00 50.44 ? 41  THR A CG2   1 
ATOM   229  N  N     . TYR A 1 31  ? 17.487  -2.292  -6.259  1.00 55.83 ? 42  TYR A N     1 
ATOM   230  C  CA    . TYR A 1 31  ? 16.964  -1.579  -5.103  1.00 59.31 ? 42  TYR A CA    1 
ATOM   231  C  C     . TYR A 1 31  ? 16.917  -0.071  -5.133  1.00 61.47 ? 42  TYR A C     1 
ATOM   232  O  O     . TYR A 1 31  ? 17.639  0.607   -5.861  1.00 62.32 ? 42  TYR A O     1 
ATOM   233  C  CB    . TYR A 1 31  ? 17.539  -2.054  -3.733  1.00 60.53 ? 42  TYR A CB    1 
ATOM   234  C  CG    . TYR A 1 31  ? 19.034  -2.076  -3.365  1.00 62.66 ? 42  TYR A CG    1 
ATOM   235  C  CD1   . TYR A 1 31  ? 19.404  -2.091  -2.008  1.00 64.19 ? 42  TYR A CD1   1 
ATOM   236  C  CD2   . TYR A 1 31  ? 20.052  -2.246  -4.309  0.70 63.39 ? 42  TYR A CD2   1 
ATOM   237  C  CE1   . TYR A 1 31  ? 20.726  -2.304  -1.593  1.00 63.32 ? 42  TYR A CE1   1 
ATOM   238  C  CE2   . TYR A 1 31  ? 21.403  -2.461  -3.895  0.70 63.54 ? 42  TYR A CE2   1 
ATOM   239  C  CZ    . TYR A 1 31  ? 21.721  -2.489  -2.537  1.00 63.78 ? 42  TYR A CZ    1 
ATOM   240  O  OH    . TYR A 1 31  ? 23.018  -2.752  -2.125  1.00 62.25 ? 42  TYR A OH    1 
ATOM   241  N  N     . GLN A 1 32  ? 15.967  0.411   -4.352  1.00 63.61 ? 43  GLN A N     1 
ATOM   242  C  CA    . GLN A 1 32  ? 15.690  1.805   -4.150  1.00 65.40 ? 43  GLN A CA    1 
ATOM   243  C  C     . GLN A 1 32  ? 15.401  1.796   -2.652  1.00 66.96 ? 43  GLN A C     1 
ATOM   244  O  O     . GLN A 1 32  ? 14.389  1.276   -2.200  1.00 68.72 ? 43  GLN A O     1 
ATOM   245  C  CB    . GLN A 1 32  ? 14.457  2.233   -4.968  0.50 64.78 ? 43  GLN A CB    1 
ATOM   246  C  CG    . GLN A 1 32  ? 13.919  3.620   -4.648  0.50 63.58 ? 43  GLN A CG    1 
ATOM   247  C  CD    . GLN A 1 32  ? 13.799  4.558   -5.842  0.50 62.63 ? 43  GLN A CD    1 
ATOM   248  O  OE1   . GLN A 1 32  ? 13.198  4.229   -6.863  0.50 61.92 ? 43  GLN A OE1   1 
ATOM   249  N  NE2   . GLN A 1 32  ? 14.357  5.752   -5.698  0.50 63.27 ? 43  GLN A NE2   1 
ATOM   250  N  N     . ALA A 1 33  ? 16.359  2.276   -1.867  1.00 68.14 ? 44  ALA A N     1 
ATOM   251  C  CA    . ALA A 1 33  ? 16.163  2.357   -0.419  1.00 68.11 ? 44  ALA A CA    1 
ATOM   252  C  C     . ALA A 1 33  ? 15.363  3.624   -0.395  1.00 67.77 ? 44  ALA A C     1 
ATOM   253  O  O     . ALA A 1 33  ? 15.903  4.698   -0.665  1.00 67.57 ? 44  ALA A O     1 
ATOM   254  C  CB    . ALA A 1 33  ? 17.493  2.544   0.295   1.00 67.73 ? 44  ALA A CB    1 
ATOM   255  N  N     . THR A 1 34  ? 14.082  3.547   -0.082  1.00 67.49 ? 45  THR A N     1 
ATOM   256  C  CA    . THR A 1 34  ? 13.349  4.796   -0.194  1.00 67.77 ? 45  THR A CA    1 
ATOM   257  C  C     . THR A 1 34  ? 12.907  5.634   0.954   1.00 68.61 ? 45  THR A C     1 
ATOM   258  O  O     . THR A 1 34  ? 12.147  5.237   1.833   1.00 69.54 ? 45  THR A O     1 
ATOM   259  C  CB    . THR A 1 34  ? 12.131  4.655   -1.111  0.50 66.89 ? 45  THR A CB    1 
ATOM   260  O  OG1   . THR A 1 34  ? 11.023  4.147   -0.370  0.50 66.44 ? 45  THR A OG1   1 
ATOM   261  C  CG2   . THR A 1 34  ? 12.438  3.744   -2.238  0.50 66.34 ? 45  THR A CG2   1 
ATOM   262  N  N     . ILE A 1 35  ? 13.378  6.875   0.878   1.00 68.92 ? 46  ILE A N     1 
ATOM   263  C  CA    . ILE A 1 35  ? 13.049  7.901   1.838   1.00 68.79 ? 46  ILE A CA    1 
ATOM   264  C  C     . ILE A 1 35  ? 13.652  9.113   1.145   1.00 68.36 ? 46  ILE A C     1 
ATOM   265  O  O     . ILE A 1 35  ? 14.539  9.762   1.693   1.00 69.23 ? 46  ILE A O     1 
ATOM   266  C  CB    . ILE A 1 35  ? 13.777  7.715   3.200   0.50 68.21 ? 46  ILE A CB    1 
ATOM   267  C  CG1   . ILE A 1 35  ? 14.059  6.235   3.499   0.50 68.02 ? 46  ILE A CG1   1 
ATOM   268  C  CG2   . ILE A 1 35  ? 12.908  8.265   4.309   0.50 67.95 ? 46  ILE A CG2   1 
ATOM   269  C  CD1   . ILE A 1 35  ? 15.465  5.741   3.152   0.50 66.65 ? 46  ILE A CD1   1 
ATOM   270  N  N     . GLY A 1 36  ? 13.187  9.363   -0.075  1.00 68.13 ? 47  GLY A N     1 
ATOM   271  C  CA    . GLY A 1 36  ? 13.709  10.472  -0.844  1.00 66.87 ? 47  GLY A CA    1 
ATOM   272  C  C     . GLY A 1 36  ? 12.907  10.835  -2.091  1.00 65.76 ? 47  GLY A C     1 
ATOM   273  O  O     . GLY A 1 36  ? 12.365  9.971   -2.786  1.00 66.50 ? 47  GLY A O     1 
ATOM   274  N  N     . ILE A 1 37  ? 12.881  12.143  -2.391  1.00 62.89 ? 48  ILE A N     1 
ATOM   275  C  CA    . ILE A 1 37  ? 12.145  12.775  -3.504  1.00 60.98 ? 48  ILE A CA    1 
ATOM   276  C  C     . ILE A 1 37  ? 10.619  12.491  -3.443  1.00 61.32 ? 48  ILE A C     1 
ATOM   277  O  O     . ILE A 1 37  ? 9.928   12.531  -4.460  1.00 61.57 ? 48  ILE A O     1 
ATOM   278  C  CB    . ILE A 1 37  ? 12.737  12.399  -4.965  0.50 58.72 ? 48  ILE A CB    1 
ATOM   279  C  CG1   . ILE A 1 37  ? 13.200  10.938  -5.062  0.50 57.48 ? 48  ILE A CG1   1 
ATOM   280  C  CG2   . ILE A 1 37  ? 13.898  13.330  -5.335  0.50 58.66 ? 48  ILE A CG2   1 
ATOM   281  C  CD1   . ILE A 1 37  ? 14.714  10.710  -4.966  0.50 56.27 ? 48  ILE A CD1   1 
ATOM   282  N  N     . ASP A 1 38  ? 10.123  12.348  -2.205  1.00 57.90 ? 49  ASP A N     1 
ATOM   283  C  CA    . ASP A 1 38  ? 8.752   11.954  -1.743  1.00 53.21 ? 49  ASP A CA    1 
ATOM   284  C  C     . ASP A 1 38  ? 7.293   11.975  -2.326  1.00 47.70 ? 49  ASP A C     1 
ATOM   285  O  O     . ASP A 1 38  ? 6.408   11.450  -1.634  1.00 46.30 ? 49  ASP A O     1 
ATOM   286  C  CB    . ASP A 1 38  ? 8.641   12.392  -0.245  1.00 54.10 ? 49  ASP A CB    1 
ATOM   287  C  CG    . ASP A 1 38  ? 8.102   13.792  -0.054  1.00 55.17 ? 49  ASP A CG    1 
ATOM   288  O  OD1   . ASP A 1 38  ? 8.658   14.534  0.789   1.00 56.33 ? 49  ASP A OD1   1 
ATOM   289  O  OD2   . ASP A 1 38  ? 7.106   14.141  -0.707  1.00 59.04 ? 49  ASP A OD2   1 
ATOM   290  N  N     . PHE A 1 39  ? 6.958   12.530  -3.493  1.00 41.85 ? 50  PHE A N     1 
ATOM   291  C  CA    . PHE A 1 39  ? 5.538   12.317  -3.927  1.00 33.87 ? 50  PHE A CA    1 
ATOM   292  C  C     . PHE A 1 39  ? 5.232   12.366  -5.423  1.00 29.81 ? 50  PHE A C     1 
ATOM   293  O  O     . PHE A 1 39  ? 5.830   13.129  -6.173  1.00 31.40 ? 50  PHE A O     1 
ATOM   294  C  CB    . PHE A 1 39  ? 4.554   13.221  -3.161  1.00 37.17 ? 50  PHE A CB    1 
ATOM   295  C  CG    . PHE A 1 39  ? 3.958   14.324  -3.987  1.00 37.34 ? 50  PHE A CG    1 
ATOM   296  C  CD1   . PHE A 1 39  ? 2.662   14.237  -4.495  1.00 36.89 ? 50  PHE A CD1   1 
ATOM   297  C  CD2   . PHE A 1 39  ? 4.714   15.439  -4.289  1.00 38.63 ? 50  PHE A CD2   1 
ATOM   298  C  CE1   . PHE A 1 39  ? 2.143   15.261  -5.309  1.00 36.21 ? 50  PHE A CE1   1 
ATOM   299  C  CE2   . PHE A 1 39  ? 4.212   16.452  -5.092  1.00 39.12 ? 50  PHE A CE2   1 
ATOM   300  C  CZ    . PHE A 1 39  ? 2.925   16.367  -5.604  1.00 37.00 ? 50  PHE A CZ    1 
ATOM   301  N  N     . LEU A 1 40  ? 4.294   11.525  -5.855  1.00 23.88 ? 51  LEU A N     1 
ATOM   302  C  CA    . LEU A 1 40  ? 3.912   11.460  -7.264  1.00 19.92 ? 51  LEU A CA    1 
ATOM   303  C  C     . LEU A 1 40  ? 2.431   11.733  -7.461  1.00 18.42 ? 51  LEU A C     1 
ATOM   304  O  O     . LEU A 1 40  ? 1.620   11.414  -6.600  1.00 22.65 ? 51  LEU A O     1 
ATOM   305  C  CB    . LEU A 1 40  ? 4.292   10.091  -7.829  1.00 17.74 ? 51  LEU A CB    1 
ATOM   306  C  CG    . LEU A 1 40  ? 5.809   9.876   -7.807  1.00 20.08 ? 51  LEU A CG    1 
ATOM   307  C  CD1   . LEU A 1 40  ? 6.154   8.437   -8.164  1.00 14.96 ? 51  LEU A CD1   1 
ATOM   308  C  CD2   . LEU A 1 40  ? 6.458   10.864  -8.780  1.00 15.28 ? 51  LEU A CD2   1 
ATOM   309  N  N     . SER A 1 41  ? 2.083   12.319  -8.595  0.50 16.87 ? 52  SER A N     1 
ATOM   310  C  CA    . SER A 1 41  ? 0.697   12.643  -8.866  0.50 15.73 ? 52  SER A CA    1 
ATOM   311  C  C     . SER A 1 41  ? 0.228   12.025  -10.174 0.50 15.93 ? 52  SER A C     1 
ATOM   312  O  O     . SER A 1 41  ? 1.033   11.785  -11.074 0.50 15.70 ? 52  SER A O     1 
ATOM   313  C  CB    . SER A 1 41  ? 0.530   14.165  -8.898  0.50 13.35 ? 52  SER A CB    1 
ATOM   314  O  OG    . SER A 1 41  ? 0.033   14.597  -10.148 0.50 10.99 ? 52  SER A OG    1 
ATOM   315  N  N     . LYS A 1 42  ? -1.075  11.772  -10.278 1.00 17.25 ? 53  LYS A N     1 
ATOM   316  C  CA    . LYS A 1 42  ? -1.666  11.169  -11.472 1.00 19.61 ? 53  LYS A CA    1 
ATOM   317  C  C     . LYS A 1 42  ? -3.197  11.268  -11.518 1.00 19.14 ? 53  LYS A C     1 
ATOM   318  O  O     . LYS A 1 42  ? -3.881  11.113  -10.503 1.00 20.35 ? 53  LYS A O     1 
ATOM   319  C  CB    . LYS A 1 42  ? -1.246  9.702   -11.576 1.00 20.78 ? 53  LYS A CB    1 
ATOM   320  C  CG    . LYS A 1 42  ? -2.044  8.872   -12.573 1.00 26.30 ? 53  LYS A CG    1 
ATOM   321  C  CD    . LYS A 1 42  ? -1.131  8.225   -13.609 1.00 29.15 ? 53  LYS A CD    1 
ATOM   322  C  CE    . LYS A 1 42  ? -1.827  7.062   -14.323 1.00 34.49 ? 53  LYS A CE    1 
ATOM   323  N  NZ    . LYS A 1 42  ? -2.175  5.960   -13.369 1.00 36.32 ? 53  LYS A NZ    1 
ATOM   324  N  N     . THR A 1 43  ? -3.723  11.525  -12.714 1.00 20.02 ? 54  THR A N     1 
ATOM   325  C  CA    . THR A 1 43  ? -5.160  11.634  -12.930 1.00 18.82 ? 54  THR A CA    1 
ATOM   326  C  C     . THR A 1 43  ? -5.651  10.304  -13.479 1.00 19.48 ? 54  THR A C     1 
ATOM   327  O  O     . THR A 1 43  ? -5.044  9.735   -14.381 1.00 24.25 ? 54  THR A O     1 
ATOM   328  C  CB    . THR A 1 43  ? -5.492  12.760  -13.929 1.00 19.17 ? 54  THR A CB    1 
ATOM   329  O  OG1   . THR A 1 43  ? -4.865  13.975  -13.498 1.00 16.76 ? 54  THR A OG1   1 
ATOM   330  C  CG2   . THR A 1 43  ? -7.000  12.985  -14.000 1.00 15.13 ? 54  THR A CG2   1 
ATOM   331  N  N     . MET A 1 44  ? -6.755  9.811   -12.937 1.00 19.63 ? 55  MET A N     1 
ATOM   332  C  CA    . MET A 1 44  ? -7.281  8.521   -13.353 1.00 19.45 ? 55  MET A CA    1 
ATOM   333  C  C     . MET A 1 44  ? -8.789  8.510   -13.588 1.00 19.18 ? 55  MET A C     1 
ATOM   334  O  O     . MET A 1 44  ? -9.537  9.236   -12.939 1.00 19.87 ? 55  MET A O     1 
ATOM   335  C  CB    . MET A 1 44  ? -6.901  7.487   -12.288 1.00 20.18 ? 55  MET A CB    1 
ATOM   336  C  CG    . MET A 1 44  ? -7.671  6.180   -12.320 1.00 25.58 ? 55  MET A CG    1 
ATOM   337  S  SD    . MET A 1 44  ? -7.180  5.112   -10.934 1.00 25.69 ? 55  MET A SD    1 
ATOM   338  C  CE    . MET A 1 44  ? -7.598  6.149   -9.568  1.00 19.70 ? 55  MET A CE    1 
ATOM   339  N  N     . TYR A 1 45  ? -9.228  7.676   -14.522 1.00 17.85 ? 56  TYR A N     1 
ATOM   340  C  CA    . TYR A 1 45  ? -10.641 7.556   -14.829 1.00 18.11 ? 56  TYR A CA    1 
ATOM   341  C  C     . TYR A 1 45  ? -11.348 6.581   -13.901 1.00 17.67 ? 56  TYR A C     1 
ATOM   342  O  O     . TYR A 1 45  ? -10.765 5.598   -13.453 1.00 18.76 ? 56  TYR A O     1 
ATOM   343  C  CB    . TYR A 1 45  ? -10.858 7.047   -16.255 1.00 15.26 ? 56  TYR A CB    1 
ATOM   344  C  CG    . TYR A 1 45  ? -12.284 6.588   -16.452 1.00 14.06 ? 56  TYR A CG    1 
ATOM   345  C  CD1   . TYR A 1 45  ? -13.308 7.516   -16.613 1.00 11.19 ? 56  TYR A CD1   1 
ATOM   346  C  CD2   . TYR A 1 45  ? -12.631 5.237   -16.323 1.00 12.22 ? 56  TYR A CD2   1 
ATOM   347  C  CE1   . TYR A 1 45  ? -14.639 7.126   -16.629 1.00 11.19 ? 56  TYR A CE1   1 
ATOM   348  C  CE2   . TYR A 1 45  ? -13.971 4.833   -16.334 1.00 13.59 ? 56  TYR A CE2   1 
ATOM   349  C  CZ    . TYR A 1 45  ? -14.969 5.788   -16.485 1.00 16.45 ? 56  TYR A CZ    1 
ATOM   350  O  OH    . TYR A 1 45  ? -16.301 5.422   -16.481 1.00 16.15 ? 56  TYR A OH    1 
ATOM   351  N  N     . LEU A 1 46  ? -12.616 6.861   -13.622 1.00 19.52 ? 57  LEU A N     1 
ATOM   352  C  CA    . LEU A 1 46  ? -13.448 5.962   -12.814 1.00 19.98 ? 57  LEU A CA    1 
ATOM   353  C  C     . LEU A 1 46  ? -14.846 6.518   -12.522 1.00 21.59 ? 57  LEU A C     1 
ATOM   354  O  O     . LEU A 1 46  ? -15.027 7.721   -12.350 1.00 20.46 ? 57  LEU A O     1 
ATOM   355  C  CB    . LEU A 1 46  ? -12.758 5.575   -11.505 1.00 22.19 ? 57  LEU A CB    1 
ATOM   356  C  CG    . LEU A 1 46  ? -13.262 6.227   -10.225 1.00 20.71 ? 57  LEU A CG    1 
ATOM   357  C  CD1   . LEU A 1 46  ? -13.089 5.277   -9.055  1.00 17.96 ? 57  LEU A CD1   1 
ATOM   358  C  CD2   . LEU A 1 46  ? -12.515 7.516   -10.022 1.00 26.15 ? 57  LEU A CD2   1 
ATOM   359  N  N     . GLU A 1 47  ? -15.828 5.614   -12.480 1.00 23.18 ? 58  GLU A N     1 
ATOM   360  C  CA    . GLU A 1 47  ? -17.212 5.970   -12.206 1.00 22.53 ? 58  GLU A CA    1 
ATOM   361  C  C     . GLU A 1 47  ? -17.652 7.231   -12.986 1.00 21.35 ? 58  GLU A C     1 
ATOM   362  O  O     . GLU A 1 47  ? -18.091 8.203   -12.377 1.00 24.05 ? 58  GLU A O     1 
ATOM   363  C  CB    . GLU A 1 47  ? -17.364 6.231   -10.692 1.00 25.33 ? 58  GLU A CB    1 
ATOM   364  C  CG    . GLU A 1 47  ? -17.771 5.018   -9.831  1.00 31.94 ? 58  GLU A CG    1 
ATOM   365  C  CD    . GLU A 1 47  ? -17.884 5.348   -8.353  1.00 31.69 ? 58  GLU A CD    1 
ATOM   366  O  OE1   . GLU A 1 47  ? -18.411 6.418   -7.995  1.00 33.22 ? 58  GLU A OE1   1 
ATOM   367  O  OE2   . GLU A 1 47  ? -17.451 4.528   -7.530  1.00 37.68 ? 58  GLU A OE2   1 
ATOM   368  N  N     . ASP A 1 48  ? -17.488 7.245   -14.306 1.00 21.20 ? 59  ASP A N     1 
ATOM   369  C  CA    . ASP A 1 48  ? -17.910 8.429   -15.068 1.00 19.48 ? 59  ASP A CA    1 
ATOM   370  C  C     . ASP A 1 48  ? -17.234 9.747   -14.703 1.00 19.06 ? 59  ASP A C     1 
ATOM   371  O  O     . ASP A 1 48  ? -17.860 10.806  -14.802 1.00 18.31 ? 59  ASP A O     1 
ATOM   372  C  CB    . ASP A 1 48  ? -19.414 8.601   -14.945 1.00 21.97 ? 59  ASP A CB    1 
ATOM   373  C  CG    . ASP A 1 48  ? -20.138 7.423   -15.510 1.00 23.31 ? 59  ASP A CG    1 
ATOM   374  O  OD1   . ASP A 1 48  ? -21.391 7.458   -15.531 1.00 29.47 ? 59  ASP A OD1   1 
ATOM   375  O  OD2   . ASP A 1 48  ? -19.454 6.473   -15.928 0.50 20.21 ? 59  ASP A OD2   1 
ATOM   376  N  N     . ARG A 1 49  ? -15.978 9.705   -14.291 1.00 17.15 ? 60  ARG A N     1 
ATOM   377  C  CA    . ARG A 1 49  ? -15.296 10.951  -13.946 1.00 17.43 ? 60  ARG A CA    1 
ATOM   378  C  C     . ARG A 1 49  ? -13.792 10.777  -13.821 1.00 16.35 ? 60  ARG A C     1 
ATOM   379  O  O     . ARG A 1 49  ? -13.266 9.684   -14.029 1.00 18.73 ? 60  ARG A O     1 
ATOM   380  C  CB    . ARG A 1 49  ? -15.858 11.527  -12.637 1.00 15.91 ? 60  ARG A CB    1 
ATOM   381  C  CG    . ARG A 1 49  ? -15.672 10.664  -11.388 1.00 19.22 ? 60  ARG A CG    1 
ATOM   382  C  CD    . ARG A 1 49  ? -15.814 11.541  -10.121 1.00 19.39 ? 60  ARG A CD    1 
ATOM   383  N  NE    . ARG A 1 49  ? -14.584 12.278  -9.823  1.00 21.43 ? 60  ARG A NE    1 
ATOM   384  C  CZ    . ARG A 1 49  ? -14.414 13.091  -8.781  1.00 22.53 ? 60  ARG A CZ    1 
ATOM   385  N  NH1   . ARG A 1 49  ? -13.248 13.700  -8.598  1.00 22.87 ? 60  ARG A NH1   1 
ATOM   386  N  NH2   . ARG A 1 49  ? -15.406 13.305  -7.927  1.00 14.98 ? 60  ARG A NH2   1 
ATOM   387  N  N     . THR A 1 50  ? -13.114 11.867  -13.477 1.00 15.44 ? 61  THR A N     1 
ATOM   388  C  CA    . THR A 1 50  ? -11.675 11.851  -13.297 1.00 15.77 ? 61  THR A CA    1 
ATOM   389  C  C     . THR A 1 50  ? -11.338 12.278  -11.880 1.00 14.94 ? 61  THR A C     1 
ATOM   390  O  O     . THR A 1 50  ? -12.010 13.126  -11.263 1.00 16.29 ? 61  THR A O     1 
ATOM   391  C  CB    . THR A 1 50  ? -10.985 12.800  -14.268 1.00 14.24 ? 61  THR A CB    1 
ATOM   392  O  OG1   . THR A 1 50  ? -11.315 14.150  -13.950 1.00 16.50 ? 61  THR A OG1   1 
ATOM   393  C  CG2   . THR A 1 50  ? -11.437 12.489  -15.707 1.00 16.58 ? 61  THR A CG2   1 
ATOM   394  N  N     . VAL A 1 51  ? -10.295 11.670  -11.323 1.00 19.54 ? 62  VAL A N     1 
ATOM   395  C  CA    . VAL A 1 51  ? -9.877  12.033  -9.993  1.00 20.33 ? 62  VAL A CA    1 
ATOM   396  C  C     . VAL A 1 51  ? -8.379  12.037  -10.004 1.00 22.14 ? 62  VAL A C     1 
ATOM   397  O  O     . VAL A 1 51  ? -7.757  11.094  -10.466 1.00 20.95 ? 62  VAL A O     1 
ATOM   398  C  CB    . VAL A 1 51  ? -10.391 11.002  -8.912  1.00 20.40 ? 62  VAL A CB    1 
ATOM   399  C  CG1   . VAL A 1 51  ? -11.903 10.877  -9.007  1.00 22.79 ? 62  VAL A CG1   1 
ATOM   400  C  CG2   . VAL A 1 51  ? -9.733  9.632   -9.114  1.00 21.04 ? 62  VAL A CG2   1 
ATOM   401  N  N     . ARG A 1 52  ? -7.791  13.113  -9.513  1.00 25.53 ? 63  ARG A N     1 
ATOM   402  C  CA    . ARG A 1 52  ? -6.347  13.138  -9.486  1.00 26.03 ? 63  ARG A CA    1 
ATOM   403  C  C     . ARG A 1 52  ? -5.857  12.677  -8.127  1.00 25.92 ? 63  ARG A C     1 
ATOM   404  O  O     . ARG A 1 52  ? -6.310  13.152  -7.078  1.00 25.92 ? 63  ARG A O     1 
ATOM   405  C  CB    . ARG A 1 52  ? -5.793  14.532  -9.841  1.00 33.72 ? 63  ARG A CB    1 
ATOM   406  C  CG    . ARG A 1 52  ? -6.351  15.725  -9.086  1.00 39.32 ? 63  ARG A CG    1 
ATOM   407  C  CD    . ARG A 1 52  ? -7.718  16.126  -9.618  1.00 44.29 ? 63  ARG A CD    1 
ATOM   408  N  NE    . ARG A 1 52  ? -8.744  15.217  -9.118  1.00 49.77 ? 63  ARG A NE    1 
ATOM   409  C  CZ    . ARG A 1 52  ? -10.031 15.244  -9.448  1.00 50.83 ? 63  ARG A CZ    1 
ATOM   410  N  NH1   . ARG A 1 52  ? -10.504 16.145  -10.298 1.00 51.64 ? 63  ARG A NH1   1 
ATOM   411  N  NH2   . ARG A 1 52  ? -10.852 14.354  -8.914  1.00 53.54 ? 63  ARG A NH2   1 
ATOM   412  N  N     . LEU A 1 53  ? -4.962  11.698  -8.162  1.00 22.37 ? 64  LEU A N     1 
ATOM   413  C  CA    . LEU A 1 53  ? -4.407  11.129  -6.953  1.00 22.19 ? 64  LEU A CA    1 
ATOM   414  C  C     . LEU A 1 53  ? -3.020  11.646  -6.636  1.00 21.88 ? 64  LEU A C     1 
ATOM   415  O  O     . LEU A 1 53  ? -2.255  12.033  -7.519  1.00 22.53 ? 64  LEU A O     1 
ATOM   416  C  CB    . LEU A 1 53  ? -4.335  9.602   -7.044  1.00 22.46 ? 64  LEU A CB    1 
ATOM   417  C  CG    . LEU A 1 53  ? -5.555  8.768   -7.429  1.00 23.12 ? 64  LEU A CG    1 
ATOM   418  C  CD1   . LEU A 1 53  ? -5.426  7.342   -6.893  1.00 23.38 ? 64  LEU A CD1   1 
ATOM   419  C  CD2   . LEU A 1 53  ? -6.793  9.420   -6.868  1.00 23.90 ? 64  LEU A CD2   1 
ATOM   420  N  N     . GLN A 1 54  ? -2.706  11.636  -5.352  1.00 19.92 ? 65  GLN A N     1 
ATOM   421  C  CA    . GLN A 1 54  ? -1.415  12.075  -4.859  1.00 23.00 ? 65  GLN A CA    1 
ATOM   422  C  C     . GLN A 1 54  ? -0.859  10.855  -4.143  1.00 22.55 ? 65  GLN A C     1 
ATOM   423  O  O     . GLN A 1 54  ? -1.421  10.415  -3.143  1.00 22.40 ? 65  GLN A O     1 
ATOM   424  C  CB    . GLN A 1 54  ? -1.606  13.233  -3.881  1.00 25.60 ? 65  GLN A CB    1 
ATOM   425  C  CG    . GLN A 1 54  ? -0.385  14.083  -3.665  0.50 22.36 ? 65  GLN A CG    1 
ATOM   426  C  CD    . GLN A 1 54  ? -0.691  15.311  -2.844  0.70 21.51 ? 65  GLN A CD    1 
ATOM   427  O  OE1   . GLN A 1 54  ? -0.901  15.228  -1.636  0.70 22.34 ? 65  GLN A OE1   1 
ATOM   428  N  NE2   . GLN A 1 54  ? -0.733  16.464  -3.500  0.70 21.99 ? 65  GLN A NE2   1 
ATOM   429  N  N     . LEU A 1 55  ? 0.232   10.307  -4.664  1.00 22.58 ? 66  LEU A N     1 
ATOM   430  C  CA    . LEU A 1 55  ? 0.829   9.110   -4.098  1.00 23.77 ? 66  LEU A CA    1 
ATOM   431  C  C     . LEU A 1 55  ? 2.063   9.420   -3.261  1.00 26.40 ? 66  LEU A C     1 
ATOM   432  O  O     . LEU A 1 55  ? 3.018   10.028  -3.747  1.00 30.23 ? 66  LEU A O     1 
ATOM   433  C  CB    . LEU A 1 55  ? 1.201   8.152   -5.227  1.00 25.30 ? 66  LEU A CB    1 
ATOM   434  C  CG    . LEU A 1 55  ? 0.214   8.083   -6.393  1.00 23.84 ? 66  LEU A CG    1 
ATOM   435  C  CD1   . LEU A 1 55  ? 0.697   7.061   -7.415  1.00 22.79 ? 66  LEU A CD1   1 
ATOM   436  C  CD2   . LEU A 1 55  ? -1.162  7.716   -5.887  1.00 25.19 ? 66  LEU A CD2   1 
ATOM   437  N  N     . TRP A 1 56  ? 2.034   8.993   -2.003  1.00 24.78 ? 67  TRP A N     1 
ATOM   438  C  CA    . TRP A 1 56  ? 3.145   9.223   -1.092  1.00 24.37 ? 67  TRP A CA    1 
ATOM   439  C  C     . TRP A 1 56  ? 3.870   7.920   -0.780  1.00 24.89 ? 67  TRP A C     1 
ATOM   440  O  O     . TRP A 1 56  ? 3.258   6.948   -0.337  1.00 28.05 ? 67  TRP A O     1 
ATOM   441  C  CB    . TRP A 1 56  ? 2.635   9.877   0.192   1.00 23.63 ? 67  TRP A CB    1 
ATOM   442  C  CG    . TRP A 1 56  ? 1.977   11.192  -0.071  1.00 24.63 ? 67  TRP A CG    1 
ATOM   443  C  CD1   . TRP A 1 56  ? 0.795   11.398  -0.719  1.00 23.91 ? 67  TRP A CD1   1 
ATOM   444  C  CD2   . TRP A 1 56  ? 2.516   12.479  0.212   1.00 25.21 ? 67  TRP A CD2   1 
ATOM   445  N  NE1   . TRP A 1 56  ? 0.567   12.742  -0.869  1.00 23.35 ? 67  TRP A NE1   1 
ATOM   446  C  CE2   . TRP A 1 56  ? 1.610   13.439  -0.303  1.00 22.12 ? 67  TRP A CE2   1 
ATOM   447  C  CE3   . TRP A 1 56  ? 3.679   12.943  0.842   1.00 29.63 ? 67  TRP A CE3   1 
ATOM   448  C  CZ2   . TRP A 1 56  ? 1.826   14.812  -0.212  1.00 25.79 ? 67  TRP A CZ2   1 
ATOM   449  C  CZ3   . TRP A 1 56  ? 3.900   14.315  0.941   1.00 31.33 ? 67  TRP A CZ3   1 
ATOM   450  C  CH2   . TRP A 1 56  ? 2.973   15.233  0.412   1.00 29.35 ? 67  TRP A CH2   1 
ATOM   451  N  N     . ASP A 1 57  ? 5.179   7.925   -1.018  1.00 23.59 ? 68  ASP A N     1 
ATOM   452  C  CA    . ASP A 1 57  ? 6.063   6.777   -0.810  1.00 25.50 ? 68  ASP A CA    1 
ATOM   453  C  C     . ASP A 1 57  ? 6.877   6.939   0.487   1.00 28.33 ? 68  ASP A C     1 
ATOM   454  O  O     . ASP A 1 57  ? 7.559   7.947   0.664   1.00 29.03 ? 68  ASP A O     1 
ATOM   455  C  CB    . ASP A 1 57  ? 7.009   6.679   -2.013  1.00 21.67 ? 68  ASP A CB    1 
ATOM   456  C  CG    . ASP A 1 57  ? 7.639   5.317   -2.153  1.00 21.42 ? 68  ASP A CG    1 
ATOM   457  O  OD1   . ASP A 1 57  ? 8.428   5.118   -3.108  1.00 20.97 ? 68  ASP A OD1   1 
ATOM   458  O  OD2   . ASP A 1 57  ? 7.339   4.451   -1.309  1.00 14.96 ? 68  ASP A OD2   1 
ATOM   459  N  N     . THR A 1 58  ? 6.827   5.956   1.389   1.00 31.52 ? 69  THR A N     1 
ATOM   460  C  CA    . THR A 1 58  ? 7.568   6.072   2.651   1.00 33.77 ? 69  THR A CA    1 
ATOM   461  C  C     . THR A 1 58  ? 8.593   4.973   2.942   1.00 38.48 ? 69  THR A C     1 
ATOM   462  O  O     . THR A 1 58  ? 8.635   3.937   2.274   1.00 37.26 ? 69  THR A O     1 
ATOM   463  C  CB    . THR A 1 58  ? 6.616   6.132   3.862   0.50 29.86 ? 69  THR A CB    1 
ATOM   464  O  OG1   . THR A 1 58  ? 6.237   4.804   4.240   0.50 24.47 ? 69  THR A OG1   1 
ATOM   465  C  CG2   . THR A 1 58  ? 5.370   6.925   3.520   0.50 26.85 ? 69  THR A CG2   1 
ATOM   466  N  N     . ALA A 1 59  ? 9.401   5.217   3.973   1.00 43.28 ? 70  ALA A N     1 
ATOM   467  C  CA    . ALA A 1 59  ? 10.448  4.295   4.399   1.00 48.03 ? 70  ALA A CA    1 
ATOM   468  C  C     . ALA A 1 59  ? 9.997   3.377   5.521   1.00 50.71 ? 70  ALA A C     1 
ATOM   469  O  O     . ALA A 1 59  ? 9.654   3.834   6.612   1.00 52.38 ? 70  ALA A O     1 
ATOM   470  C  CB    . ALA A 1 59  ? 11.661  5.069   4.854   1.00 46.72 ? 70  ALA A CB    1 
ATOM   471  N  N     . GLY A 1 60  ? 10.013  2.080   5.241   1.00 53.48 ? 71  GLY A N     1 
ATOM   472  C  CA    . GLY A 1 60  ? 9.625   1.106   6.234   1.00 57.39 ? 71  GLY A CA    1 
ATOM   473  C  C     . GLY A 1 60  ? 10.804  0.811   7.133   1.00 59.95 ? 71  GLY A C     1 
ATOM   474  O  O     . GLY A 1 60  ? 10.625  0.608   8.339   1.00 60.40 ? 71  GLY A O     1 
ATOM   475  N  N     . GLN A 1 61  ? 12.017  0.798   6.580   1.00 62.83 ? 72  GLN A N     1 
ATOM   476  C  CA    . GLN A 1 61  ? 13.123  0.505   7.462   1.00 64.79 ? 72  GLN A CA    1 
ATOM   477  C  C     . GLN A 1 61  ? 13.752  1.593   8.273   1.00 64.97 ? 72  GLN A C     1 
ATOM   478  O  O     . GLN A 1 61  ? 14.246  2.638   7.824   1.00 65.23 ? 72  GLN A O     1 
ATOM   479  C  CB    . GLN A 1 61  ? 14.176  -0.410  6.840   0.50 64.58 ? 72  GLN A CB    1 
ATOM   480  C  CG    . GLN A 1 61  ? 13.946  -1.801  7.425   0.50 64.26 ? 72  GLN A CG    1 
ATOM   481  C  CD    . GLN A 1 61  ? 15.149  -2.711  7.464   0.50 64.58 ? 72  GLN A CD    1 
ATOM   482  O  OE1   . GLN A 1 61  ? 15.009  -3.906  7.732   0.50 64.38 ? 72  GLN A OE1   1 
ATOM   483  N  NE2   . GLN A 1 61  ? 16.333  -2.165  7.216   0.50 64.04 ? 72  GLN A NE2   1 
ATOM   484  N  N     . GLU A 1 62  ? 13.627  1.241   9.532   1.00 64.75 ? 73  GLU A N     1 
ATOM   485  C  CA    . GLU A 1 62  ? 13.982  1.906   10.754  1.00 64.49 ? 73  GLU A CA    1 
ATOM   486  C  C     . GLU A 1 62  ? 15.150  2.829   11.077  1.00 65.27 ? 73  GLU A C     1 
ATOM   487  O  O     . GLU A 1 62  ? 16.317  2.424   11.203  1.00 66.62 ? 73  GLU A O     1 
ATOM   488  C  CB    . GLU A 1 62  ? 13.885  0.861   11.836  0.50 64.01 ? 73  GLU A CB    1 
ATOM   489  C  CG    . GLU A 1 62  ? 12.656  0.998   12.687  0.50 63.97 ? 73  GLU A CG    1 
ATOM   490  C  CD    . GLU A 1 62  ? 12.885  0.333   13.998  0.50 64.40 ? 73  GLU A CD    1 
ATOM   491  O  OE1   . GLU A 1 62  ? 14.068  0.091   14.311  0.50 64.02 ? 73  GLU A OE1   1 
ATOM   492  O  OE2   . GLU A 1 62  ? 11.909  0.061   14.721  0.50 64.92 ? 73  GLU A OE2   1 
ATOM   493  N  N     . ARG A 1 63  ? 14.747  4.064   11.323  1.00 64.91 ? 74  ARG A N     1 
ATOM   494  C  CA    . ARG A 1 63  ? 15.574  5.205   11.686  1.00 63.68 ? 74  ARG A CA    1 
ATOM   495  C  C     . ARG A 1 63  ? 14.752  6.324   11.069  1.00 63.54 ? 74  ARG A C     1 
ATOM   496  O  O     . ARG A 1 63  ? 14.898  7.500   11.408  1.00 63.61 ? 74  ARG A O     1 
ATOM   497  C  CB    . ARG A 1 63  ? 16.994  5.132   11.088  0.50 63.72 ? 74  ARG A CB    1 
ATOM   498  C  CG    . ARG A 1 63  ? 17.141  5.341   9.591   0.50 63.90 ? 74  ARG A CG    1 
ATOM   499  C  CD    . ARG A 1 63  ? 18.559  5.853   9.298   0.50 63.26 ? 74  ARG A CD    1 
ATOM   500  N  NE    . ARG A 1 63  ? 18.857  5.931   7.870   0.50 63.62 ? 74  ARG A NE    1 
ATOM   501  C  CZ    . ARG A 1 63  ? 19.051  4.873   7.090   0.50 63.30 ? 74  ARG A CZ    1 
ATOM   502  N  NH1   . ARG A 1 63  ? 18.973  3.655   7.602   0.50 63.23 ? 74  ARG A NH1   1 
ATOM   503  N  NH2   . ARG A 1 63  ? 19.321  5.032   5.800   0.50 62.49 ? 74  ARG A NH2   1 
ATOM   504  N  N     . PHE A 1 64  ? 13.834  5.910   10.195  1.00 63.30 ? 75  PHE A N     1 
ATOM   505  C  CA    . PHE A 1 64  ? 12.938  6.825   9.498   1.00 63.22 ? 75  PHE A CA    1 
ATOM   506  C  C     . PHE A 1 64  ? 11.443  6.677   9.761   1.00 62.27 ? 75  PHE A C     1 
ATOM   507  O  O     . PHE A 1 64  ? 10.644  6.996   8.883   1.00 63.96 ? 75  PHE A O     1 
ATOM   508  C  CB    . PHE A 1 64  ? 13.147  6.729   7.990   0.50 63.38 ? 75  PHE A CB    1 
ATOM   509  C  CG    . PHE A 1 64  ? 14.240  7.603   7.486   0.50 64.14 ? 75  PHE A CG    1 
ATOM   510  C  CD1   . PHE A 1 64  ? 15.506  7.087   7.245   0.50 64.54 ? 75  PHE A CD1   1 
ATOM   511  C  CD2   . PHE A 1 64  ? 14.014  8.956   7.275   0.50 64.36 ? 75  PHE A CD2   1 
ATOM   512  C  CE1   . PHE A 1 64  ? 16.533  7.908   6.803   0.50 65.00 ? 75  PHE A CE1   1 
ATOM   513  C  CE2   . PHE A 1 64  ? 15.031  9.783   6.834   0.50 64.89 ? 75  PHE A CE2   1 
ATOM   514  C  CZ    . PHE A 1 64  ? 16.295  9.260   6.597   0.50 64.86 ? 75  PHE A CZ    1 
ATOM   515  N  N     . ARG A 1 65  ? 11.039  6.196   10.928  1.00 60.72 ? 76  ARG A N     1 
ATOM   516  C  CA    . ARG A 1 65  ? 9.607   6.077   11.182  1.00 60.27 ? 76  ARG A CA    1 
ATOM   517  C  C     . ARG A 1 65  ? 9.198   7.222   12.109  1.00 58.51 ? 76  ARG A C     1 
ATOM   518  O  O     . ARG A 1 65  ? 8.018   7.441   12.385  1.00 56.49 ? 76  ARG A O     1 
ATOM   519  C  CB    . ARG A 1 65  ? 9.287   4.701   11.782  0.50 59.87 ? 76  ARG A CB    1 
ATOM   520  C  CG    . ARG A 1 65  ? 9.953   3.556   11.008  0.50 59.87 ? 76  ARG A CG    1 
ATOM   521  C  CD    . ARG A 1 65  ? 9.256   2.217   11.199  0.50 59.83 ? 76  ARG A CD    1 
ATOM   522  N  NE    . ARG A 1 65  ? 9.103   1.898   12.610  0.50 60.23 ? 76  ARG A NE    1 
ATOM   523  C  CZ    . ARG A 1 65  ? 7.956   1.993   13.271  0.50 59.98 ? 76  ARG A CZ    1 
ATOM   524  N  NH1   . ARG A 1 65  ? 6.860   2.391   12.641  0.50 59.68 ? 76  ARG A NH1   1 
ATOM   525  N  NH2   . ARG A 1 65  ? 7.908   1.702   14.564  0.50 60.50 ? 76  ARG A NH2   1 
ATOM   526  N  N     . SER A 1 66  ? 10.207  7.971   12.547  1.00 58.17 ? 77  SER A N     1 
ATOM   527  C  CA    . SER A 1 66  ? 10.036  9.114   13.437  1.00 56.60 ? 77  SER A CA    1 
ATOM   528  C  C     . SER A 1 66  ? 9.255   10.276  12.816  1.00 55.73 ? 77  SER A C     1 
ATOM   529  O  O     . SER A 1 66  ? 8.660   11.080  13.536  1.00 55.37 ? 77  SER A O     1 
ATOM   530  C  CB    . SER A 1 66  ? 11.409  9.612   13.890  0.50 55.17 ? 77  SER A CB    1 
ATOM   531  O  OG    . SER A 1 66  ? 11.322  10.906  14.454  0.50 52.84 ? 77  SER A OG    1 
ATOM   532  N  N     . LEU A 1 67  ? 9.255   10.362  11.487  1.00 54.05 ? 78  LEU A N     1 
ATOM   533  C  CA    . LEU A 1 67  ? 8.557   11.436  10.779  1.00 52.16 ? 78  LEU A CA    1 
ATOM   534  C  C     . LEU A 1 67  ? 7.264   10.987  10.110  1.00 51.64 ? 78  LEU A C     1 
ATOM   535  O  O     . LEU A 1 67  ? 6.291   11.741  10.049  1.00 52.08 ? 78  LEU A O     1 
ATOM   536  C  CB    . LEU A 1 67  ? 9.479   12.033  9.718   0.50 51.53 ? 78  LEU A CB    1 
ATOM   537  C  CG    . LEU A 1 67  ? 9.084   12.007  8.242   0.50 50.76 ? 78  LEU A CG    1 
ATOM   538  C  CD1   . LEU A 1 67  ? 8.099   13.116  7.989   0.50 50.65 ? 78  LEU A CD1   1 
ATOM   539  C  CD2   . LEU A 1 67  ? 10.312  12.188  7.357   0.50 50.94 ? 78  LEU A CD2   1 
ATOM   540  N  N     . ILE A 1 68  ? 7.266   9.757   9.608   1.00 50.44 ? 79  ILE A N     1 
ATOM   541  C  CA    . ILE A 1 68  ? 6.113   9.186   8.919   1.00 50.13 ? 79  ILE A CA    1 
ATOM   542  C  C     . ILE A 1 68  ? 4.745   9.558   9.505   1.00 49.21 ? 79  ILE A C     1 
ATOM   543  O  O     . ILE A 1 68  ? 3.805   9.840   8.760   1.00 46.71 ? 79  ILE A O     1 
ATOM   544  C  CB    . ILE A 1 68  ? 6.224   7.645   8.853   0.50 50.49 ? 79  ILE A CB    1 
ATOM   545  C  CG1   . ILE A 1 68  ? 7.546   7.242   8.190   0.50 51.23 ? 79  ILE A CG1   1 
ATOM   546  C  CG2   . ILE A 1 68  ? 5.051   7.073   8.068   0.50 50.94 ? 79  ILE A CG2   1 
ATOM   547  C  CD1   . ILE A 1 68  ? 7.697   7.716   6.756   1.00 53.16 ? 79  ILE A CD1   1 
ATOM   548  N  N     . PRO A 1 69  ? 4.613   9.562   10.843  1.00 49.38 ? 80  PRO A N     1 
ATOM   549  C  CA    . PRO A 1 69  ? 3.346   9.904   11.495  1.00 50.03 ? 80  PRO A CA    1 
ATOM   550  C  C     . PRO A 1 69  ? 2.568   11.074  10.888  1.00 50.19 ? 80  PRO A C     1 
ATOM   551  O  O     . PRO A 1 69  ? 1.364   10.955  10.640  1.00 49.94 ? 80  PRO A O     1 
ATOM   552  C  CB    . PRO A 1 69  ? 3.775   10.168  12.931  1.00 50.41 ? 80  PRO A CB    1 
ATOM   553  C  CG    . PRO A 1 69  ? 4.809   9.121   13.132  1.00 49.27 ? 80  PRO A CG    1 
ATOM   554  C  CD    . PRO A 1 69  ? 5.629   9.216   11.855  1.00 50.01 ? 80  PRO A CD    1 
ATOM   555  N  N     . SER A 1 70  ? 3.242   12.201  10.657  1.00 47.60 ? 81  SER A N     1 
ATOM   556  C  CA    . SER A 1 70  ? 2.584   13.370  10.079  1.00 47.01 ? 81  SER A CA    1 
ATOM   557  C  C     . SER A 1 70  ? 1.954   13.053  8.725   1.00 46.91 ? 81  SER A C     1 
ATOM   558  O  O     . SER A 1 70  ? 0.787   13.368  8.491   1.00 46.63 ? 81  SER A O     1 
ATOM   559  C  CB    . SER A 1 70  ? 3.574   14.529  9.927   0.50 45.79 ? 81  SER A CB    1 
ATOM   560  O  OG    . SER A 1 70  ? 3.939   15.061  11.187  0.50 43.23 ? 81  SER A OG    1 
ATOM   561  N  N     . TYR A 1 71  ? 2.730   12.433  7.837   1.00 47.60 ? 82  TYR A N     1 
ATOM   562  C  CA    . TYR A 1 71  ? 2.236   12.076  6.508   1.00 47.77 ? 82  TYR A CA    1 
ATOM   563  C  C     . TYR A 1 71  ? 0.955   11.258  6.619   1.00 47.58 ? 82  TYR A C     1 
ATOM   564  O  O     . TYR A 1 71  ? 0.030   11.417  5.823   1.00 47.47 ? 82  TYR A O     1 
ATOM   565  C  CB    . TYR A 1 71  ? 3.291   11.274  5.740   1.00 46.95 ? 82  TYR A CB    1 
ATOM   566  C  CG    . TYR A 1 71  ? 4.516   12.073  5.352   0.50 48.72 ? 82  TYR A CG    1 
ATOM   567  C  CD1   . TYR A 1 71  ? 4.406   13.214  4.558   0.50 48.69 ? 82  TYR A CD1   1 
ATOM   568  C  CD2   . TYR A 1 71  ? 5.787   11.686  5.774   0.50 48.54 ? 82  TYR A CD2   1 
ATOM   569  C  CE1   . TYR A 1 71  ? 5.533   13.954  4.197   0.50 49.43 ? 82  TYR A CE1   1 
ATOM   570  C  CE2   . TYR A 1 71  ? 6.915   12.415  5.412   0.50 48.90 ? 82  TYR A CE2   1 
ATOM   571  C  CZ    . TYR A 1 71  ? 6.784   13.547  4.628   0.50 48.96 ? 82  TYR A CZ    1 
ATOM   572  O  OH    . TYR A 1 71  ? 7.901   14.274  4.287   0.50 47.44 ? 82  TYR A OH    1 
ATOM   573  N  N     . ILE A 1 72  ? 0.910   10.385  7.616   1.00 47.26 ? 83  ILE A N     1 
ATOM   574  C  CA    . ILE A 1 72  ? -0.254  9.545   7.845   1.00 47.96 ? 83  ILE A CA    1 
ATOM   575  C  C     . ILE A 1 72  ? -1.451  10.377  8.287   1.00 48.18 ? 83  ILE A C     1 
ATOM   576  O  O     . ILE A 1 72  ? -2.578  10.148  7.845   1.00 48.01 ? 83  ILE A O     1 
ATOM   577  C  CB    . ILE A 1 72  ? 0.033   8.505   8.943   1.00 48.37 ? 83  ILE A CB    1 
ATOM   578  C  CG1   . ILE A 1 72  ? 1.162   7.575   8.491   1.00 48.12 ? 83  ILE A CG1   1 
ATOM   579  C  CG2   . ILE A 1 72  ? -1.245  7.735   9.284   1.00 48.03 ? 83  ILE A CG2   1 
ATOM   580  C  CD1   . ILE A 1 72  ? 1.698   6.674   9.584   1.00 45.48 ? 83  ILE A CD1   1 
ATOM   581  N  N     . ARG A 1 73  ? -1.201  11.353  9.153   1.00 47.42 ? 84  ARG A N     1 
ATOM   582  C  CA    . ARG A 1 73  ? -2.273  12.183  9.688   1.00 45.29 ? 84  ARG A CA    1 
ATOM   583  C  C     . ARG A 1 73  ? -3.125  12.923  8.663   1.00 44.64 ? 84  ARG A C     1 
ATOM   584  O  O     . ARG A 1 73  ? -4.331  12.994  8.808   1.00 44.84 ? 84  ARG A O     1 
ATOM   585  C  CB    . ARG A 1 73  ? -1.720  13.177  10.711  1.00 45.04 ? 84  ARG A CB    1 
ATOM   586  C  CG    . ARG A 1 73  ? -2.695  13.501  11.851  1.00 46.20 ? 84  ARG A CG    1 
ATOM   587  C  CD    . ARG A 1 73  ? -3.708  14.588  11.487  1.00 47.05 ? 84  ARG A CD    1 
ATOM   588  N  NE    . ARG A 1 73  ? -4.703  14.804  12.543  1.00 46.42 ? 84  ARG A NE    1 
ATOM   589  C  CZ    . ARG A 1 73  ? -5.544  15.835  12.582  1.00 47.67 ? 84  ARG A CZ    1 
ATOM   590  N  NH1   . ARG A 1 73  ? -5.514  16.759  11.628  1.00 47.48 ? 84  ARG A NH1   1 
ATOM   591  N  NH2   . ARG A 1 73  ? -6.425  15.942  13.567  1.00 46.39 ? 84  ARG A NH2   1 
ATOM   592  N  N     A ASP A 1 74  ? -2.498  13.466  7.623   0.50 43.09 ? 85  ASP A N     1 
ATOM   593  N  N     B ASP A 1 74  ? -2.512  13.491  7.641   0.50 43.24 ? 85  ASP A N     1 
ATOM   594  C  CA    A ASP A 1 74  ? -3.228  14.217  6.604   0.50 42.37 ? 85  ASP A CA    1 
ATOM   595  C  CA    B ASP A 1 74  ? -3.322  14.174  6.647   0.50 42.65 ? 85  ASP A CA    1 
ATOM   596  C  C     A ASP A 1 74  ? -3.342  13.480  5.274   0.50 41.08 ? 85  ASP A C     1 
ATOM   597  C  C     B ASP A 1 74  ? -3.349  13.483  5.287   0.50 41.31 ? 85  ASP A C     1 
ATOM   598  O  O     A ASP A 1 74  ? -3.201  14.069  4.207   0.50 41.65 ? 85  ASP A O     1 
ATOM   599  O  O     B ASP A 1 74  ? -3.130  14.093  4.234   0.50 41.99 ? 85  ASP A O     1 
ATOM   600  C  CB    A ASP A 1 74  ? -2.541  15.567  6.380   0.50 42.35 ? 85  ASP A CB    1 
ATOM   601  C  CB    B ASP A 1 74  ? -2.904  15.634  6.519   0.50 42.85 ? 85  ASP A CB    1 
ATOM   602  C  CG    A ASP A 1 74  ? -1.040  15.438  6.228   0.50 42.22 ? 85  ASP A CG    1 
ATOM   603  C  CG    B ASP A 1 74  ? -3.944  16.576  7.103   0.50 42.83 ? 85  ASP A CG    1 
ATOM   604  O  OD1   A ASP A 1 74  ? -0.548  14.296  6.152   0.50 44.24 ? 85  ASP A OD1   1 
ATOM   605  O  OD1   B ASP A 1 74  ? -4.747  17.146  6.337   0.50 43.59 ? 85  ASP A OD1   1 
ATOM   606  O  OD2   A ASP A 1 74  ? -0.347  16.472  6.183   0.50 42.44 ? 85  ASP A OD2   1 
ATOM   607  O  OD2   B ASP A 1 74  ? -3.973  16.735  8.335   0.50 43.30 ? 85  ASP A OD2   1 
ATOM   608  N  N     . SER A 1 75  ? -3.621  12.178  5.342   1.00 40.11 ? 86  SER A N     1 
ATOM   609  C  CA    . SER A 1 75  ? -3.741  11.350  4.149   1.00 36.13 ? 86  SER A CA    1 
ATOM   610  C  C     . SER A 1 75  ? -5.138  10.728  4.186   1.00 33.15 ? 86  SER A C     1 
ATOM   611  O  O     . SER A 1 75  ? -5.608  10.315  5.247   1.00 34.06 ? 86  SER A O     1 
ATOM   612  C  CB    . SER A 1 75  ? -2.683  10.250  4.163   1.00 33.03 ? 86  SER A CB    1 
ATOM   613  O  OG    . SER A 1 75  ? -3.279  8.971   4.034   1.00 32.21 ? 86  SER A OG    1 
ATOM   614  N  N     . THR A 1 76  ? -5.804  10.658  3.037   1.00 29.11 ? 87  THR A N     1 
ATOM   615  C  CA    . THR A 1 76  ? -7.154  10.100  2.981   1.00 26.40 ? 87  THR A CA    1 
ATOM   616  C  C     . THR A 1 76  ? -7.213  8.580   2.785   1.00 24.62 ? 87  THR A C     1 
ATOM   617  O  O     . THR A 1 76  ? -8.231  7.945   3.071   1.00 21.61 ? 87  THR A O     1 
ATOM   618  C  CB    . THR A 1 76  ? -7.980  10.780  1.873   1.00 24.85 ? 87  THR A CB    1 
ATOM   619  O  OG1   . THR A 1 76  ? -7.349  10.574  0.607   1.00 32.09 ? 87  THR A OG1   1 
ATOM   620  C  CG2   . THR A 1 76  ? -8.079  12.278  2.132   1.00 31.07 ? 87  THR A CG2   1 
ATOM   621  N  N     . VAL A 1 77  ? -6.119  8.001   2.307   1.00 20.24 ? 88  VAL A N     1 
ATOM   622  C  CA    . VAL A 1 77  ? -6.053  6.564   2.093   1.00 18.15 ? 88  VAL A CA    1 
ATOM   623  C  C     . VAL A 1 77  ? -4.688  6.016   2.479   1.00 18.67 ? 88  VAL A C     1 
ATOM   624  O  O     . VAL A 1 77  ? -3.654  6.535   2.057   1.00 21.30 ? 88  VAL A O     1 
ATOM   625  C  CB    . VAL A 1 77  ? -6.311  6.203   0.622   1.00 22.22 ? 88  VAL A CB    1 
ATOM   626  C  CG1   . VAL A 1 77  ? -6.267  4.683   0.444   1.00 17.86 ? 88  VAL A CG1   1 
ATOM   627  C  CG2   . VAL A 1 77  ? -7.654  6.764   0.177   1.00 23.70 ? 88  VAL A CG2   1 
ATOM   628  N  N     . ALA A 1 78  ? -4.686  4.963   3.285   1.00 13.04 ? 89  ALA A N     1 
ATOM   629  C  CA    . ALA A 1 78  ? -3.439  4.352   3.704   1.00 10.65 ? 89  ALA A CA    1 
ATOM   630  C  C     . ALA A 1 78  ? -3.340  2.979   3.064   1.00 8.01  ? 89  ALA A C     1 
ATOM   631  O  O     . ALA A 1 78  ? -4.219  2.133   3.234   1.00 7.63  ? 89  ALA A O     1 
ATOM   632  C  CB    . ALA A 1 78  ? -3.388  4.232   5.226   1.00 14.26 ? 89  ALA A CB    1 
ATOM   633  N  N     . VAL A 1 79  ? -2.277  2.768   2.303   1.00 6.76  ? 90  VAL A N     1 
ATOM   634  C  CA    . VAL A 1 79  ? -2.075  1.486   1.661   1.00 7.14  ? 90  VAL A CA    1 
ATOM   635  C  C     . VAL A 1 79  ? -0.989  0.764   2.439   1.00 3.33  ? 90  VAL A C     1 
ATOM   636  O  O     . VAL A 1 79  ? 0.177   1.147   2.382   1.00 7.74  ? 90  VAL A O     1 
ATOM   637  C  CB    . VAL A 1 79  ? -1.659  1.656   0.179   1.00 5.42  ? 90  VAL A CB    1 
ATOM   638  C  CG1   . VAL A 1 79  ? -1.565  0.289   -0.500  1.00 2.00  ? 90  VAL A CG1   1 
ATOM   639  C  CG2   . VAL A 1 79  ? -2.677  2.527   -0.544  1.00 6.39  ? 90  VAL A CG2   1 
ATOM   640  N  N     . VAL A 1 80  ? -1.390  -0.272  3.174   1.00 6.90  ? 91  VAL A N     1 
ATOM   641  C  CA    . VAL A 1 80  ? -0.473  -1.069  3.993   1.00 6.24  ? 91  VAL A CA    1 
ATOM   642  C  C     . VAL A 1 80  ? -0.054  -2.328  3.239   1.00 5.48  ? 91  VAL A C     1 
ATOM   643  O  O     . VAL A 1 80  ? -0.851  -3.239  3.032   1.00 9.94  ? 91  VAL A O     1 
ATOM   644  C  CB    . VAL A 1 80  ? -1.138  -1.440  5.334   1.00 4.89  ? 91  VAL A CB    1 
ATOM   645  C  CG1   . VAL A 1 80  ? -0.230  -2.347  6.153   1.00 2.98  ? 91  VAL A CG1   1 
ATOM   646  C  CG2   . VAL A 1 80  ? -1.448  -0.175  6.106   1.00 4.97  ? 91  VAL A CG2   1 
ATOM   647  N  N     . VAL A 1 81  ? 1.217   -2.375  2.856   1.00 7.39  ? 92  VAL A N     1 
ATOM   648  C  CA    . VAL A 1 81  ? 1.757   -3.478  2.060   1.00 4.93  ? 92  VAL A CA    1 
ATOM   649  C  C     . VAL A 1 81  ? 2.675   -4.476  2.756   1.00 5.55  ? 92  VAL A C     1 
ATOM   650  O  O     . VAL A 1 81  ? 3.488   -4.105  3.601   1.00 3.83  ? 92  VAL A O     1 
ATOM   651  C  CB    . VAL A 1 81  ? 2.561   -2.928  0.863   1.00 2.18  ? 92  VAL A CB    1 
ATOM   652  C  CG1   . VAL A 1 81  ? 2.883   -4.040  -0.111  1.00 2.00  ? 92  VAL A CG1   1 
ATOM   653  C  CG2   . VAL A 1 81  ? 1.792   -1.806  0.196   1.00 6.60  ? 92  VAL A CG2   1 
ATOM   654  N  N     . TYR A 1 82  ? 2.526   -5.748  2.390   1.00 4.31  ? 93  TYR A N     1 
ATOM   655  C  CA    . TYR A 1 82  ? 3.398   -6.797  2.893   1.00 3.97  ? 93  TYR A CA    1 
ATOM   656  C  C     . TYR A 1 82  ? 3.796   -7.667  1.704   1.00 6.71  ? 93  TYR A C     1 
ATOM   657  O  O     . TYR A 1 82  ? 3.294   -7.488  0.587   1.00 4.68  ? 93  TYR A O     1 
ATOM   658  C  CB    . TYR A 1 82  ? 2.736   -7.635  4.002   1.00 4.81  ? 93  TYR A CB    1 
ATOM   659  C  CG    . TYR A 1 82  ? 1.552   -8.491  3.599   1.00 7.44  ? 93  TYR A CG    1 
ATOM   660  C  CD1   . TYR A 1 82  ? 0.262   -7.957  3.558   1.00 6.47  ? 93  TYR A CD1   1 
ATOM   661  C  CD2   . TYR A 1 82  ? 1.715   -9.845  3.291   1.00 7.63  ? 93  TYR A CD2   1 
ATOM   662  C  CE1   . TYR A 1 82  ? -0.827  -8.740  3.227   1.00 4.32  ? 93  TYR A CE1   1 
ATOM   663  C  CE2   . TYR A 1 82  ? 0.618   -10.648 2.951   1.00 4.90  ? 93  TYR A CE2   1 
ATOM   664  C  CZ    . TYR A 1 82  ? -0.649  -10.079 2.922   1.00 7.38  ? 93  TYR A CZ    1 
ATOM   665  O  OH    . TYR A 1 82  ? -1.741  -10.828 2.568   1.00 5.05  ? 93  TYR A OH    1 
ATOM   666  N  N     . ASP A 1 83  ? 4.716   -8.592  1.946   1.00 9.62  ? 94  ASP A N     1 
ATOM   667  C  CA    . ASP A 1 83  ? 5.221   -9.493  0.919   1.00 8.07  ? 94  ASP A CA    1 
ATOM   668  C  C     . ASP A 1 83  ? 4.731   -10.903 1.246   1.00 8.77  ? 94  ASP A C     1 
ATOM   669  O  O     . ASP A 1 83  ? 5.111   -11.460 2.270   1.00 11.50 ? 94  ASP A O     1 
ATOM   670  C  CB    . ASP A 1 83  ? 6.749   -9.398  0.929   1.00 9.69  ? 94  ASP A CB    1 
ATOM   671  C  CG    . ASP A 1 83  ? 7.426   -10.450 0.067   1.00 15.61 ? 94  ASP A CG    1 
ATOM   672  O  OD1   . ASP A 1 83  ? 8.634   -10.273 -0.207  1.00 17.08 ? 94  ASP A OD1   1 
ATOM   673  O  OD2   . ASP A 1 83  ? 6.779   -11.445 -0.322  1.00 14.71 ? 94  ASP A OD2   1 
ATOM   674  N  N     . ILE A 1 84  ? 3.898   -11.482 0.376   1.00 8.13  ? 95  ILE A N     1 
ATOM   675  C  CA    . ILE A 1 84  ? 3.339   -12.818 0.633   1.00 7.60  ? 95  ILE A CA    1 
ATOM   676  C  C     . ILE A 1 84  ? 4.351   -13.926 0.920   1.00 6.79  ? 95  ILE A C     1 
ATOM   677  O  O     . ILE A 1 84  ? 3.981   -14.992 1.407   1.00 10.59 ? 95  ILE A O     1 
ATOM   678  C  CB    . ILE A 1 84  ? 2.395   -13.296 -0.522  1.00 9.39  ? 95  ILE A CB    1 
ATOM   679  C  CG1   . ILE A 1 84  ? 3.157   -13.361 -1.849  1.00 6.76  ? 95  ILE A CG1   1 
ATOM   680  C  CG2   . ILE A 1 84  ? 1.180   -12.371 -0.639  1.00 3.06  ? 95  ILE A CG2   1 
ATOM   681  C  CD1   . ILE A 1 84  ? 3.369   -14.780 -2.344  1.00 11.69 ? 95  ILE A CD1   1 
ATOM   682  N  N     . THR A 1 85  ? 5.622   -13.680 0.630   1.00 8.80  ? 96  THR A N     1 
ATOM   683  C  CA    . THR A 1 85  ? 6.672   -14.671 0.877   1.00 8.52  ? 96  THR A CA    1 
ATOM   684  C  C     . THR A 1 85  ? 7.471   -14.300 2.123   1.00 11.44 ? 96  THR A C     1 
ATOM   685  O  O     . THR A 1 85  ? 8.423   -14.985 2.480   1.00 7.37  ? 96  THR A O     1 
ATOM   686  C  CB    . THR A 1 85  ? 7.666   -14.737 -0.282  1.00 10.29 ? 96  THR A CB    1 
ATOM   687  O  OG1   . THR A 1 85  ? 8.413   -13.515 -0.324  1.00 3.82  ? 96  THR A OG1   1 
ATOM   688  C  CG2   . THR A 1 85  ? 6.930   -14.939 -1.608  1.00 8.31  ? 96  THR A CG2   1 
ATOM   689  N  N     . ASN A 1 86  ? 7.093   -13.203 2.774   1.00 12.61 ? 97  ASN A N     1 
ATOM   690  C  CA    . ASN A 1 86  ? 7.799   -12.759 3.966   1.00 11.63 ? 97  ASN A CA    1 
ATOM   691  C  C     . ASN A 1 86  ? 6.857   -12.651 5.160   1.00 12.19 ? 97  ASN A C     1 
ATOM   692  O  O     . ASN A 1 86  ? 6.125   -11.664 5.306   1.00 6.96  ? 97  ASN A O     1 
ATOM   693  C  CB    . ASN A 1 86  ? 8.465   -11.407 3.714   1.00 13.00 ? 97  ASN A CB    1 
ATOM   694  C  CG    . ASN A 1 86  ? 9.327   -10.958 4.882   1.00 13.37 ? 97  ASN A CG    1 
ATOM   695  O  OD1   . ASN A 1 86  ? 8.857   -10.860 6.013   1.00 12.78 ? 97  ASN A OD1   1 
ATOM   696  N  ND2   . ASN A 1 86  ? 10.596  -10.683 4.609   1.00 18.26 ? 97  ASN A ND2   1 
ATOM   697  N  N     . LEU A 1 87  ? 6.904   -13.670 6.016   1.00 9.08  ? 98  LEU A N     1 
ATOM   698  C  CA    . LEU A 1 87  ? 6.064   -13.741 7.201   1.00 12.45 ? 98  LEU A CA    1 
ATOM   699  C  C     . LEU A 1 87  ? 6.197   -12.510 8.088   1.00 11.85 ? 98  LEU A C     1 
ATOM   700  O  O     . LEU A 1 87  ? 5.195   -11.997 8.590   1.00 10.22 ? 98  LEU A O     1 
ATOM   701  C  CB    . LEU A 1 87  ? 6.408   -14.997 8.012   1.00 18.03 ? 98  LEU A CB    1 
ATOM   702  C  CG    . LEU A 1 87  ? 5.275   -15.678 8.794   1.00 26.72 ? 98  LEU A CG    1 
ATOM   703  C  CD1   . LEU A 1 87  ? 4.686   -14.730 9.822   1.00 27.42 ? 98  LEU A CD1   1 
ATOM   704  C  CD2   . LEU A 1 87  ? 4.196   -16.138 7.823   1.00 24.28 ? 98  LEU A CD2   1 
ATOM   705  N  N     . ASN A 1 88  ? 7.424   -12.030 8.281   1.00 8.43  ? 99  ASN A N     1 
ATOM   706  C  CA    . ASN A 1 88  ? 7.637   -10.860 9.128   1.00 12.37 ? 99  ASN A CA    1 
ATOM   707  C  C     . ASN A 1 88  ? 6.935   -9.606  8.597   1.00 9.42  ? 99  ASN A C     1 
ATOM   708  O  O     . ASN A 1 88  ? 6.421   -8.806  9.375   1.00 8.69  ? 99  ASN A O     1 
ATOM   709  C  CB    . ASN A 1 88  ? 9.139   -10.582 9.310   1.00 13.34 ? 99  ASN A CB    1 
ATOM   710  C  CG    . ASN A 1 88  ? 9.407   -9.304  10.101  1.00 17.63 ? 99  ASN A CG    1 
ATOM   711  O  OD1   . ASN A 1 88  ? 9.762   -8.272  9.533   1.00 19.93 ? 99  ASN A OD1   1 
ATOM   712  N  ND2   . ASN A 1 88  ? 9.224   -9.368  11.415  1.00 17.99 ? 99  ASN A ND2   1 
ATOM   713  N  N     . SER A 1 89  ? 6.903   -9.451  7.275   1.00 10.60 ? 100 SER A N     1 
ATOM   714  C  CA    . SER A 1 89  ? 6.266   -8.292  6.654   1.00 6.89  ? 100 SER A CA    1 
ATOM   715  C  C     . SER A 1 89  ? 4.760   -8.301  6.898   1.00 8.19  ? 100 SER A C     1 
ATOM   716  O  O     . SER A 1 89  ? 4.130   -7.247  6.988   1.00 9.49  ? 100 SER A O     1 
ATOM   717  C  CB    . SER A 1 89  ? 6.533   -8.279  5.147   1.00 7.34  ? 100 SER A CB    1 
ATOM   718  O  OG    . SER A 1 89  ? 5.695   -9.201  4.466   1.00 5.63  ? 100 SER A OG    1 
ATOM   719  N  N     . PHE A 1 90  ? 4.183   -9.493  6.992   1.00 5.05  ? 101 PHE A N     1 
ATOM   720  C  CA    . PHE A 1 90  ? 2.751   -9.629  7.228   1.00 8.70  ? 101 PHE A CA    1 
ATOM   721  C  C     . PHE A 1 90  ? 2.421   -9.277  8.672   1.00 10.86 ? 101 PHE A C     1 
ATOM   722  O  O     . PHE A 1 90  ? 1.561   -8.430  8.941   1.00 10.84 ? 101 PHE A O     1 
ATOM   723  C  CB    . PHE A 1 90  ? 2.294   -11.061 6.912   1.00 7.72  ? 101 PHE A CB    1 
ATOM   724  C  CG    . PHE A 1 90  ? 0.837   -11.310 7.169   1.00 5.73  ? 101 PHE A CG    1 
ATOM   725  C  CD1   . PHE A 1 90  ? -0.140  -10.584 6.499   1.00 4.88  ? 101 PHE A CD1   1 
ATOM   726  C  CD2   . PHE A 1 90  ? 0.440   -12.292 8.077   1.00 9.34  ? 101 PHE A CD2   1 
ATOM   727  C  CE1   . PHE A 1 90  ? -1.498  -10.821 6.728   1.00 4.54  ? 101 PHE A CE1   1 
ATOM   728  C  CE2   . PHE A 1 90  ? -0.916  -12.541 8.315   1.00 6.28  ? 101 PHE A CE2   1 
ATOM   729  C  CZ    . PHE A 1 90  ? -1.885  -11.801 7.637   1.00 7.90  ? 101 PHE A CZ    1 
ATOM   730  N  N     . GLN A 1 91  ? 3.115   -9.909  9.607   1.00 11.01 ? 102 GLN A N     1 
ATOM   731  C  CA    . GLN A 1 91  ? 2.876   -9.640  11.020  1.00 12.79 ? 102 GLN A CA    1 
ATOM   732  C  C     . GLN A 1 91  ? 3.020   -8.141  11.332  1.00 10.10 ? 102 GLN A C     1 
ATOM   733  O  O     . GLN A 1 91  ? 2.227   -7.579  12.066  1.00 9.40  ? 102 GLN A O     1 
ATOM   734  C  CB    . GLN A 1 91  ? 3.841   -10.480 11.870  1.00 12.01 ? 102 GLN A CB    1 
ATOM   735  C  CG    . GLN A 1 91  ? 3.788   -11.983 11.554  1.00 16.31 ? 102 GLN A CG    1 
ATOM   736  C  CD    . GLN A 1 91  ? 4.829   -12.804 12.315  0.50 14.18 ? 102 GLN A CD    1 
ATOM   737  O  OE1   . GLN A 1 91  ? 5.998   -12.429 12.388  0.50 12.45 ? 102 GLN A OE1   1 
ATOM   738  N  NE2   . GLN A 1 91  ? 4.405   -13.938 12.866  0.50 12.70 ? 102 GLN A NE2   1 
ATOM   739  N  N     A GLN A 1 92  ? 4.038   -7.505  10.755  0.50 11.88 ? 103 GLN A N     1 
ATOM   740  N  N     B GLN A 1 92  ? 4.025   -7.516  10.738  0.50 11.78 ? 103 GLN A N     1 
ATOM   741  C  CA    A GLN A 1 92  ? 4.268   -6.075  10.975  0.50 12.91 ? 103 GLN A CA    1 
ATOM   742  C  CA    B GLN A 1 92  ? 4.277   -6.093  10.944  0.50 12.69 ? 103 GLN A CA    1 
ATOM   743  C  C     A GLN A 1 92  ? 3.125   -5.155  10.503  0.50 12.07 ? 103 GLN A C     1 
ATOM   744  C  C     B GLN A 1 92  ? 3.169   -5.156  10.444  0.50 11.92 ? 103 GLN A C     1 
ATOM   745  O  O     A GLN A 1 92  ? 3.113   -3.959  10.826  0.50 12.76 ? 103 GLN A O     1 
ATOM   746  O  O     B GLN A 1 92  ? 3.241   -3.943  10.703  0.50 12.73 ? 103 GLN A O     1 
ATOM   747  C  CB    A GLN A 1 92  ? 5.596   -5.662  10.311  0.50 15.38 ? 103 GLN A CB    1 
ATOM   748  C  CB    B GLN A 1 92  ? 5.604   -5.691  10.308  0.50 14.82 ? 103 GLN A CB    1 
ATOM   749  C  CG    A GLN A 1 92  ? 6.843   -5.956  11.119  0.80 18.89 ? 103 GLN A CG    1 
ATOM   750  C  CG    B GLN A 1 92  ? 6.751   -5.635  11.297  0.20 17.53 ? 103 GLN A CG    1 
ATOM   751  C  CD    A GLN A 1 92  ? 6.845   -5.239  12.461  0.80 21.04 ? 103 GLN A CD    1 
ATOM   752  C  CD    B GLN A 1 92  ? 8.077   -5.877  10.628  0.20 19.54 ? 103 GLN A CD    1 
ATOM   753  O  OE1   A GLN A 1 92  ? 5.828   -4.724  12.894  0.80 24.18 ? 103 GLN A OE1   1 
ATOM   754  O  OE1   B GLN A 1 92  ? 9.121   -5.421  11.089  0.20 21.49 ? 103 GLN A OE1   1 
ATOM   755  N  NE2   A GLN A 1 92  ? 7.997   -5.211  13.123  0.80 23.38 ? 103 GLN A NE2   1 
ATOM   756  N  NE2   B GLN A 1 92  ? 8.043   -6.617  9.530   0.20 18.24 ? 103 GLN A NE2   1 
ATOM   757  N  N     . THR A 1 93  ? 2.178   -5.685  9.754   1.00 11.62 ? 104 THR A N     1 
ATOM   758  C  CA    . THR A 1 93  ? 1.079   -4.851  9.256   1.00 9.68  ? 104 THR A CA    1 
ATOM   759  C  C     . THR A 1 93  ? 0.207   -4.381  10.408  1.00 9.41  ? 104 THR A C     1 
ATOM   760  O  O     . THR A 1 93  ? -0.484  -3.369  10.286  1.00 9.86  ? 104 THR A O     1 
ATOM   761  C  CB    . THR A 1 93  ? 0.195   -5.556  8.196   1.00 7.67  ? 104 THR A CB    1 
ATOM   762  O  OG1   . THR A 1 93  ? -0.456  -6.684  8.783   1.00 6.00  ? 104 THR A OG1   1 
ATOM   763  C  CG2   . THR A 1 93  ? 1.042   -5.998  7.010   1.00 7.06  ? 104 THR A CG2   1 
ATOM   764  N  N     . SER A 1 94  ? 0.232   -5.111  11.524  1.00 7.68  ? 105 SER A N     1 
ATOM   765  C  CA    . SER A 1 94  ? -0.550  -4.708  12.697  1.00 9.08  ? 105 SER A CA    1 
ATOM   766  C  C     . SER A 1 94  ? 0.033   -3.394  13.204  1.00 8.16  ? 105 SER A C     1 
ATOM   767  O  O     . SER A 1 94  ? -0.692  -2.460  13.543  1.00 9.00  ? 105 SER A O     1 
ATOM   768  C  CB    . SER A 1 94  ? -0.472  -5.756  13.806  1.00 4.97  ? 105 SER A CB    1 
ATOM   769  O  OG    . SER A 1 94  ? -1.219  -6.902  13.454  1.00 13.06 ? 105 SER A OG    1 
ATOM   770  N  N     . LYS A 1 95  ? 1.357   -3.340  13.243  1.00 9.36  ? 106 LYS A N     1 
ATOM   771  C  CA    . LYS A 1 95  ? 2.064   -2.147  13.672  1.00 11.49 ? 106 LYS A CA    1 
ATOM   772  C  C     . LYS A 1 95  ? 1.686   -0.946  12.805  1.00 12.20 ? 106 LYS A C     1 
ATOM   773  O  O     . LYS A 1 95  ? 1.340   0.111   13.329  1.00 17.12 ? 106 LYS A O     1 
ATOM   774  C  CB    . LYS A 1 95  ? 3.571   -2.404  13.612  1.00 9.42  ? 106 LYS A CB    1 
ATOM   775  C  CG    . LYS A 1 95  ? 4.438   -1.159  13.552  1.00 13.43 ? 106 LYS A CG    1 
ATOM   776  C  CD    . LYS A 1 95  ? 5.889   -1.525  13.786  1.00 15.04 ? 106 LYS A CD    1 
ATOM   777  C  CE    . LYS A 1 95  ? 6.838   -0.691  12.958  1.00 15.13 ? 106 LYS A CE    1 
ATOM   778  N  NZ    . LYS A 1 95  ? 6.921   -1.150  11.541  1.00 17.82 ? 106 LYS A NZ    1 
ATOM   779  N  N     . TRP A 1 96  ? 1.742   -1.107  11.485  1.00 10.01 ? 107 TRP A N     1 
ATOM   780  C  CA    . TRP A 1 96  ? 1.404   -0.016  10.575  1.00 8.98  ? 107 TRP A CA    1 
ATOM   781  C  C     . TRP A 1 96  ? -0.053  0.390   10.662  1.00 11.19 ? 107 TRP A C     1 
ATOM   782  O  O     . TRP A 1 96  ? -0.389  1.579   10.597  1.00 10.47 ? 107 TRP A O     1 
ATOM   783  C  CB    . TRP A 1 96  ? 1.730   -0.393  9.132   1.00 9.04  ? 107 TRP A CB    1 
ATOM   784  C  CG    . TRP A 1 96  ? 3.190   -0.504  8.906   1.00 10.22 ? 107 TRP A CG    1 
ATOM   785  C  CD1   . TRP A 1 96  ? 3.912   -1.645  8.765   1.00 10.33 ? 107 TRP A CD1   1 
ATOM   786  C  CD2   . TRP A 1 96  ? 4.115   0.577   8.872   1.00 11.66 ? 107 TRP A CD2   1 
ATOM   787  N  NE1   . TRP A 1 96  ? 5.243   -1.348  8.650   1.00 11.16 ? 107 TRP A NE1   1 
ATOM   788  C  CE2   . TRP A 1 96  ? 5.406   0.014   8.709   1.00 10.64 ? 107 TRP A CE2   1 
ATOM   789  C  CE3   . TRP A 1 96  ? 4.007   1.970   8.965   1.00 9.73  ? 107 TRP A CE3   1 
ATOM   790  C  CZ2   . TRP A 1 96  ? 6.565   0.788   8.639   1.00 12.11 ? 107 TRP A CZ2   1 
ATOM   791  C  CZ3   . TRP A 1 96  ? 5.151   2.746   8.893   1.00 10.12 ? 107 TRP A CZ3   1 
ATOM   792  C  CH2   . TRP A 1 96  ? 6.422   2.149   8.732   1.00 11.85 ? 107 TRP A CH2   1 
ATOM   793  N  N     . ILE A 1 97  ? -0.932  -0.592  10.791  1.00 12.51 ? 108 ILE A N     1 
ATOM   794  C  CA    . ILE A 1 97  ? -2.341  -0.272  10.888  1.00 14.82 ? 108 ILE A CA    1 
ATOM   795  C  C     . ILE A 1 97  ? -2.572  0.464   12.201  1.00 15.32 ? 108 ILE A C     1 
ATOM   796  O  O     . ILE A 1 97  ? -3.278  1.468   12.233  1.00 12.62 ? 108 ILE A O     1 
ATOM   797  C  CB    . ILE A 1 97  ? -3.204  -1.538  10.798  1.00 12.03 ? 108 ILE A CB    1 
ATOM   798  C  CG1   . ILE A 1 97  ? -3.156  -2.072  9.359   1.00 17.82 ? 108 ILE A CG1   1 
ATOM   799  C  CG2   . ILE A 1 97  ? -4.633  -1.228  11.204  1.00 17.11 ? 108 ILE A CG2   1 
ATOM   800  C  CD1   . ILE A 1 97  ? -3.834  -3.412  9.148   1.00 11.52 ? 108 ILE A CD1   1 
ATOM   801  N  N     . ASP A 1 98  ? -1.955  -0.022  13.274  1.00 14.25 ? 109 ASP A N     1 
ATOM   802  C  CA    . ASP A 1 98  ? -2.095  0.626   14.572  1.00 17.98 ? 109 ASP A CA    1 
ATOM   803  C  C     . ASP A 1 98  ? -1.706  2.091   14.408  1.00 20.29 ? 109 ASP A C     1 
ATOM   804  O  O     . ASP A 1 98  ? -2.429  2.982   14.840  1.00 19.09 ? 109 ASP A O     1 
ATOM   805  C  CB    . ASP A 1 98  ? -1.191  -0.049  15.613  1.00 20.45 ? 109 ASP A CB    1 
ATOM   806  C  CG    . ASP A 1 98  ? -1.318  0.578   17.000  1.00 26.20 ? 109 ASP A CG    1 
ATOM   807  O  OD1   . ASP A 1 98  ? -2.462  0.834   17.441  1.00 27.89 ? 109 ASP A OD1   1 
ATOM   808  O  OD2   . ASP A 1 98  ? -0.276  0.800   17.657  1.00 22.75 ? 109 ASP A OD2   1 
ATOM   809  N  N     . ASP A 1 99  ? -0.571  2.332   13.757  1.00 21.26 ? 110 ASP A N     1 
ATOM   810  C  CA    . ASP A 1 99  ? -0.091  3.692   13.527  1.00 22.43 ? 110 ASP A CA    1 
ATOM   811  C  C     . ASP A 1 99  ? -1.107  4.594   12.817  1.00 24.86 ? 110 ASP A C     1 
ATOM   812  O  O     . ASP A 1 99  ? -1.359  5.723   13.251  1.00 24.51 ? 110 ASP A O     1 
ATOM   813  C  CB    . ASP A 1 99  ? 1.198   3.667   12.703  1.00 23.81 ? 110 ASP A CB    1 
ATOM   814  C  CG    . ASP A 1 99  ? 2.381   3.093   13.469  1.00 28.16 ? 110 ASP A CG    1 
ATOM   815  O  OD1   . ASP A 1 99  ? 2.222   2.739   14.658  1.00 29.21 ? 110 ASP A OD1   1 
ATOM   816  O  OD2   . ASP A 1 99  ? 3.478   3.000   12.875  0.50 28.72 ? 110 ASP A OD2   1 
ATOM   817  N  N     . VAL A 1 100 ? -1.679  4.110   11.720  1.00 23.71 ? 111 VAL A N     1 
ATOM   818  C  CA    . VAL A 1 100 ? -2.645  4.906   10.971  1.00 24.93 ? 111 VAL A CA    1 
ATOM   819  C  C     . VAL A 1 100 ? -3.813  5.389   11.830  1.00 27.26 ? 111 VAL A C     1 
ATOM   820  O  O     . VAL A 1 100 ? -4.043  6.590   11.947  1.00 26.82 ? 111 VAL A O     1 
ATOM   821  C  CB    . VAL A 1 100 ? -3.208  4.116   9.758   1.00 23.40 ? 111 VAL A CB    1 
ATOM   822  C  CG1   . VAL A 1 100 ? -4.256  4.946   9.035   1.00 23.96 ? 111 VAL A CG1   1 
ATOM   823  C  CG2   . VAL A 1 100 ? -2.082  3.755   8.797   1.00 22.58 ? 111 VAL A CG2   1 
ATOM   824  N  N     . ARG A 1 101 ? -4.543  4.453   12.430  1.00 27.55 ? 112 ARG A N     1 
ATOM   825  C  CA    . ARG A 1 101 ? -5.703  4.775   13.263  1.00 29.70 ? 112 ARG A CA    1 
ATOM   826  C  C     . ARG A 1 101 ? -5.383  5.654   14.467  1.00 29.64 ? 112 ARG A C     1 
ATOM   827  O  O     . ARG A 1 101 ? -6.209  6.471   14.892  1.00 30.09 ? 112 ARG A O     1 
ATOM   828  C  CB    . ARG A 1 101 ? -6.341  3.490   13.763  1.00 28.05 ? 112 ARG A CB    1 
ATOM   829  C  CG    . ARG A 1 101 ? -6.902  2.621   12.679  1.00 28.59 ? 112 ARG A CG    1 
ATOM   830  C  CD    . ARG A 1 101 ? -7.325  1.303   13.255  1.00 24.22 ? 112 ARG A CD    1 
ATOM   831  N  NE    . ARG A 1 101 ? -8.022  0.503   12.265  1.00 25.86 ? 112 ARG A NE    1 
ATOM   832  C  CZ    . ARG A 1 101 ? -8.291  -0.788  12.398  1.00 20.82 ? 112 ARG A CZ    1 
ATOM   833  N  NH1   . ARG A 1 101 ? -7.921  -1.446  13.487  1.00 22.17 ? 112 ARG A NH1   1 
ATOM   834  N  NH2   . ARG A 1 101 ? -8.930  -1.415  11.434  1.00 23.91 ? 112 ARG A NH2   1 
ATOM   835  N  N     . THR A 1 102 ? -4.192  5.456   15.012  1.00 29.36 ? 113 THR A N     1 
ATOM   836  C  CA    . THR A 1 102 ? -3.711  6.183   16.182  1.00 35.45 ? 113 THR A CA    1 
ATOM   837  C  C     . THR A 1 102 ? -3.437  7.647   15.850  1.00 38.91 ? 113 THR A C     1 
ATOM   838  O  O     . THR A 1 102 ? -3.757  8.553   16.628  1.00 38.28 ? 113 THR A O     1 
ATOM   839  C  CB    . THR A 1 102 ? -2.410  5.570   16.713  1.00 33.40 ? 113 THR A CB    1 
ATOM   840  O  OG1   . THR A 1 102 ? -2.556  4.149   16.824  1.00 39.57 ? 113 THR A OG1   1 
ATOM   841  C  CG2   . THR A 1 102 ? -2.091  6.140   18.095  1.00 37.58 ? 113 THR A CG2   1 
ATOM   842  N  N     . GLU A 1 103 ? -2.846  7.887   14.693  1.00 43.00 ? 114 GLU A N     1 
ATOM   843  C  CA    . GLU A 1 103 ? -2.559  9.251   14.307  1.00 46.92 ? 114 GLU A CA    1 
ATOM   844  C  C     . GLU A 1 103 ? -3.447  9.546   13.100  1.00 46.77 ? 114 GLU A C     1 
ATOM   845  O  O     . GLU A 1 103 ? -2.951  9.933   12.046  1.00 49.29 ? 114 GLU A O     1 
ATOM   846  C  CB    . GLU A 1 103 ? -1.050  9.393   14.013  1.00 50.49 ? 114 GLU A CB    1 
ATOM   847  C  CG    . GLU A 1 103 ? -0.170  9.022   15.233  1.00 57.08 ? 114 GLU A CG    1 
ATOM   848  C  CD    . GLU A 1 103 ? 1.314   9.282   15.053  1.00 62.00 ? 114 GLU A CD    1 
ATOM   849  O  OE1   . GLU A 1 103 ? 1.701   10.461  14.916  1.00 64.06 ? 114 GLU A OE1   1 
ATOM   850  O  OE2   . GLU A 1 103 ? 2.094   8.303   15.065  1.00 64.53 ? 114 GLU A OE2   1 
ATOM   851  N  N     . ARG A 1 104 ? -4.765  9.349   13.289  1.00 46.64 ? 115 ARG A N     1 
ATOM   852  C  CA    . ARG A 1 104 ? -5.801  9.558   12.263  1.00 46.04 ? 115 ARG A CA    1 
ATOM   853  C  C     . ARG A 1 104 ? -7.257  9.111   12.521  1.00 45.07 ? 115 ARG A C     1 
ATOM   854  O  O     . ARG A 1 104 ? -8.107  9.280   11.641  1.00 44.48 ? 115 ARG A O     1 
ATOM   855  C  CB    . ARG A 1 104 ? -5.373  8.952   10.919  1.00 48.80 ? 115 ARG A CB    1 
ATOM   856  C  CG    . ARG A 1 104 ? -4.724  9.959   10.017  1.00 52.68 ? 115 ARG A CG    1 
ATOM   857  C  CD    . ARG A 1 104 ? -5.337  11.302  10.310  1.00 57.79 ? 115 ARG A CD    1 
ATOM   858  N  NE    . ARG A 1 104 ? -6.445  11.597  9.420   1.00 60.24 ? 115 ARG A NE    1 
ATOM   859  C  CZ    . ARG A 1 104 ? -6.867  12.825  9.150   1.00 62.61 ? 115 ARG A CZ    1 
ATOM   860  N  NH1   . ARG A 1 104 ? -6.287  13.884  9.710   1.00 63.50 ? 115 ARG A NH1   1 
ATOM   861  N  NH2   . ARG A 1 104 ? -7.834  12.997  8.269   1.00 63.72 ? 115 ARG A NH2   1 
ATOM   862  N  N     . GLY A 1 105 ? -7.553  8.479   13.656  1.00 43.83 ? 116 GLY A N     1 
ATOM   863  C  CA    . GLY A 1 105 ? -8.936  8.111   13.941  1.00 43.84 ? 116 GLY A CA    1 
ATOM   864  C  C     . GLY A 1 105 ? -9.476  6.887   13.236  1.00 45.59 ? 116 GLY A C     1 
ATOM   865  O  O     . GLY A 1 105 ? -8.788  5.864   13.184  1.00 48.45 ? 116 GLY A O     1 
ATOM   866  N  N     . SER A 1 106 ? -10.735 6.967   12.785  1.00 46.33 ? 117 SER A N     1 
ATOM   867  C  CA    . SER A 1 106 ? -11.407 5.911   12.002  1.00 46.20 ? 117 SER A CA    1 
ATOM   868  C  C     . SER A 1 106 ? -11.945 6.608   10.760  1.00 46.50 ? 117 SER A C     1 
ATOM   869  O  O     . SER A 1 106 ? -12.669 6.025   9.943   1.00 46.03 ? 117 SER A O     1 
ATOM   870  C  CB    . SER A 1 106 ? -12.586 5.261   12.730  1.00 49.40 ? 117 SER A CB    1 
ATOM   871  O  OG    . SER A 1 106 ? -12.690 5.723   14.054  1.00 54.58 ? 117 SER A OG    1 
ATOM   872  N  N     . ASP A 1 107 ? -11.562 7.873   10.636  1.00 45.50 ? 118 ASP A N     1 
ATOM   873  C  CA    . ASP A 1 107 ? -11.940 8.701   9.516   1.00 45.12 ? 118 ASP A CA    1 
ATOM   874  C  C     . ASP A 1 107 ? -10.859 8.489   8.483   1.00 44.30 ? 118 ASP A C     1 
ATOM   875  O  O     . ASP A 1 107 ? -10.130 9.421   8.137   1.00 45.22 ? 118 ASP A O     1 
ATOM   876  C  CB    . ASP A 1 107 ? -11.933 10.159  9.920   1.00 44.94 ? 118 ASP A CB    1 
ATOM   877  C  CG    . ASP A 1 107 ? -12.184 11.047  8.762   0.70 46.15 ? 118 ASP A CG    1 
ATOM   878  O  OD1   . ASP A 1 107 ? -13.178 10.767  8.064   0.70 45.91 ? 118 ASP A OD1   1 
ATOM   879  O  OD2   . ASP A 1 107 ? -11.405 12.000  8.544   0.70 45.76 ? 118 ASP A OD2   1 
ATOM   880  N  N     . VAL A 1 108 ? -10.737 7.253   8.019   1.00 40.89 ? 119 VAL A N     1 
ATOM   881  C  CA    . VAL A 1 108 ? -9.726  6.911   7.039   1.00 35.88 ? 119 VAL A CA    1 
ATOM   882  C  C     . VAL A 1 108 ? -10.078 5.602   6.365   1.00 33.05 ? 119 VAL A C     1 
ATOM   883  O  O     . VAL A 1 108 ? -10.821 4.789   6.911   1.00 33.21 ? 119 VAL A O     1 
ATOM   884  C  CB    . VAL A 1 108 ? -8.327  6.783   7.702   1.00 36.35 ? 119 VAL A CB    1 
ATOM   885  C  CG1   . VAL A 1 108 ? -8.410  5.928   8.960   1.00 33.03 ? 119 VAL A CG1   1 
ATOM   886  C  CG2   . VAL A 1 108 ? -7.340  6.181   6.718   1.00 35.54 ? 119 VAL A CG2   1 
ATOM   887  N  N     . ILE A 1 109 ? -9.559  5.424   5.157   1.00 27.76 ? 120 ILE A N     1 
ATOM   888  C  CA    . ILE A 1 109 ? -9.781  4.206   4.402   1.00 21.76 ? 120 ILE A CA    1 
ATOM   889  C  C     . ILE A 1 109 ? -8.440  3.483   4.397   1.00 19.92 ? 120 ILE A C     1 
ATOM   890  O  O     . ILE A 1 109 ? -7.404  4.087   4.097   1.00 16.62 ? 120 ILE A O     1 
ATOM   891  C  CB    . ILE A 1 109 ? -10.197 4.499   2.945   1.00 23.19 ? 120 ILE A CB    1 
ATOM   892  C  CG1   . ILE A 1 109 ? -11.486 5.318   2.923   1.00 25.75 ? 120 ILE A CG1   1 
ATOM   893  C  CG2   . ILE A 1 109 ? -10.411 3.189   2.188   1.00 20.39 ? 120 ILE A CG2   1 
ATOM   894  C  CD1   . ILE A 1 109 ? -11.931 5.709   1.532   1.00 29.06 ? 120 ILE A CD1   1 
ATOM   895  N  N     . ILE A 1 110 ? -8.458  2.202   4.748   1.00 12.98 ? 121 ILE A N     1 
ATOM   896  C  CA    . ILE A 1 110 ? -7.237  1.410   4.778   1.00 9.64  ? 121 ILE A CA    1 
ATOM   897  C  C     . ILE A 1 110 ? -7.331  0.205   3.843   1.00 9.92  ? 121 ILE A C     1 
ATOM   898  O  O     . ILE A 1 110 ? -8.298  -0.559  3.888   1.00 6.76  ? 121 ILE A O     1 
ATOM   899  C  CB    . ILE A 1 110 ? -6.940  0.899   6.201   1.00 10.86 ? 121 ILE A CB    1 
ATOM   900  C  CG1   . ILE A 1 110 ? -6.696  2.081   7.142   1.00 14.17 ? 121 ILE A CG1   1 
ATOM   901  C  CG2   . ILE A 1 110 ? -5.713  -0.019  6.188   1.00 5.56  ? 121 ILE A CG2   1 
ATOM   902  C  CD1   . ILE A 1 110 ? -6.679  1.691   8.601   1.00 16.00 ? 121 ILE A CD1   1 
ATOM   903  N  N     . MET A 1 111 ? -6.323  0.045   2.995   1.00 6.93  ? 122 MET A N     1 
ATOM   904  C  CA    . MET A 1 111 ? -6.275  -1.080  2.071   1.00 6.61  ? 122 MET A CA    1 
ATOM   905  C  C     . MET A 1 111 ? -5.051  -1.932  2.395   1.00 5.86  ? 122 MET A C     1 
ATOM   906  O  O     . MET A 1 111 ? -3.918  -1.445  2.338   1.00 6.91  ? 122 MET A O     1 
ATOM   907  C  CB    . MET A 1 111 ? -6.206  -0.582  0.622   1.00 6.28  ? 122 MET A CB    1 
ATOM   908  C  CG    . MET A 1 111 ? -5.817  -1.648  -0.406  1.00 8.43  ? 122 MET A CG    1 
ATOM   909  S  SD    . MET A 1 111 ? -7.008  -2.995  -0.612  1.00 12.15 ? 122 MET A SD    1 
ATOM   910  C  CE    . MET A 1 111 ? -8.032  -2.310  -1.918  1.00 9.57  ? 122 MET A CE    1 
ATOM   911  N  N     . LEU A 1 112 ? -5.284  -3.191  2.767   1.00 4.42  ? 123 LEU A N     1 
ATOM   912  C  CA    . LEU A 1 112 ? -4.191  -4.121  3.081   1.00 6.06  ? 123 LEU A CA    1 
ATOM   913  C  C     . LEU A 1 112 ? -3.803  -4.804  1.769   1.00 6.62  ? 123 LEU A C     1 
ATOM   914  O  O     . LEU A 1 112 ? -4.666  -5.334  1.074   1.00 4.90  ? 123 LEU A O     1 
ATOM   915  C  CB    . LEU A 1 112 ? -4.654  -5.171  4.093   1.00 5.48  ? 123 LEU A CB    1 
ATOM   916  C  CG    . LEU A 1 112 ? -3.665  -6.263  4.506   1.00 3.07  ? 123 LEU A CG    1 
ATOM   917  C  CD1   . LEU A 1 112 ? -2.493  -5.655  5.248   1.00 2.00  ? 123 LEU A CD1   1 
ATOM   918  C  CD2   . LEU A 1 112 ? -4.380  -7.270  5.396   1.00 8.41  ? 123 LEU A CD2   1 
ATOM   919  N  N     . VAL A 1 113 ? -2.513  -4.798  1.438   1.00 7.01  ? 124 VAL A N     1 
ATOM   920  C  CA    . VAL A 1 113 ? -2.051  -5.387  0.182   1.00 6.18  ? 124 VAL A CA    1 
ATOM   921  C  C     . VAL A 1 113 ? -0.981  -6.492  0.270   1.00 8.09  ? 124 VAL A C     1 
ATOM   922  O  O     . VAL A 1 113 ? 0.129   -6.271  0.774   1.00 7.39  ? 124 VAL A O     1 
ATOM   923  C  CB    . VAL A 1 113 ? -1.495  -4.278  -0.754  1.00 8.02  ? 124 VAL A CB    1 
ATOM   924  C  CG1   . VAL A 1 113 ? -1.117  -4.868  -2.097  1.00 7.56  ? 124 VAL A CG1   1 
ATOM   925  C  CG2   . VAL A 1 113 ? -2.520  -3.163  -0.923  1.00 5.30  ? 124 VAL A CG2   1 
ATOM   926  N  N     . GLY A 1 114 ? -1.324  -7.673  -0.241  1.00 5.67  ? 125 GLY A N     1 
ATOM   927  C  CA    . GLY A 1 114 ? -0.384  -8.782  -0.278  1.00 5.56  ? 125 GLY A CA    1 
ATOM   928  C  C     . GLY A 1 114 ? 0.287   -8.760  -1.650  1.00 4.32  ? 125 GLY A C     1 
ATOM   929  O  O     . GLY A 1 114 ? -0.281  -9.228  -2.641  1.00 3.06  ? 125 GLY A O     1 
ATOM   930  N  N     . ASN A 1 115 ? 1.502   -8.218  -1.700  1.00 5.69  ? 126 ASN A N     1 
ATOM   931  C  CA    . ASN A 1 115 ? 2.269   -8.069  -2.942  1.00 2.53  ? 126 ASN A CA    1 
ATOM   932  C  C     . ASN A 1 115 ? 3.210   -9.234  -3.265  1.00 3.75  ? 126 ASN A C     1 
ATOM   933  O  O     . ASN A 1 115 ? 3.486   -10.077 -2.414  1.00 3.22  ? 126 ASN A O     1 
ATOM   934  C  CB    . ASN A 1 115 ? 3.056   -6.743  -2.877  1.00 2.00  ? 126 ASN A CB    1 
ATOM   935  C  CG    . ASN A 1 115 ? 3.775   -6.419  -4.168  1.00 5.51  ? 126 ASN A CG    1 
ATOM   936  O  OD1   . ASN A 1 115 ? 3.188   -6.471  -5.256  1.00 9.89  ? 126 ASN A OD1   1 
ATOM   937  N  ND2   . ASN A 1 115 ? 5.050   -6.067  -4.057  1.00 2.00  ? 126 ASN A ND2   1 
ATOM   938  N  N     . LYS A 1 116 ? 3.694   -9.267  -4.508  1.00 3.86  ? 127 LYS A N     1 
ATOM   939  C  CA    . LYS A 1 116 ? 4.592   -10.318 -4.991  1.00 7.63  ? 127 LYS A CA    1 
ATOM   940  C  C     . LYS A 1 116 ? 3.914   -11.679 -5.230  1.00 7.79  ? 127 LYS A C     1 
ATOM   941  O  O     . LYS A 1 116 ? 4.538   -12.734 -5.056  1.00 2.70  ? 127 LYS A O     1 
ATOM   942  C  CB    . LYS A 1 116 ? 5.776   -10.492 -4.029  1.00 6.52  ? 127 LYS A CB    1 
ATOM   943  C  CG    . LYS A 1 116 ? 6.575   -9.213  -3.784  1.00 11.06 ? 127 LYS A CG    1 
ATOM   944  C  CD    . LYS A 1 116 ? 7.939   -9.500  -3.161  1.00 10.47 ? 127 LYS A CD    1 
ATOM   945  C  CE    . LYS A 1 116 ? 8.725   -8.212  -2.939  1.00 13.78 ? 127 LYS A CE    1 
ATOM   946  N  NZ    . LYS A 1 116 ? 10.077  -8.446  -2.339  1.00 11.26 ? 127 LYS A NZ    1 
ATOM   947  N  N     . THR A 1 117 ? 2.649   -11.657 -5.652  1.00 8.51  ? 128 THR A N     1 
ATOM   948  C  CA    . THR A 1 117 ? 1.912   -12.897 -5.914  1.00 9.58  ? 128 THR A CA    1 
ATOM   949  C  C     . THR A 1 117 ? 2.579   -13.782 -6.973  1.00 12.25 ? 128 THR A C     1 
ATOM   950  O  O     . THR A 1 117 ? 2.309   -14.988 -7.049  1.00 14.96 ? 128 THR A O     1 
ATOM   951  C  CB    . THR A 1 117 ? 0.462   -12.609 -6.370  1.00 10.30 ? 128 THR A CB    1 
ATOM   952  O  OG1   . THR A 1 117 ? 0.474   -11.785 -7.545  1.00 13.60 ? 128 THR A OG1   1 
ATOM   953  C  CG2   . THR A 1 117 ? -0.305  -11.904 -5.272  1.00 9.55  ? 128 THR A CG2   1 
ATOM   954  N  N     . ASP A 1 118 ? 3.454   -13.194 -7.781  1.00 10.00 ? 129 ASP A N     1 
ATOM   955  C  CA    . ASP A 1 118 ? 4.140   -13.951 -8.823  1.00 10.02 ? 129 ASP A CA    1 
ATOM   956  C  C     . ASP A 1 118 ? 5.093   -14.996 -8.244  1.00 11.29 ? 129 ASP A C     1 
ATOM   957  O  O     . ASP A 1 118 ? 5.384   -15.996 -8.894  1.00 11.36 ? 129 ASP A O     1 
ATOM   958  C  CB    . ASP A 1 118 ? 4.915   -13.005 -9.737  1.00 9.11  ? 129 ASP A CB    1 
ATOM   959  C  CG    . ASP A 1 118 ? 5.917   -12.166 -8.980  1.00 9.05  ? 129 ASP A CG    1 
ATOM   960  O  OD1   . ASP A 1 118 ? 5.493   -11.282 -8.203  1.00 6.26  ? 129 ASP A OD1   1 
ATOM   961  O  OD2   . ASP A 1 118 ? 7.130   -12.405 -9.156  1.00 11.61 ? 129 ASP A OD2   1 
ATOM   962  N  N     . LEU A 1 119 ? 5.580   -14.757 -7.028  1.00 11.70 ? 130 LEU A N     1 
ATOM   963  C  CA    . LEU A 1 119 ? 6.493   -15.683 -6.349  1.00 11.64 ? 130 LEU A CA    1 
ATOM   964  C  C     . LEU A 1 119 ? 5.694   -16.745 -5.593  1.00 10.10 ? 130 LEU A C     1 
ATOM   965  O  O     . LEU A 1 119 ? 5.805   -16.873 -4.373  1.00 8.75  ? 130 LEU A O     1 
ATOM   966  C  CB    . LEU A 1 119 ? 7.375   -14.917 -5.356  1.00 13.57 ? 130 LEU A CB    1 
ATOM   967  C  CG    . LEU A 1 119 ? 8.751   -14.368 -5.751  1.00 17.49 ? 130 LEU A CG    1 
ATOM   968  C  CD1   . LEU A 1 119 ? 8.941   -14.318 -7.262  1.00 12.64 ? 130 LEU A CD1   1 
ATOM   969  C  CD2   . LEU A 1 119 ? 8.899   -12.991 -5.120  1.00 16.17 ? 130 LEU A CD2   1 
ATOM   970  N  N     . ALA A 1 120 ? 4.899   -17.510 -6.333  1.00 9.09  ? 131 ALA A N     1 
ATOM   971  C  CA    . ALA A 1 120 ? 4.047   -18.547 -5.755  1.00 9.66  ? 131 ALA A CA    1 
ATOM   972  C  C     . ALA A 1 120 ? 4.756   -19.678 -5.002  1.00 8.95  ? 131 ALA A C     1 
ATOM   973  O  O     . ALA A 1 120 ? 4.274   -20.117 -3.965  1.00 11.47 ? 131 ALA A O     1 
ATOM   974  C  CB    . ALA A 1 120 ? 3.155   -19.139 -6.845  1.00 6.04  ? 131 ALA A CB    1 
ATOM   975  N  N     . ASP A 1 121 ? 5.889   -20.152 -5.505  1.00 9.53  ? 132 ASP A N     1 
ATOM   976  C  CA    . ASP A 1 121 ? 6.574   -21.257 -4.839  1.00 12.70 ? 132 ASP A CA    1 
ATOM   977  C  C     . ASP A 1 121 ? 7.236   -20.862 -3.521  1.00 11.68 ? 132 ASP A C     1 
ATOM   978  O  O     . ASP A 1 121 ? 7.754   -21.713 -2.805  1.00 12.89 ? 132 ASP A O     1 
ATOM   979  C  CB    . ASP A 1 121 ? 7.600   -21.911 -5.785  1.00 10.85 ? 132 ASP A CB    1 
ATOM   980  C  CG    . ASP A 1 121 ? 7.658   -23.435 -5.615  1.00 14.53 ? 132 ASP A CG    1 
ATOM   981  O  OD1   . ASP A 1 121 ? 6.587   -24.082 -5.679  1.00 12.02 ? 132 ASP A OD1   1 
ATOM   982  O  OD2   . ASP A 1 121 ? 8.766   -23.987 -5.419  1.00 11.11 ? 132 ASP A OD2   1 
ATOM   983  N  N     . LYS A 1 122 ? 7.201   -19.573 -3.200  1.00 10.53 ? 133 LYS A N     1 
ATOM   984  C  CA    . LYS A 1 122 ? 7.771   -19.074 -1.951  1.00 12.00 ? 133 LYS A CA    1 
ATOM   985  C  C     . LYS A 1 122 ? 6.700   -18.459 -1.039  1.00 13.26 ? 133 LYS A C     1 
ATOM   986  O  O     . LYS A 1 122 ? 7.019   -17.905 0.011   1.00 13.12 ? 133 LYS A O     1 
ATOM   987  C  CB    . LYS A 1 122 ? 8.859   -18.032 -2.242  1.00 12.92 ? 133 LYS A CB    1 
ATOM   988  C  CG    . LYS A 1 122 ? 10.258  -18.605 -2.378  1.00 16.74 ? 133 LYS A CG    1 
ATOM   989  C  CD    . LYS A 1 122 ? 10.739  -19.200 -1.056  1.00 20.17 ? 133 LYS A CD    1 
ATOM   990  C  CE    . LYS A 1 122 ? 12.178  -19.666 -1.153  1.00 24.86 ? 133 LYS A CE    1 
ATOM   991  N  NZ    . LYS A 1 122 ? 12.368  -20.788 -2.111  1.00 27.51 ? 133 LYS A NZ    1 
ATOM   992  N  N     . ARG A 1 123 ? 5.432   -18.560 -1.436  1.00 11.28 ? 134 ARG A N     1 
ATOM   993  C  CA    . ARG A 1 123 ? 4.341   -17.998 -0.637  1.00 8.85  ? 134 ARG A CA    1 
ATOM   994  C  C     . ARG A 1 123 ? 4.373   -18.537 0.798   1.00 10.52 ? 134 ARG A C     1 
ATOM   995  O  O     . ARG A 1 123 ? 4.551   -19.736 1.019   1.00 10.26 ? 134 ARG A O     1 
ATOM   996  C  CB    . ARG A 1 123 ? 2.991   -18.318 -1.298  1.00 5.70  ? 134 ARG A CB    1 
ATOM   997  C  CG    . ARG A 1 123 ? 1.761   -17.899 -0.499  1.00 8.95  ? 134 ARG A CG    1 
ATOM   998  C  CD    . ARG A 1 123 ? 0.452   -18.320 -1.195  1.00 3.39  ? 134 ARG A CD    1 
ATOM   999  N  NE    . ARG A 1 123 ? 0.138   -17.492 -2.358  1.00 6.57  ? 134 ARG A NE    1 
ATOM   1000 C  CZ    . ARG A 1 123 ? -0.578  -16.372 -2.322  1.00 9.09  ? 134 ARG A CZ    1 
ATOM   1001 N  NH1   . ARG A 1 123 ? -1.067  -15.924 -1.169  1.00 2.00  ? 134 ARG A NH1   1 
ATOM   1002 N  NH2   . ARG A 1 123 ? -0.821  -15.706 -3.449  1.00 5.23  ? 134 ARG A NH2   1 
ATOM   1003 N  N     . GLN A 1 124 ? 4.208   -17.636 1.760   1.00 8.46  ? 135 GLN A N     1 
ATOM   1004 C  CA    . GLN A 1 124 ? 4.206   -17.975 3.182   1.00 11.56 ? 135 GLN A CA    1 
ATOM   1005 C  C     . GLN A 1 124 ? 2.851   -17.636 3.801   1.00 12.54 ? 135 GLN A C     1 
ATOM   1006 O  O     . GLN A 1 124 ? 2.485   -18.161 4.848   1.00 14.89 ? 135 GLN A O     1 
ATOM   1007 C  CB    . GLN A 1 124 ? 5.297   -17.182 3.914   1.00 13.99 ? 135 GLN A CB    1 
ATOM   1008 C  CG    . GLN A 1 124 ? 6.579   -17.948 4.188   1.00 20.19 ? 135 GLN A CG    1 
ATOM   1009 C  CD    . GLN A 1 124 ? 6.396   -19.008 5.258   1.00 22.26 ? 135 GLN A CD    1 
ATOM   1010 O  OE1   . GLN A 1 124 ? 5.550   -19.892 5.133   0.50 25.46 ? 135 GLN A OE1   1 
ATOM   1011 N  NE2   . GLN A 1 124 ? 7.186   -18.919 6.321   1.00 25.09 ? 135 GLN A NE2   1 
ATOM   1012 N  N     . ILE A 1 125 ? 2.118   -16.744 3.143   1.00 11.43 ? 136 ILE A N     1 
ATOM   1013 C  CA    . ILE A 1 125 ? 0.810   -16.308 3.619   1.00 11.18 ? 136 ILE A CA    1 
ATOM   1014 C  C     . ILE A 1 125 ? -0.239  -16.560 2.536   1.00 9.65  ? 136 ILE A C     1 
ATOM   1015 O  O     . ILE A 1 125 ? -0.150  -15.990 1.444   1.00 8.28  ? 136 ILE A O     1 
ATOM   1016 C  CB    . ILE A 1 125 ? 0.836   -14.801 3.931   1.00 13.69 ? 136 ILE A CB    1 
ATOM   1017 C  CG1   . ILE A 1 125 ? 2.026   -14.484 4.841   1.00 13.34 ? 136 ILE A CG1   1 
ATOM   1018 C  CG2   . ILE A 1 125 ? -0.484  -14.377 4.566   1.00 18.11 ? 136 ILE A CG2   1 
ATOM   1019 C  CD1   . ILE A 1 125 ? 2.927   -13.378 4.310   1.00 11.39 ? 136 ILE A CD1   1 
ATOM   1020 N  N     . THR A 1 126 ? -1.223  -17.404 2.835   1.00 6.53  ? 137 THR A N     1 
ATOM   1021 C  CA    . THR A 1 126 ? -2.277  -17.710 1.870   1.00 8.86  ? 137 THR A CA    1 
ATOM   1022 C  C     . THR A 1 126 ? -3.158  -16.493 1.616   1.00 11.16 ? 137 THR A C     1 
ATOM   1023 O  O     . THR A 1 126 ? -3.142  -15.533 2.380   1.00 13.91 ? 137 THR A O     1 
ATOM   1024 C  CB    . THR A 1 126 ? -3.211  -18.845 2.354   1.00 11.56 ? 137 THR A CB    1 
ATOM   1025 O  OG1   . THR A 1 126 ? -3.842  -18.463 3.587   1.00 10.58 ? 137 THR A OG1   1 
ATOM   1026 C  CG2   . THR A 1 126 ? -2.438  -20.133 2.545   1.00 14.06 ? 137 THR A CG2   1 
ATOM   1027 N  N     . ILE A 1 127 ? -3.943  -16.536 0.547   1.00 14.01 ? 138 ILE A N     1 
ATOM   1028 C  CA    . ILE A 1 127 ? -4.819  -15.419 0.252   1.00 13.85 ? 138 ILE A CA    1 
ATOM   1029 C  C     . ILE A 1 127 ? -5.951  -15.360 1.292   1.00 13.39 ? 138 ILE A C     1 
ATOM   1030 O  O     . ILE A 1 127 ? -6.388  -14.273 1.680   1.00 9.88  ? 138 ILE A O     1 
ATOM   1031 C  CB    . ILE A 1 127 ? -5.374  -15.511 -1.189  1.00 11.81 ? 138 ILE A CB    1 
ATOM   1032 C  CG1   . ILE A 1 127 ? -6.073  -14.201 -1.544  1.00 12.25 ? 138 ILE A CG1   1 
ATOM   1033 C  CG2   . ILE A 1 127 ? -6.309  -16.698 -1.333  1.00 11.72 ? 138 ILE A CG2   1 
ATOM   1034 C  CD1   . ILE A 1 127 ? -6.258  -14.001 -3.034  1.00 10.33 ? 138 ILE A CD1   1 
ATOM   1035 N  N     . GLU A 1 128 ? -6.395  -16.523 1.766   1.00 10.39 ? 139 GLU A N     1 
ATOM   1036 C  CA    . GLU A 1 128 ? -7.454  -16.576 2.776   1.00 10.95 ? 139 GLU A CA    1 
ATOM   1037 C  C     . GLU A 1 128 ? -7.015  -15.903 4.080   1.00 9.31  ? 139 GLU A C     1 
ATOM   1038 O  O     . GLU A 1 128 ? -7.793  -15.185 4.704   1.00 5.68  ? 139 GLU A O     1 
ATOM   1039 C  CB    . GLU A 1 128 ? -7.848  -18.024 3.090   1.00 12.64 ? 139 GLU A CB    1 
ATOM   1040 C  CG    . GLU A 1 128 ? -8.572  -18.778 1.969   1.00 16.57 ? 139 GLU A CG    1 
ATOM   1041 C  CD    . GLU A 1 128 ? -7.654  -19.176 0.831   0.50 12.39 ? 139 GLU A CD    1 
ATOM   1042 O  OE1   . GLU A 1 128 ? -6.436  -19.312 1.069   0.50 9.66  ? 139 GLU A OE1   1 
ATOM   1043 O  OE2   . GLU A 1 128 ? -8.154  -19.371 -0.296  0.50 12.53 ? 139 GLU A OE2   1 
ATOM   1044 N  N     . GLU A 1 129 ? -5.772  -16.151 4.493   1.00 11.04 ? 140 GLU A N     1 
ATOM   1045 C  CA    . GLU A 1 129 ? -5.236  -15.570 5.724   1.00 10.21 ? 140 GLU A CA    1 
ATOM   1046 C  C     . GLU A 1 129 ? -5.163  -14.048 5.617   1.00 7.79  ? 140 GLU A C     1 
ATOM   1047 O  O     . GLU A 1 129 ? -5.364  -13.341 6.598   1.00 6.59  ? 140 GLU A O     1 
ATOM   1048 C  CB    . GLU A 1 129 ? -3.859  -16.174 6.042   1.00 12.51 ? 140 GLU A CB    1 
ATOM   1049 C  CG    . GLU A 1 129 ? -3.942  -17.674 6.342   1.00 18.16 ? 140 GLU A CG    1 
ATOM   1050 C  CD    . GLU A 1 129 ? -2.588  -18.370 6.438   1.00 18.58 ? 140 GLU A CD    1 
ATOM   1051 O  OE1   . GLU A 1 129 ? -1.678  -18.062 5.640   1.00 15.29 ? 140 GLU A OE1   1 
ATOM   1052 O  OE2   . GLU A 1 129 ? -2.448  -19.259 7.304   0.50 17.99 ? 140 GLU A OE2   1 
ATOM   1053 N  N     . GLY A 1 130 ? -4.884  -13.545 4.421   1.00 10.99 ? 141 GLY A N     1 
ATOM   1054 C  CA    . GLY A 1 130 ? -4.844  -12.106 4.231   1.00 11.08 ? 141 GLY A CA    1 
ATOM   1055 C  C     . GLY A 1 130 ? -6.257  -11.530 4.297   1.00 10.85 ? 141 GLY A C     1 
ATOM   1056 O  O     . GLY A 1 130 ? -6.506  -10.542 4.998   1.00 12.75 ? 141 GLY A O     1 
ATOM   1057 N  N     . GLU A 1 131 ? -7.185  -12.159 3.577   1.00 7.44  ? 142 GLU A N     1 
ATOM   1058 C  CA    . GLU A 1 131 ? -8.583  -11.722 3.536   1.00 10.23 ? 142 GLU A CA    1 
ATOM   1059 C  C     . GLU A 1 131 ? -9.204  -11.775 4.929   1.00 11.67 ? 142 GLU A C     1 
ATOM   1060 O  O     . GLU A 1 131 ? -9.968  -10.887 5.324   1.00 11.05 ? 142 GLU A O     1 
ATOM   1061 C  CB    . GLU A 1 131 ? -9.400  -12.621 2.593   1.00 8.22  ? 142 GLU A CB    1 
ATOM   1062 C  CG    . GLU A 1 131 ? -8.766  -12.844 1.227   1.00 10.47 ? 142 GLU A CG    1 
ATOM   1063 C  CD    . GLU A 1 131 ? -9.629  -13.667 0.286   1.00 12.22 ? 142 GLU A CD    1 
ATOM   1064 O  OE1   . GLU A 1 131 ? -10.143 -14.723 0.709   1.00 12.95 ? 142 GLU A OE1   1 
ATOM   1065 O  OE2   . GLU A 1 131 ? -9.783  -13.266 -0.887  1.00 12.66 ? 142 GLU A OE2   1 
ATOM   1066 N  N     . GLN A 1 132 ? -8.868  -12.826 5.668   1.00 10.99 ? 143 GLN A N     1 
ATOM   1067 C  CA    . GLN A 1 132 ? -9.394  -13.017 7.011   1.00 10.07 ? 143 GLN A CA    1 
ATOM   1068 C  C     . GLN A 1 132 ? -8.881  -11.927 7.944   1.00 9.62  ? 143 GLN A C     1 
ATOM   1069 O  O     . GLN A 1 132 ? -9.645  -11.383 8.741   1.00 11.69 ? 143 GLN A O     1 
ATOM   1070 C  CB    . GLN A 1 132 ? -8.995  -14.399 7.528   1.00 11.95 ? 143 GLN A CB    1 
ATOM   1071 C  CG    . GLN A 1 132 ? -9.970  -14.994 8.525   1.00 15.45 ? 143 GLN A CG    1 
ATOM   1072 C  CD    . GLN A 1 132 ? -11.378 -15.097 7.972   0.50 12.85 ? 143 GLN A CD    1 
ATOM   1073 O  OE1   . GLN A 1 132 ? -11.601 -15.684 6.915   0.50 16.77 ? 143 GLN A OE1   1 
ATOM   1074 N  NE2   . GLN A 1 132 ? -12.338 -14.528 8.691   0.50 10.68 ? 143 GLN A NE2   1 
ATOM   1075 N  N     . ARG A 1 133 ? -7.593  -11.603 7.839   1.00 8.95  ? 144 ARG A N     1 
ATOM   1076 C  CA    . ARG A 1 133 ? -6.991  -10.555 8.669   1.00 10.92 ? 144 ARG A CA    1 
ATOM   1077 C  C     . ARG A 1 133 ? -7.581  -9.172  8.348   1.00 10.08 ? 144 ARG A C     1 
ATOM   1078 O  O     . ARG A 1 133 ? -7.790  -8.358  9.246   1.00 10.50 ? 144 ARG A O     1 
ATOM   1079 C  CB    . ARG A 1 133 ? -5.469  -10.511 8.460   1.00 12.20 ? 144 ARG A CB    1 
ATOM   1080 C  CG    . ARG A 1 133 ? -4.748  -9.377  9.206   1.00 9.84  ? 144 ARG A CG    1 
ATOM   1081 C  CD    . ARG A 1 133 ? -4.895  -9.515  10.717  1.00 9.09  ? 144 ARG A CD    1 
ATOM   1082 N  NE    . ARG A 1 133 ? -4.376  -10.794 11.190  1.00 5.34  ? 144 ARG A NE    1 
ATOM   1083 C  CZ    . ARG A 1 133 ? -3.086  -11.063 11.359  1.00 8.85  ? 144 ARG A CZ    1 
ATOM   1084 N  NH1   . ARG A 1 133 ? -2.172  -10.138 11.107  1.00 9.53  ? 144 ARG A NH1   1 
ATOM   1085 N  NH2   . ARG A 1 133 ? -2.707  -12.270 11.755  1.00 14.28 ? 144 ARG A NH2   1 
ATOM   1086 N  N     . ALA A 1 134 ? -7.838  -8.910  7.069   1.00 8.21  ? 145 ALA A N     1 
ATOM   1087 C  CA    . ALA A 1 134 ? -8.403  -7.629  6.655   1.00 8.15  ? 145 ALA A CA    1 
ATOM   1088 C  C     . ALA A 1 134 ? -9.826  -7.486  7.191   1.00 8.83  ? 145 ALA A C     1 
ATOM   1089 O  O     . ALA A 1 134 ? -10.217 -6.417  7.663   1.00 4.96  ? 145 ALA A O     1 
ATOM   1090 C  CB    . ALA A 1 134 ? -8.399  -7.520  5.136   1.00 13.75 ? 145 ALA A CB    1 
ATOM   1091 N  N     . LYS A 1 135 ? -10.600 -8.564  7.136   1.00 10.03 ? 146 LYS A N     1 
ATOM   1092 C  CA    . LYS A 1 135 ? -11.956 -8.499  7.651   1.00 13.85 ? 146 LYS A CA    1 
ATOM   1093 C  C     . LYS A 1 135 ? -11.995 -8.331  9.171   1.00 13.86 ? 146 LYS A C     1 
ATOM   1094 O  O     . LYS A 1 135 ? -12.863 -7.637  9.700   1.00 14.52 ? 146 LYS A O     1 
ATOM   1095 C  CB    . LYS A 1 135 ? -12.765 -9.739  7.264   1.00 15.34 ? 146 LYS A CB    1 
ATOM   1096 C  CG    . LYS A 1 135 ? -14.216 -9.635  7.749   1.00 21.96 ? 146 LYS A CG    1 
ATOM   1097 C  CD    . LYS A 1 135 ? -15.154 -10.618 7.076   1.00 26.94 ? 146 LYS A CD    1 
ATOM   1098 C  CE    . LYS A 1 135 ? -14.872 -12.044 7.489   1.00 28.16 ? 146 LYS A CE    1 
ATOM   1099 N  NZ    . LYS A 1 135 ? -15.936 -12.957 6.979   1.00 35.08 ? 146 LYS A NZ    1 
ATOM   1100 N  N     . GLU A 1 136 ? -11.060 -8.959  9.877   1.00 13.01 ? 147 GLU A N     1 
ATOM   1101 C  CA    . GLU A 1 136 ? -11.036 -8.864  11.334  1.00 13.37 ? 147 GLU A CA    1 
ATOM   1102 C  C     . GLU A 1 136 ? -10.691 -7.453  11.792  1.00 12.84 ? 147 GLU A C     1 
ATOM   1103 O  O     . GLU A 1 136 ? -11.181 -6.990  12.822  1.00 11.17 ? 147 GLU A O     1 
ATOM   1104 C  CB    . GLU A 1 136 ? -10.032 -9.860  11.916  1.00 12.70 ? 147 GLU A CB    1 
ATOM   1105 C  CG    . GLU A 1 136 ? -10.358 -11.309 11.581  1.00 16.86 ? 147 GLU A CG    1 
ATOM   1106 C  CD    . GLU A 1 136 ? -9.298  -12.271 12.059  1.00 17.30 ? 147 GLU A CD    1 
ATOM   1107 O  OE1   . GLU A 1 136 ? -8.103  -11.964 11.888  1.00 23.00 ? 147 GLU A OE1   1 
ATOM   1108 O  OE2   . GLU A 1 136 ? -9.656  -13.339 12.594  1.00 23.02 ? 147 GLU A OE2   1 
ATOM   1109 N  N     . LEU A 1 137 ? -9.847  -6.774  11.023  1.00 9.63  ? 148 LEU A N     1 
ATOM   1110 C  CA    . LEU A 1 137 ? -9.450  -5.421  11.365  1.00 9.38  ? 148 LEU A CA    1 
ATOM   1111 C  C     . LEU A 1 137 ? -10.302 -4.382  10.637  1.00 10.70 ? 148 LEU A C     1 
ATOM   1112 O  O     . LEU A 1 137 ? -10.027 -3.195  10.706  1.00 5.78  ? 148 LEU A O     1 
ATOM   1113 C  CB    . LEU A 1 137 ? -7.964  -5.215  11.051  1.00 7.94  ? 148 LEU A CB    1 
ATOM   1114 C  CG    . LEU A 1 137 ? -6.986  -5.916  12.004  1.00 10.09 ? 148 LEU A CG    1 
ATOM   1115 C  CD1   . LEU A 1 137 ? -5.554  -5.741  11.529  1.00 8.74  ? 148 LEU A CD1   1 
ATOM   1116 C  CD2   . LEU A 1 137 ? -7.152  -5.322  13.406  1.00 12.27 ? 148 LEU A CD2   1 
ATOM   1117 N  N     . SER A 1 138 ? -11.336 -4.838  9.938   1.00 11.66 ? 149 SER A N     1 
ATOM   1118 C  CA    . SER A 1 138 ? -12.232 -3.945  9.212   1.00 13.74 ? 149 SER A CA    1 
ATOM   1119 C  C     . SER A 1 138 ? -11.568 -3.051  8.152   1.00 15.88 ? 149 SER A C     1 
ATOM   1120 O  O     . SER A 1 138 ? -11.933 -1.885  8.003   1.00 18.22 ? 149 SER A O     1 
ATOM   1121 C  CB    . SER A 1 138 ? -13.001 -3.070  10.209  1.00 17.25 ? 149 SER A CB    1 
ATOM   1122 O  OG    . SER A 1 138 ? -13.676 -3.869  11.171  1.00 18.60 ? 149 SER A OG    1 
ATOM   1123 N  N     . VAL A 1 139 ? -10.595 -3.584  7.420   1.00 13.91 ? 150 VAL A N     1 
ATOM   1124 C  CA    . VAL A 1 139 ? -9.946  -2.815  6.361   1.00 12.62 ? 150 VAL A CA    1 
ATOM   1125 C  C     . VAL A 1 139 ? -10.132 -3.574  5.049   1.00 12.94 ? 150 VAL A C     1 
ATOM   1126 O  O     . VAL A 1 139 ? -10.583 -4.721  5.056   1.00 8.96  ? 150 VAL A O     1 
ATOM   1127 C  CB    . VAL A 1 139 ? -8.423  -2.616  6.611   1.00 11.06 ? 150 VAL A CB    1 
ATOM   1128 C  CG1   . VAL A 1 139 ? -8.193  -1.891  7.929   1.00 5.30  ? 150 VAL A CG1   1 
ATOM   1129 C  CG2   . VAL A 1 139 ? -7.706  -3.963  6.588   1.00 11.39 ? 150 VAL A CG2   1 
ATOM   1130 N  N     . MET A 1 140 ? -9.785  -2.935  3.933   1.00 12.00 ? 151 MET A N     1 
ATOM   1131 C  CA    . MET A 1 140 ? -9.908  -3.552  2.614   1.00 11.75 ? 151 MET A CA    1 
ATOM   1132 C  C     . MET A 1 140 ? -8.719  -4.469  2.320   1.00 11.43 ? 151 MET A C     1 
ATOM   1133 O  O     . MET A 1 140 ? -7.671  -4.359  2.959   1.00 10.15 ? 151 MET A O     1 
ATOM   1134 C  CB    . MET A 1 140 ? -9.990  -2.475  1.530   1.00 12.97 ? 151 MET A CB    1 
ATOM   1135 C  CG    . MET A 1 140 ? -11.218 -1.590  1.632   1.00 15.40 ? 151 MET A CG    1 
ATOM   1136 S  SD    . MET A 1 140 ? -11.363 -0.447  0.253   1.00 27.82 ? 151 MET A SD    1 
ATOM   1137 C  CE    . MET A 1 140 ? -12.287 -1.452  -0.898  1.00 18.29 ? 151 MET A CE    1 
ATOM   1138 N  N     . PHE A 1 141 ? -8.877  -5.360  1.344   1.00 5.71  ? 152 PHE A N     1 
ATOM   1139 C  CA    . PHE A 1 141 ? -7.803  -6.285  0.991   1.00 7.51  ? 152 PHE A CA    1 
ATOM   1140 C  C     . PHE A 1 141 ? -7.719  -6.595  -0.494  1.00 7.61  ? 152 PHE A C     1 
ATOM   1141 O  O     . PHE A 1 141 ? -8.734  -6.651  -1.191  1.00 4.30  ? 152 PHE A O     1 
ATOM   1142 C  CB    . PHE A 1 141 ? -7.964  -7.613  1.739   1.00 9.73  ? 152 PHE A CB    1 
ATOM   1143 C  CG    . PHE A 1 141 ? -6.892  -8.625  1.416   1.00 11.07 ? 152 PHE A CG    1 
ATOM   1144 C  CD1   . PHE A 1 141 ? -5.659  -8.579  2.057   1.00 10.07 ? 152 PHE A CD1   1 
ATOM   1145 C  CD2   . PHE A 1 141 ? -7.105  -9.603  0.446   1.00 11.64 ? 152 PHE A CD2   1 
ATOM   1146 C  CE1   . PHE A 1 141 ? -4.651  -9.485  1.739   1.00 10.46 ? 152 PHE A CE1   1 
ATOM   1147 C  CE2   . PHE A 1 141 ? -6.102  -10.516 0.118   1.00 12.70 ? 152 PHE A CE2   1 
ATOM   1148 C  CZ    . PHE A 1 141 ? -4.870  -10.456 0.768   1.00 10.03 ? 152 PHE A CZ    1 
ATOM   1149 N  N     . ILE A 1 142 ? -6.489  -6.796  -0.959  1.00 8.73  ? 153 ILE A N     1 
ATOM   1150 C  CA    . ILE A 1 142 ? -6.217  -7.157  -2.344  1.00 11.81 ? 153 ILE A CA    1 
ATOM   1151 C  C     . ILE A 1 142 ? -4.775  -7.670  -2.466  1.00 11.11 ? 153 ILE A C     1 
ATOM   1152 O  O     . ILE A 1 142 ? -3.883  -7.219  -1.744  1.00 14.05 ? 153 ILE A O     1 
ATOM   1153 C  CB    . ILE A 1 142 ? -6.415  -5.955  -3.301  1.00 11.67 ? 153 ILE A CB    1 
ATOM   1154 C  CG1   . ILE A 1 142 ? -6.395  -6.449  -4.749  1.00 9.46  ? 153 ILE A CG1   1 
ATOM   1155 C  CG2   . ILE A 1 142 ? -5.325  -4.914  -3.073  1.00 6.75  ? 153 ILE A CG2   1 
ATOM   1156 C  CD1   . ILE A 1 142 ? -6.708  -5.388  -5.775  1.00 9.39  ? 153 ILE A CD1   1 
ATOM   1157 N  N     . GLU A 1 143 ? -4.557  -8.643  -3.342  1.00 9.76  ? 154 GLU A N     1 
ATOM   1158 C  CA    . GLU A 1 143 ? -3.214  -9.164  -3.555  1.00 11.71 ? 154 GLU A CA    1 
ATOM   1159 C  C     . GLU A 1 143 ? -2.741  -8.616  -4.890  1.00 11.36 ? 154 GLU A C     1 
ATOM   1160 O  O     . GLU A 1 143 ? -3.527  -8.466  -5.828  1.00 8.08  ? 154 GLU A O     1 
ATOM   1161 C  CB    . GLU A 1 143 ? -3.194  -10.696 -3.583  1.00 15.24 ? 154 GLU A CB    1 
ATOM   1162 C  CG    . GLU A 1 143 ? -3.230  -11.362 -2.210  1.00 12.92 ? 154 GLU A CG    1 
ATOM   1163 C  CD    . GLU A 1 143 ? -2.707  -12.796 -2.245  1.00 13.72 ? 154 GLU A CD    1 
ATOM   1164 O  OE1   . GLU A 1 143 ? -2.822  -13.449 -3.300  1.00 16.22 ? 154 GLU A OE1   1 
ATOM   1165 O  OE2   . GLU A 1 143 ? -2.190  -13.280 -1.214  1.00 14.89 ? 154 GLU A OE2   1 
ATOM   1166 N  N     . THR A 1 144 ? -1.452  -8.315  -4.977  1.00 9.42  ? 155 THR A N     1 
ATOM   1167 C  CA    . THR A 1 144 ? -0.908  -7.748  -6.201  1.00 6.97  ? 155 THR A CA    1 
ATOM   1168 C  C     . THR A 1 144 ? 0.438   -8.329  -6.588  1.00 6.27  ? 155 THR A C     1 
ATOM   1169 O  O     . THR A 1 144 ? 0.986   -9.211  -5.920  1.00 2.29  ? 155 THR A O     1 
ATOM   1170 C  CB    . THR A 1 144 ? -0.697  -6.217  -6.050  1.00 5.84  ? 155 THR A CB    1 
ATOM   1171 O  OG1   . THR A 1 144 ? 0.257   -5.980  -5.005  1.00 2.00  ? 155 THR A OG1   1 
ATOM   1172 C  CG2   . THR A 1 144 ? -2.012  -5.507  -5.698  1.00 2.00  ? 155 THR A CG2   1 
ATOM   1173 N  N     . SER A 1 145 ? 0.950   -7.798  -7.690  1.00 5.05  ? 156 SER A N     1 
ATOM   1174 C  CA    . SER A 1 145 ? 2.255   -8.133  -8.210  1.00 4.59  ? 156 SER A CA    1 
ATOM   1175 C  C     . SER A 1 145 ? 2.705   -6.947  -9.057  1.00 6.32  ? 156 SER A C     1 
ATOM   1176 O  O     . SER A 1 145 ? 2.148   -6.686  -10.120 1.00 3.48  ? 156 SER A O     1 
ATOM   1177 C  CB    . SER A 1 145 ? 2.220   -9.387  -9.067  1.00 6.49  ? 156 SER A CB    1 
ATOM   1178 O  OG    . SER A 1 145 ? 3.508   -9.616  -9.606  1.00 5.42  ? 156 SER A OG    1 
ATOM   1179 N  N     . ALA A 1 146 ? 3.696   -6.215  -8.569  1.00 7.80  ? 157 ALA A N     1 
ATOM   1180 C  CA    . ALA A 1 146 ? 4.210   -5.066  -9.302  1.00 12.30 ? 157 ALA A CA    1 
ATOM   1181 C  C     . ALA A 1 146 ? 5.029   -5.560  -10.487 1.00 14.09 ? 157 ALA A C     1 
ATOM   1182 O  O     . ALA A 1 146 ? 5.149   -4.876  -11.504 1.00 15.85 ? 157 ALA A O     1 
ATOM   1183 C  CB    . ALA A 1 146 ? 5.076   -4.211  -8.390  1.00 12.30 ? 157 ALA A CB    1 
ATOM   1184 N  N     . LYS A 1 147 ? 5.578   -6.763  -10.350 1.00 12.12 ? 158 LYS A N     1 
ATOM   1185 C  CA    . LYS A 1 147 ? 6.398   -7.354  -11.396 1.00 11.57 ? 158 LYS A CA    1 
ATOM   1186 C  C     . LYS A 1 147 ? 5.600   -7.748  -12.636 1.00 12.59 ? 158 LYS A C     1 
ATOM   1187 O  O     . LYS A 1 147 ? 6.021   -7.475  -13.762 1.00 12.16 ? 158 LYS A O     1 
ATOM   1188 C  CB    . LYS A 1 147 ? 7.129   -8.586  -10.853 1.00 12.85 ? 158 LYS A CB    1 
ATOM   1189 C  CG    . LYS A 1 147 ? 8.096   -9.203  -11.845 1.00 10.93 ? 158 LYS A CG    1 
ATOM   1190 C  CD    . LYS A 1 147 ? 8.726   -10.456 -11.284 1.00 18.89 ? 158 LYS A CD    1 
ATOM   1191 C  CE    . LYS A 1 147 ? 9.702   -11.063 -12.270 1.00 18.94 ? 158 LYS A CE    1 
ATOM   1192 N  NZ    . LYS A 1 147 ? 10.323  -12.279 -11.694 1.00 24.08 ? 158 LYS A NZ    1 
ATOM   1193 N  N     . THR A 1 148 ? 4.459   -8.404  -12.428 1.00 9.43  ? 159 THR A N     1 
ATOM   1194 C  CA    . THR A 1 148 ? 3.607   -8.838  -13.531 1.00 10.26 ? 159 THR A CA    1 
ATOM   1195 C  C     . THR A 1 148 ? 2.533   -7.808  -13.859 1.00 8.87  ? 159 THR A C     1 
ATOM   1196 O  O     . THR A 1 148 ? 1.976   -7.821  -14.956 1.00 8.80  ? 159 THR A O     1 
ATOM   1197 C  CB    . THR A 1 148 ? 2.877   -10.154 -13.203 1.00 10.70 ? 159 THR A CB    1 
ATOM   1198 O  OG1   . THR A 1 148 ? 2.103   -9.980  -12.007 1.00 11.61 ? 159 THR A OG1   1 
ATOM   1199 C  CG2   . THR A 1 148 ? 3.866   -11.287 -13.009 1.00 10.37 ? 159 THR A CG2   1 
ATOM   1200 N  N     . GLY A 1 149 ? 2.240   -6.936  -12.898 1.00 5.52  ? 160 GLY A N     1 
ATOM   1201 C  CA    . GLY A 1 149 ? 1.210   -5.924  -13.088 1.00 5.47  ? 160 GLY A CA    1 
ATOM   1202 C  C     . GLY A 1 149 ? -0.134  -6.386  -12.537 1.00 4.38  ? 160 GLY A C     1 
ATOM   1203 O  O     . GLY A 1 149 ? -1.109  -5.640  -12.545 1.00 5.50  ? 160 GLY A O     1 
ATOM   1204 N  N     . TYR A 1 150 ? -0.177  -7.619  -12.044 1.00 4.00  ? 161 TYR A N     1 
ATOM   1205 C  CA    . TYR A 1 150 ? -1.395  -8.220  -11.494 1.00 6.25  ? 161 TYR A CA    1 
ATOM   1206 C  C     . TYR A 1 150 ? -2.132  -7.390  -10.438 1.00 6.55  ? 161 TYR A C     1 
ATOM   1207 O  O     . TYR A 1 150 ? -1.576  -7.064  -9.389  1.00 9.82  ? 161 TYR A O     1 
ATOM   1208 C  CB    . TYR A 1 150 ? -1.059  -9.599  -10.914 1.00 9.93  ? 161 TYR A CB    1 
ATOM   1209 C  CG    . TYR A 1 150 ? -2.250  -10.360 -10.366 1.00 13.21 ? 161 TYR A CG    1 
ATOM   1210 C  CD1   . TYR A 1 150 ? -2.476  -10.450 -8.992  1.00 13.13 ? 161 TYR A CD1   1 
ATOM   1211 C  CD2   . TYR A 1 150 ? -3.153  -10.983 -11.225 1.00 13.85 ? 161 TYR A CD2   1 
ATOM   1212 C  CE1   . TYR A 1 150 ? -3.572  -11.144 -8.485  1.00 14.65 ? 161 TYR A CE1   1 
ATOM   1213 C  CE2   . TYR A 1 150 ? -4.256  -11.678 -10.730 1.00 18.62 ? 161 TYR A CE2   1 
ATOM   1214 C  CZ    . TYR A 1 150 ? -4.459  -11.753 -9.363  1.00 16.83 ? 161 TYR A CZ    1 
ATOM   1215 O  OH    . TYR A 1 150 ? -5.551  -12.428 -8.888  1.00 14.05 ? 161 TYR A OH    1 
ATOM   1216 N  N     . ASN A 1 151 ? -3.393  -7.069  -10.726 1.00 7.18  ? 162 ASN A N     1 
ATOM   1217 C  CA    . ASN A 1 151 ? -4.258  -6.282  -9.844  1.00 6.24  ? 162 ASN A CA    1 
ATOM   1218 C  C     . ASN A 1 151 ? -3.753  -4.896  -9.452  1.00 5.76  ? 162 ASN A C     1 
ATOM   1219 O  O     . ASN A 1 151 ? -4.344  -4.254  -8.590  1.00 6.44  ? 162 ASN A O     1 
ATOM   1220 C  CB    . ASN A 1 151 ? -4.571  -7.046  -8.551  1.00 4.33  ? 162 ASN A CB    1 
ATOM   1221 C  CG    . ASN A 1 151 ? -5.716  -8.025  -8.704  1.00 6.13  ? 162 ASN A CG    1 
ATOM   1222 O  OD1   . ASN A 1 151 ? -6.583  -7.857  -9.555  1.00 13.52 ? 162 ASN A OD1   1 
ATOM   1223 N  ND2   . ASN A 1 151 ? -5.740  -9.045  -7.857  1.00 6.51  ? 162 ASN A ND2   1 
ATOM   1224 N  N     . VAL A 1 152 ? -2.682  -4.413  -10.068 1.00 6.96  ? 163 VAL A N     1 
ATOM   1225 C  CA    . VAL A 1 152 ? -2.194  -3.093  -9.681  1.00 7.92  ? 163 VAL A CA    1 
ATOM   1226 C  C     . VAL A 1 152 ? -3.215  -1.986  -9.948  1.00 8.67  ? 163 VAL A C     1 
ATOM   1227 O  O     . VAL A 1 152 ? -3.401  -1.104  -9.116  1.00 7.45  ? 163 VAL A O     1 
ATOM   1228 C  CB    . VAL A 1 152 ? -0.863  -2.769  -10.367 1.00 6.31  ? 163 VAL A CB    1 
ATOM   1229 C  CG1   . VAL A 1 152 ? -0.442  -1.325  -10.053 1.00 4.05  ? 163 VAL A CG1   1 
ATOM   1230 C  CG2   . VAL A 1 152 ? 0.201   -3.744  -9.870  1.00 8.23  ? 163 VAL A CG2   1 
ATOM   1231 N  N     . LYS A 1 153 ? -3.891  -2.041  -11.090 1.00 9.84  ? 164 LYS A N     1 
ATOM   1232 C  CA    . LYS A 1 153 ? -4.893  -1.031  -11.413 1.00 14.47 ? 164 LYS A CA    1 
ATOM   1233 C  C     . LYS A 1 153 ? -6.143  -1.182  -10.544 1.00 15.24 ? 164 LYS A C     1 
ATOM   1234 O  O     . LYS A 1 153 ? -6.773  -0.186  -10.179 1.00 16.63 ? 164 LYS A O     1 
ATOM   1235 C  CB    . LYS A 1 153 ? -5.285  -1.117  -12.891 1.00 15.67 ? 164 LYS A CB    1 
ATOM   1236 C  CG    . LYS A 1 153 ? -6.214  0.010   -13.340 1.00 22.94 ? 164 LYS A CG    1 
ATOM   1237 C  CD    . LYS A 1 153 ? -6.279  0.114   -14.858 1.00 26.83 ? 164 LYS A CD    1 
ATOM   1238 C  CE    . LYS A 1 153 ? -6.963  1.403   -15.300 0.50 24.56 ? 164 LYS A CE    1 
ATOM   1239 N  NZ    . LYS A 1 153 ? -6.889  1.582   -16.777 0.50 22.43 ? 164 LYS A NZ    1 
ATOM   1240 N  N     . GLN A 1 154 ? -6.496  -2.424  -10.217 1.00 12.52 ? 165 GLN A N     1 
ATOM   1241 C  CA    . GLN A 1 154 ? -7.673  -2.696  -9.396  1.00 14.24 ? 165 GLN A CA    1 
ATOM   1242 C  C     . GLN A 1 154 ? -7.478  -2.134  -7.982  1.00 10.36 ? 165 GLN A C     1 
ATOM   1243 O  O     . GLN A 1 154 ? -8.434  -1.720  -7.330  1.00 11.35 ? 165 GLN A O     1 
ATOM   1244 C  CB    . GLN A 1 154 ? -7.927  -4.198  -9.357  1.00 11.48 ? 165 GLN A CB    1 
ATOM   1245 C  CG    . GLN A 1 154 ? -9.024  -4.629  -8.396  1.00 20.99 ? 165 GLN A CG    1 
ATOM   1246 C  CD    . GLN A 1 154 ? -10.414 -4.560  -9.005  1.00 22.83 ? 165 GLN A CD    1 
ATOM   1247 O  OE1   . GLN A 1 154 ? -11.377 -5.040  -8.422  1.00 22.85 ? 165 GLN A OE1   1 
ATOM   1248 N  NE2   . GLN A 1 154 ? -10.519 -3.964  -10.185 1.00 28.47 ? 165 GLN A NE2   1 
ATOM   1249 N  N     . LEU A 1 155 ? -6.232  -2.116  -7.517  1.00 12.37 ? 166 LEU A N     1 
ATOM   1250 C  CA    . LEU A 1 155 ? -5.909  -1.577  -6.194  1.00 11.42 ? 166 LEU A CA    1 
ATOM   1251 C  C     . LEU A 1 155 ? -6.298  -0.094  -6.134  1.00 9.31  ? 166 LEU A C     1 
ATOM   1252 O  O     . LEU A 1 155 ? -7.056  0.319   -5.269  1.00 8.37  ? 166 LEU A O     1 
ATOM   1253 C  CB    . LEU A 1 155 ? -4.403  -1.736  -5.909  1.00 10.40 ? 166 LEU A CB    1 
ATOM   1254 C  CG    . LEU A 1 155 ? -3.799  -0.901  -4.770  1.00 11.41 ? 166 LEU A CG    1 
ATOM   1255 C  CD1   . LEU A 1 155 ? -4.529  -1.193  -3.485  1.00 15.05 ? 166 LEU A CD1   1 
ATOM   1256 C  CD2   . LEU A 1 155 ? -2.314  -1.205  -4.612  1.00 12.91 ? 166 LEU A CD2   1 
ATOM   1257 N  N     . PHE A 1 156 ? -5.777  0.700   -7.060  1.00 9.14  ? 167 PHE A N     1 
ATOM   1258 C  CA    . PHE A 1 156 ? -6.077  2.121   -7.091  1.00 12.25 ? 167 PHE A CA    1 
ATOM   1259 C  C     . PHE A 1 156 ? -7.535  2.439   -7.398  1.00 11.42 ? 167 PHE A C     1 
ATOM   1260 O  O     . PHE A 1 156 ? -8.111  3.333   -6.782  1.00 11.54 ? 167 PHE A O     1 
ATOM   1261 C  CB    . PHE A 1 156 ? -5.158  2.809   -8.092  1.00 11.83 ? 167 PHE A CB    1 
ATOM   1262 C  CG    . PHE A 1 156 ? -3.720  2.786   -7.683  1.00 14.59 ? 167 PHE A CG    1 
ATOM   1263 C  CD1   . PHE A 1 156 ? -3.216  3.757   -6.825  1.00 9.62  ? 167 PHE A CD1   1 
ATOM   1264 C  CD2   . PHE A 1 156 ? -2.883  1.758   -8.102  1.00 13.67 ? 167 PHE A CD2   1 
ATOM   1265 C  CE1   . PHE A 1 156 ? -1.904  3.699   -6.387  1.00 15.36 ? 167 PHE A CE1   1 
ATOM   1266 C  CE2   . PHE A 1 156 ? -1.566  1.690   -7.668  1.00 14.58 ? 167 PHE A CE2   1 
ATOM   1267 C  CZ    . PHE A 1 156 ? -1.075  2.661   -6.809  1.00 16.04 ? 167 PHE A CZ    1 
ATOM   1268 N  N     . ARG A 1 157 ? -8.135  1.704   -8.328  1.00 10.75 ? 168 ARG A N     1 
ATOM   1269 C  CA    . ARG A 1 157 ? -9.530  1.954   -8.673  1.00 15.25 ? 168 ARG A CA    1 
ATOM   1270 C  C     . ARG A 1 157 ? -10.392 1.724   -7.449  1.00 15.10 ? 168 ARG A C     1 
ATOM   1271 O  O     . ARG A 1 157 ? -11.252 2.537   -7.131  1.00 18.05 ? 168 ARG A O     1 
ATOM   1272 C  CB    . ARG A 1 157 ? -9.982  1.050   -9.824  1.00 15.53 ? 168 ARG A CB    1 
ATOM   1273 C  CG    . ARG A 1 157 ? -11.484 0.999   -10.051 0.50 16.08 ? 168 ARG A CG    1 
ATOM   1274 C  CD    . ARG A 1 157 ? -12.087 -0.086  -9.195  0.50 19.10 ? 168 ARG A CD    1 
ATOM   1275 N  NE    . ARG A 1 157 ? -13.537 -0.122  -9.272  0.50 19.98 ? 168 ARG A NE    1 
ATOM   1276 C  CZ    . ARG A 1 157 ? -14.311 -0.311  -8.212  0.50 22.63 ? 168 ARG A CZ    1 
ATOM   1277 N  NH1   . ARG A 1 157 ? -15.628 -0.341  -8.342  0.50 23.86 ? 168 ARG A NH1   1 
ATOM   1278 N  NH2   . ARG A 1 157 ? -13.754 -0.475  -7.023  1.00 27.06 ? 168 ARG A NH2   1 
ATOM   1279 N  N     . ARG A 1 158 ? -10.148 0.619   -6.756  1.00 15.93 ? 169 ARG A N     1 
ATOM   1280 C  CA    . ARG A 1 158 ? -10.912 0.304   -5.562  1.00 16.05 ? 169 ARG A CA    1 
ATOM   1281 C  C     . ARG A 1 158 ? -10.735 1.365   -4.472  1.00 16.97 ? 169 ARG A C     1 
ATOM   1282 O  O     . ARG A 1 158 ? -11.727 1.884   -3.969  1.00 17.62 ? 169 ARG A O     1 
ATOM   1283 C  CB    . ARG A 1 158 ? -10.535 -1.089  -5.051  1.00 15.74 ? 169 ARG A CB    1 
ATOM   1284 C  CG    . ARG A 1 158 ? -11.127 -2.225  -5.897  1.00 16.84 ? 169 ARG A CG    1 
ATOM   1285 C  CD    . ARG A 1 158 ? -10.712 -3.584  -5.359  1.00 15.97 ? 169 ARG A CD    1 
ATOM   1286 N  NE    . ARG A 1 158 ? -11.176 -3.777  -3.988  1.00 16.08 ? 169 ARG A NE    1 
ATOM   1287 C  CZ    . ARG A 1 158 ? -10.769 -4.757  -3.186  1.00 15.15 ? 169 ARG A CZ    1 
ATOM   1288 N  NH1   . ARG A 1 158 ? -11.249 -4.844  -1.955  1.00 16.18 ? 169 ARG A NH1   1 
ATOM   1289 N  NH2   . ARG A 1 158 ? -9.885  -5.649  -3.609  1.00 13.77 ? 169 ARG A NH2   1 
ATOM   1290 N  N     . VAL A 1 159 ? -9.499  1.714   -4.112  1.00 13.25 ? 170 VAL A N     1 
ATOM   1291 C  CA    . VAL A 1 159 ? -9.330  2.733   -3.076  1.00 15.21 ? 170 VAL A CA    1 
ATOM   1292 C  C     . VAL A 1 159 ? -9.925  4.076   -3.519  1.00 14.33 ? 170 VAL A C     1 
ATOM   1293 O  O     . VAL A 1 159 ? -10.512 4.793   -2.716  1.00 11.71 ? 170 VAL A O     1 
ATOM   1294 C  CB    . VAL A 1 159 ? -7.837  2.932   -2.671  1.00 13.31 ? 170 VAL A CB    1 
ATOM   1295 C  CG1   . VAL A 1 159 ? -7.252  1.608   -2.188  1.00 11.15 ? 170 VAL A CG1   1 
ATOM   1296 C  CG2   . VAL A 1 159 ? -7.033  3.491   -3.823  1.00 16.11 ? 170 VAL A CG2   1 
ATOM   1297 N  N     . ALA A 1 160 ? -9.779  4.402   -4.801  1.00 14.73 ? 171 ALA A N     1 
ATOM   1298 C  CA    . ALA A 1 160 ? -10.317 5.642   -5.348  1.00 13.40 ? 171 ALA A CA    1 
ATOM   1299 C  C     . ALA A 1 160 ? -11.841 5.595   -5.263  1.00 14.02 ? 171 ALA A C     1 
ATOM   1300 O  O     . ALA A 1 160 ? -12.493 6.588   -4.939  1.00 14.05 ? 171 ALA A O     1 
ATOM   1301 C  CB    . ALA A 1 160 ? -9.877  5.807   -6.797  1.00 12.39 ? 171 ALA A CB    1 
ATOM   1302 N  N     . SER A 1 161 ? -12.406 4.426   -5.548  1.00 12.42 ? 172 SER A N     1 
ATOM   1303 C  CA    . SER A 1 161 ? -13.849 4.245   -5.485  1.00 13.75 ? 172 SER A CA    1 
ATOM   1304 C  C     . SER A 1 161 ? -14.325 4.406   -4.041  1.00 15.34 ? 172 SER A C     1 
ATOM   1305 O  O     . SER A 1 161 ? -15.412 4.929   -3.781  1.00 10.61 ? 172 SER A O     1 
ATOM   1306 C  CB    . SER A 1 161 ? -14.226 2.855   -5.993  1.00 18.08 ? 172 SER A CB    1 
ATOM   1307 O  OG    . SER A 1 161 ? -15.616 2.627   -5.853  1.00 19.58 ? 172 SER A OG    1 
ATOM   1308 N  N     . ALA A 1 162 ? -13.504 3.946   -3.104  1.00 13.71 ? 173 ALA A N     1 
ATOM   1309 C  CA    . ALA A 1 162 ? -13.841 4.032   -1.694  1.00 18.69 ? 173 ALA A CA    1 
ATOM   1310 C  C     . ALA A 1 162 ? -13.902 5.492   -1.263  1.00 20.92 ? 173 ALA A C     1 
ATOM   1311 O  O     . ALA A 1 162 ? -14.683 5.859   -0.392  1.00 22.33 ? 173 ALA A O     1 
ATOM   1312 C  CB    . ALA A 1 162 ? -12.809 3.278   -0.865  1.00 14.91 ? 173 ALA A CB    1 
ATOM   1313 N  N     . LEU A 1 163 ? -13.078 6.323   -1.883  1.00 23.53 ? 174 LEU A N     1 
ATOM   1314 C  CA    . LEU A 1 163 ? -13.046 7.738   -1.554  1.00 27.06 ? 174 LEU A CA    1 
ATOM   1315 C  C     . LEU A 1 163 ? -14.293 8.482   -2.032  1.00 30.22 ? 174 LEU A C     1 
ATOM   1316 O  O     . LEU A 1 163 ? -14.799 9.363   -1.340  1.00 31.55 ? 174 LEU A O     1 
ATOM   1317 C  CB    . LEU A 1 163 ? -11.790 8.377   -2.143  1.00 24.32 ? 174 LEU A CB    1 
ATOM   1318 C  CG    . LEU A 1 163 ? -10.502 8.055   -1.386  1.00 23.51 ? 174 LEU A CG    1 
ATOM   1319 C  CD1   . LEU A 1 163 ? -9.301  8.451   -2.211  1.00 28.44 ? 174 LEU A CD1   1 
ATOM   1320 C  CD2   . LEU A 1 163 ? -10.503 8.786   -0.060  1.00 28.52 ? 174 LEU A CD2   1 
ATOM   1321 N  N     . LEU A 1 164 ? -14.784 8.127   -3.216  1.00 32.72 ? 175 LEU A N     1 
ATOM   1322 C  CA    . LEU A 1 164 ? -15.971 8.769   -3.776  1.00 34.09 ? 175 LEU A CA    1 
ATOM   1323 C  C     . LEU A 1 164 ? -17.244 8.319   -3.078  1.00 34.52 ? 175 LEU A C     1 
ATOM   1324 O  O     . LEU A 1 164 ? -18.254 9.017   -3.100  1.00 35.57 ? 175 LEU A O     1 
ATOM   1325 C  CB    . LEU A 1 164 ? -16.092 8.454   -5.270  1.00 33.17 ? 175 LEU A CB    1 
ATOM   1326 C  CG    . LEU A 1 164 ? -15.245 9.232   -6.279  1.00 33.15 ? 175 LEU A CG    1 
ATOM   1327 C  CD1   . LEU A 1 164 ? -16.153 10.019  -7.200  1.00 35.66 ? 175 LEU A CD1   1 
ATOM   1328 C  CD2   . LEU A 1 164 ? -14.322 10.166  -5.564  1.00 35.62 ? 175 LEU A CD2   1 
ATOM   1329 N  N     . GLU A 1 165 ? -17.184 7.149   -2.458  1.00 35.08 ? 176 GLU A N     1 
ATOM   1330 C  CA    . GLU A 1 165 ? -18.337 6.581   -1.781  1.00 38.69 ? 176 GLU A CA    1 
ATOM   1331 C  C     . GLU A 1 165 ? -18.414 6.986   -0.309  1.00 40.68 ? 176 GLU A C     1 
ATOM   1332 O  O     . GLU A 1 165 ? -18.326 6.085   0.557   1.00 42.77 ? 176 GLU A O     1 
ATOM   1333 C  CB    . GLU A 1 165 ? -18.291 5.053   -1.921  1.00 38.80 ? 176 GLU A CB    1 
ATOM   1334 C  CG    . GLU A 1 165 ? -19.639 4.340   -1.916  1.00 38.76 ? 176 GLU A CG    1 
ATOM   1335 C  CD    . GLU A 1 165 ? -20.831 5.264   -2.136  0.50 39.12 ? 176 GLU A CD    1 
ATOM   1336 O  OE1   . GLU A 1 165 ? -20.765 6.157   -3.009  0.50 38.49 ? 176 GLU A OE1   1 
ATOM   1337 O  OE2   . GLU A 1 165 ? -21.850 5.082   -1.437  0.50 39.16 ? 176 GLU A OE2   1 
HETATM 1338 MG MG    . MG  B 2 .   ? 10.576  2.084   -1.680  1.00 32.13 ? 202 MG  A MG    1 
HETATM 1339 N  N     . NO3 C 3 .   ? 11.833  1.028   1.330   1.00 31.96 ? 203 NO3 A N     1 
HETATM 1340 O  O1    . NO3 C 3 .   ? 12.833  0.359   1.514   1.00 34.12 ? 203 NO3 A O1    1 
HETATM 1341 O  O2    . NO3 C 3 .   ? 10.855  0.888   2.051   1.00 29.70 ? 203 NO3 A O2    1 
HETATM 1342 O  O3    . NO3 C 3 .   ? 11.812  1.829   0.428   1.00 30.76 ? 203 NO3 A O3    1 
HETATM 1343 P  PB    . GDP D 4 .   ? 9.850   -1.057  -0.843  1.00 14.67 ? 201 GDP A PB    1 
HETATM 1344 O  O1B   . GDP D 4 .   ? 11.005  -0.902  0.012   1.00 13.01 ? 201 GDP A O1B   1 
HETATM 1345 O  O2B   . GDP D 4 .   ? 8.654   -1.520  -0.141  1.00 19.31 ? 201 GDP A O2B   1 
HETATM 1346 O  O3B   . GDP D 4 .   ? 9.477   0.182   -1.559  1.00 11.03 ? 201 GDP A O3B   1 
HETATM 1347 O  O3A   . GDP D 4 .   ? 10.242  -2.169  -1.912  1.00 13.38 ? 201 GDP A O3A   1 
HETATM 1348 P  PA    . GDP D 4 .   ? 10.763  -2.055  -3.424  1.00 9.80  ? 201 GDP A PA    1 
HETATM 1349 O  O1A   . GDP D 4 .   ? 12.000  -1.303  -3.424  1.00 11.51 ? 201 GDP A O1A   1 
HETATM 1350 O  O2A   . GDP D 4 .   ? 9.662   -1.450  -4.222  1.00 13.47 ? 201 GDP A O2A   1 
HETATM 1351 O  "O5'" . GDP D 4 .   ? 10.917  -3.589  -3.746  1.00 12.97 ? 201 GDP A "O5'" 1 
HETATM 1352 C  "C5'" . GDP D 4 .   ? 11.921  -4.379  -3.078  1.00 13.79 ? 201 GDP A "C5'" 1 
HETATM 1353 C  "C4'" . GDP D 4 .   ? 12.454  -5.499  -3.970  1.00 9.95  ? 201 GDP A "C4'" 1 
HETATM 1354 O  "O4'" . GDP D 4 .   ? 11.326  -6.385  -4.285  1.00 9.42  ? 201 GDP A "O4'" 1 
HETATM 1355 C  "C3'" . GDP D 4 .   ? 12.995  -5.006  -5.317  1.00 9.70  ? 201 GDP A "C3'" 1 
HETATM 1356 O  "O3'" . GDP D 4 .   ? 14.193  -5.759  -5.543  1.00 11.74 ? 201 GDP A "O3'" 1 
HETATM 1357 C  "C2'" . GDP D 4 .   ? 11.842  -5.275  -6.308  1.00 10.65 ? 201 GDP A "C2'" 1 
HETATM 1358 O  "O2'" . GDP D 4 .   ? 12.313  -5.476  -7.670  1.00 12.05 ? 201 GDP A "O2'" 1 
HETATM 1359 C  "C1'" . GDP D 4 .   ? 11.114  -6.486  -5.719  1.00 11.61 ? 201 GDP A "C1'" 1 
HETATM 1360 N  N9    . GDP D 4 .   ? 9.624   -6.468  -5.992  1.00 10.13 ? 201 GDP A N9    1 
HETATM 1361 C  C8    . GDP D 4 .   ? 8.672   -5.459  -5.802  1.00 8.74  ? 201 GDP A C8    1 
HETATM 1362 N  N7    . GDP D 4 .   ? 7.446   -5.766  -6.142  1.00 8.07  ? 201 GDP A N7    1 
HETATM 1363 C  C5    . GDP D 4 .   ? 7.578   -7.054  -6.590  1.00 5.13  ? 201 GDP A C5    1 
HETATM 1364 C  C6    . GDP D 4 .   ? 6.619   -8.000  -7.099  1.00 2.00  ? 201 GDP A C6    1 
HETATM 1365 O  O6    . GDP D 4 .   ? 5.427   -7.824  -7.268  1.00 5.74  ? 201 GDP A O6    1 
HETATM 1366 N  N1    . GDP D 4 .   ? 7.159   -9.261  -7.459  1.00 2.00  ? 201 GDP A N1    1 
HETATM 1367 C  C2    . GDP D 4 .   ? 8.540   -9.629  -7.322  1.00 3.53  ? 201 GDP A C2    1 
HETATM 1368 N  N2    . GDP D 4 .   ? 8.929   -10.840 -7.684  1.00 4.97  ? 201 GDP A N2    1 
HETATM 1369 N  N3    . GDP D 4 .   ? 9.453   -8.749  -6.844  1.00 3.68  ? 201 GDP A N3    1 
HETATM 1370 C  C4    . GDP D 4 .   ? 8.928   -7.505  -6.484  1.00 8.64  ? 201 GDP A C4    1 
HETATM 1371 O  O     . HOH E 5 .   ? 1.318   -12.288 -10.896 1.00 16.78 ? 204 HOH A O     1 
HETATM 1372 O  O     . HOH E 5 .   ? 4.752   -4.705  5.819   1.00 9.19  ? 205 HOH A O     1 
HETATM 1373 O  O     . HOH E 5 .   ? 10.699  -8.089  6.992   1.00 22.79 ? 206 HOH A O     1 
HETATM 1374 O  O     . HOH E 5 .   ? 8.841   -2.743  14.253  1.00 34.80 ? 207 HOH A O     1 
HETATM 1375 O  O     . HOH E 5 .   ? -2.302  -7.011  10.652  1.00 11.56 ? 208 HOH A O     1 
HETATM 1376 O  O     . HOH E 5 .   ? -9.121  2.292   10.639  1.00 29.31 ? 209 HOH A O     1 
HETATM 1377 O  O     . HOH E 5 .   ? 1.697   -20.694 -3.699  1.00 14.60 ? 210 HOH A O     1 
HETATM 1378 O  O     . HOH E 5 .   ? 7.417   -1.513  -10.572 1.00 16.47 ? 211 HOH A O     1 
HETATM 1379 O  O     . HOH E 5 .   ? 9.981   -7.742  2.800   1.00 35.12 ? 212 HOH A O     1 
HETATM 1380 O  O     . HOH E 5 .   ? 8.118   -7.015  -15.218 1.00 10.03 ? 213 HOH A O     1 
HETATM 1381 O  O     . HOH E 5 .   ? 3.005   16.366  -9.795  1.00 24.56 ? 214 HOH A O     1 
HETATM 1382 O  O     . HOH E 5 .   ? -18.126 13.142  -7.781  1.00 32.12 ? 215 HOH A O     1 
HETATM 1383 O  O     . HOH E 5 .   ? 5.280   -8.511  13.906  1.00 22.29 ? 216 HOH A O     1 
HETATM 1384 O  O     . HOH E 5 .   ? -1.611  -13.777 -8.891  1.00 39.60 ? 217 HOH A O     1 
HETATM 1385 O  O     . HOH E 5 .   ? -2.948  -18.514 -1.080  1.00 21.61 ? 218 HOH A O     1 
HETATM 1386 O  O     . HOH E 5 .   ? -11.587 -5.764  0.475   1.00 9.01  ? 219 HOH A O     1 
HETATM 1387 O  O     . HOH E 5 .   ? -1.742  -13.180 1.444   1.00 2.24  ? 220 HOH A O     1 
HETATM 1388 O  O     . HOH E 5 .   ? 8.897   3.015   -0.192  1.00 21.30 ? 221 HOH A O     1 
HETATM 1389 O  O     . HOH E 5 .   ? -0.548  -0.580  -13.880 1.00 35.71 ? 222 HOH A O     1 
HETATM 1390 O  O     . HOH E 5 .   ? 6.943   11.591  2.285   1.00 48.80 ? 223 HOH A O     1 
HETATM 1391 O  O     . HOH E 5 .   ? -2.881  14.529  -8.842  1.00 39.05 ? 224 HOH A O     1 
HETATM 1392 O  O     . HOH E 5 .   ? -5.918  -12.935 11.262  1.00 19.75 ? 225 HOH A O     1 
HETATM 1393 O  O     . HOH E 5 .   ? -15.586 -7.135  9.207   1.00 25.71 ? 226 HOH A O     1 
HETATM 1394 O  O     . HOH E 5 .   ? 8.686   -14.187 -10.589 1.00 38.57 ? 227 HOH A O     1 
HETATM 1395 O  O     . HOH E 5 .   ? -10.450 -7.088  -6.004  1.00 25.00 ? 228 HOH A O     1 
HETATM 1396 O  O     . HOH E 5 .   ? 12.302  1.099   -3.088  1.00 22.17 ? 229 HOH A O     1 
HETATM 1397 O  O     . HOH E 5 .   ? 10.353  -0.959  -9.929  1.00 25.28 ? 230 HOH A O     1 
HETATM 1398 O  O     . HOH E 5 .   ? 4.045   3.992   -20.180 1.00 24.93 ? 231 HOH A O     1 
HETATM 1399 O  O     . HOH E 5 .   ? -11.109 0.065   9.868   1.00 27.87 ? 232 HOH A O     1 
HETATM 1400 O  O     . HOH E 5 .   ? -4.764  11.608  16.426  1.00 20.28 ? 233 HOH A O     1 
HETATM 1401 O  O     . HOH E 5 .   ? -11.767 10.215  13.485  1.00 24.63 ? 234 HOH A O     1 
HETATM 1402 O  O     . HOH E 5 .   ? 12.971  -22.354 0.299   1.00 69.41 ? 235 HOH A O     1 
HETATM 1403 O  O     . HOH E 5 .   ? -5.004  -20.485 -0.901  1.00 24.27 ? 236 HOH A O     1 
HETATM 1404 O  O     . HOH E 5 .   ? -8.508  -11.746 -2.621  1.00 47.08 ? 237 HOH A O     1 
HETATM 1405 O  O     . HOH E 5 .   ? -4.974  -14.852 9.137   1.00 29.60 ? 238 HOH A O     1 
HETATM 1406 O  O     . HOH E 5 .   ? -2.058  -15.917 9.165   1.00 34.33 ? 239 HOH A O     1 
HETATM 1407 O  O     . HOH E 5 .   ? 11.448  -9.423  -4.432  1.00 17.71 ? 240 HOH A O     1 
HETATM 1408 O  O     . HOH E 5 .   ? 11.238  -2.292  7.761   1.00 26.96 ? 241 HOH A O     1 
HETATM 1409 O  O     . HOH E 5 .   ? 10.455  -2.955  11.702  1.00 27.43 ? 242 HOH A O     1 
HETATM 1410 O  O     . HOH E 5 .   ? 13.540  1.987   -7.810  1.00 44.62 ? 243 HOH A O     1 
HETATM 1411 O  O     . HOH E 5 .   ? 11.242  -14.617 -1.716  1.00 18.88 ? 244 HOH A O     1 
HETATM 1412 O  O     . HOH E 5 .   ? 0.284   -12.074 12.048  1.00 23.88 ? 245 HOH A O     1 
HETATM 1413 O  O     . HOH E 5 .   ? -6.511  7.774   17.299  1.00 31.00 ? 246 HOH A O     1 
HETATM 1414 O  O     . HOH E 5 .   ? 0.864   -15.915 -9.268  1.00 15.85 ? 247 HOH A O     1 
HETATM 1415 O  O     . HOH E 5 .   ? -10.332 -8.919  -1.740  1.00 13.56 ? 248 HOH A O     1 
HETATM 1416 O  O     . HOH E 5 .   ? -11.960 -9.280  0.871   1.00 20.70 ? 249 HOH A O     1 
HETATM 1417 O  O     . HOH E 5 .   ? -3.842  -14.848 12.511  1.00 49.50 ? 250 HOH A O     1 
HETATM 1418 O  O     . HOH E 5 .   ? 11.808  -11.420 -7.005  1.00 42.02 ? 251 HOH A O     1 
HETATM 1419 O  O     . HOH E 5 .   ? 6.207   2.446   5.540   1.00 29.61 ? 252 HOH A O     1 
HETATM 1420 O  O     . HOH E 5 .   ? 16.482  -10.173 -12.572 1.00 61.34 ? 253 HOH A O     1 
HETATM 1421 O  O     . HOH E 5 .   ? 19.348  -5.482  -7.494  1.00 33.50 ? 254 HOH A O     1 
HETATM 1422 O  O     . HOH E 5 .   ? -16.611 2.270   -8.222  1.00 59.44 ? 255 HOH A O     1 
HETATM 1423 O  O     . HOH E 5 .   ? -14.706 2.935   -13.234 1.00 41.91 ? 256 HOH A O     1 
HETATM 1424 O  O     . HOH E 5 .   ? -13.878 0.096   -3.086  1.00 24.59 ? 257 HOH A O     1 
HETATM 1425 O  O     . HOH E 5 .   ? -22.237 4.686   -16.916 1.00 25.11 ? 258 HOH A O     1 
HETATM 1426 O  O     . HOH E 5 .   ? -3.899  17.785  -6.570  1.00 35.40 ? 259 HOH A O     1 
HETATM 1427 O  O     . HOH E 5 .   ? -0.987  16.387  2.575   1.00 47.42 ? 260 HOH A O     1 
HETATM 1428 O  O     . HOH E 5 .   ? -2.149  16.812  9.788   1.00 56.92 ? 261 HOH A O     1 
HETATM 1429 O  O     . HOH E 5 .   ? 11.113  -16.695 -5.281  1.00 40.20 ? 262 HOH A O     1 
HETATM 1430 O  O     . HOH E 5 .   ? 9.185   -21.641 -9.094  1.00 36.65 ? 263 HOH A O     1 
HETATM 1431 O  O     . HOH E 5 .   ? -0.955  -18.641 -4.691  1.00 54.41 ? 264 HOH A O     1 
HETATM 1432 O  O     . HOH E 5 .   ? -16.978 8.321   2.531   1.00 37.96 ? 265 HOH A O     1 
HETATM 1433 O  O     . HOH E 5 .   ? 12.422  -10.160 -11.147 1.00 37.13 ? 266 HOH A O     1 
HETATM 1434 O  O     . HOH E 5 .   ? 12.568  -14.073 -8.993  1.00 29.53 ? 267 HOH A O     1 
HETATM 1435 O  O     . HOH E 5 .   ? -0.098  -3.370  -16.334 1.00 28.77 ? 268 HOH A O     1 
HETATM 1436 O  O     . HOH E 5 .   ? -10.782 -2.251  -12.116 1.00 51.70 ? 269 HOH A O     1 
HETATM 1437 O  O     . HOH E 5 .   ? -0.434  18.412  4.689   1.00 63.49 ? 270 HOH A O     1 
HETATM 1438 O  O     . HOH E 5 .   ? 1.961   -0.050  16.647  1.00 27.35 ? 271 HOH A O     1 
HETATM 1439 O  O     . HOH E 5 .   ? -14.799 3.465   13.632  1.00 67.63 ? 272 HOH A O     1 
HETATM 1440 O  O     . HOH E 5 .   ? -1.806  -19.042 9.783   1.00 44.24 ? 273 HOH A O     1 
HETATM 1441 O  O     . HOH E 5 .   ? -7.874  -16.822 9.907   1.00 28.01 ? 274 HOH A O     1 
HETATM 1442 O  O     . HOH E 5 .   ? -12.284 -4.402  13.463  1.00 32.51 ? 275 HOH A O     1 
HETATM 1443 O  O     . HOH E 5 .   ? -6.974  -10.033 -4.644  1.00 33.02 ? 276 HOH A O     1 
HETATM 1444 O  O     . HOH E 5 .   ? -16.430 1.778   -3.470  1.00 31.72 ? 277 HOH A O     1 
HETATM 1445 O  O     . HOH E 5 .   ? 8.864   15.295  -2.580  1.00 35.62 ? 278 HOH A O     1 
HETATM 1446 O  O     . HOH E 5 .   ? -5.072  10.801  -16.800 1.00 41.05 ? 279 HOH A O     1 
HETATM 1447 O  O     . HOH E 5 .   ? -7.224  5.146   -15.380 1.00 25.46 ? 280 HOH A O     1 
HETATM 1448 O  O     . HOH E 5 .   ? -8.799  10.194  16.970  1.00 36.35 ? 281 HOH A O     1 
HETATM 1449 O  O     . HOH E 5 .   ? -16.564 4.261   1.486   1.00 41.92 ? 282 HOH A O     1 
# 
